data_4UNO
# 
_entry.id   4UNO 
# 
_audit_conform.dict_name       mmcif_pdbx.dic 
_audit_conform.dict_version    5.398 
_audit_conform.dict_location   http://mmcif.pdb.org/dictionaries/ascii/mmcif_pdbx.dic 
# 
loop_
_database_2.database_id 
_database_2.database_code 
_database_2.pdbx_database_accession 
_database_2.pdbx_DOI 
PDB   4UNO         pdb_00004uno 10.2210/pdb4uno/pdb 
PDBE  EBI-60789    ?            ?                   
WWPDB D_1290060789 ?            ?                   
# 
loop_
_pdbx_audit_revision_history.ordinal 
_pdbx_audit_revision_history.data_content_type 
_pdbx_audit_revision_history.major_revision 
_pdbx_audit_revision_history.minor_revision 
_pdbx_audit_revision_history.revision_date 
1 'Structure model' 1 0 2014-06-11 
2 'Structure model' 1 1 2015-04-29 
3 'Structure model' 1 2 2015-06-10 
4 'Structure model' 1 3 2024-01-10 
5 'Structure model' 1 4 2024-11-13 
# 
_pdbx_audit_revision_details.ordinal             1 
_pdbx_audit_revision_details.revision_ordinal    1 
_pdbx_audit_revision_details.data_content_type   'Structure model' 
_pdbx_audit_revision_details.provider            repository 
_pdbx_audit_revision_details.type                'Initial release' 
_pdbx_audit_revision_details.description         ? 
_pdbx_audit_revision_details.details             ? 
# 
loop_
_pdbx_audit_revision_group.ordinal 
_pdbx_audit_revision_group.revision_ordinal 
_pdbx_audit_revision_group.data_content_type 
_pdbx_audit_revision_group.group 
1 2 'Structure model' 'Database references'    
2 3 'Structure model' 'Database references'    
3 4 'Structure model' 'Data collection'        
4 4 'Structure model' 'Database references'    
5 4 'Structure model' 'Derived calculations'   
6 4 'Structure model' Other                    
7 4 'Structure model' 'Refinement description' 
8 5 'Structure model' 'Structure summary'      
# 
loop_
_pdbx_audit_revision_category.ordinal 
_pdbx_audit_revision_category.revision_ordinal 
_pdbx_audit_revision_category.data_content_type 
_pdbx_audit_revision_category.category 
1  4 'Structure model' chem_comp_atom                
2  4 'Structure model' chem_comp_bond                
3  4 'Structure model' database_2                    
4  4 'Structure model' pdbx_database_status          
5  4 'Structure model' pdbx_initial_refinement_model 
6  4 'Structure model' pdbx_struct_conn_angle        
7  4 'Structure model' struct_conn                   
8  4 'Structure model' struct_site                   
9  5 'Structure model' pdbx_entry_details            
10 5 'Structure model' pdbx_modification_feature     
# 
loop_
_pdbx_audit_revision_item.ordinal 
_pdbx_audit_revision_item.revision_ordinal 
_pdbx_audit_revision_item.data_content_type 
_pdbx_audit_revision_item.item 
1  4 'Structure model' '_database_2.pdbx_DOI'                         
2  4 'Structure model' '_database_2.pdbx_database_accession'          
3  4 'Structure model' '_pdbx_database_status.status_code_sf'         
4  4 'Structure model' '_pdbx_struct_conn_angle.ptnr1_auth_comp_id'   
5  4 'Structure model' '_pdbx_struct_conn_angle.ptnr1_auth_seq_id'    
6  4 'Structure model' '_pdbx_struct_conn_angle.ptnr1_label_asym_id'  
7  4 'Structure model' '_pdbx_struct_conn_angle.ptnr1_label_atom_id'  
8  4 'Structure model' '_pdbx_struct_conn_angle.ptnr1_label_comp_id'  
9  4 'Structure model' '_pdbx_struct_conn_angle.ptnr1_label_seq_id'   
10 4 'Structure model' '_pdbx_struct_conn_angle.ptnr3_auth_comp_id'   
11 4 'Structure model' '_pdbx_struct_conn_angle.ptnr3_auth_seq_id'    
12 4 'Structure model' '_pdbx_struct_conn_angle.ptnr3_label_asym_id'  
13 4 'Structure model' '_pdbx_struct_conn_angle.ptnr3_label_atom_id'  
14 4 'Structure model' '_pdbx_struct_conn_angle.ptnr3_label_comp_id'  
15 4 'Structure model' '_pdbx_struct_conn_angle.ptnr3_label_seq_id'   
16 4 'Structure model' '_pdbx_struct_conn_angle.value'                
17 4 'Structure model' '_struct_conn.pdbx_dist_value'                 
18 4 'Structure model' '_struct_conn.ptnr1_auth_comp_id'              
19 4 'Structure model' '_struct_conn.ptnr1_auth_seq_id'               
20 4 'Structure model' '_struct_conn.ptnr1_label_asym_id'             
21 4 'Structure model' '_struct_conn.ptnr1_label_atom_id'             
22 4 'Structure model' '_struct_conn.ptnr1_label_comp_id'             
23 4 'Structure model' '_struct_conn.ptnr1_label_seq_id'              
24 4 'Structure model' '_struct_conn.ptnr2_auth_comp_id'              
25 4 'Structure model' '_struct_conn.ptnr2_auth_seq_id'               
26 4 'Structure model' '_struct_conn.ptnr2_label_asym_id'             
27 4 'Structure model' '_struct_conn.ptnr2_label_atom_id'             
28 4 'Structure model' '_struct_conn.ptnr2_label_comp_id'             
29 4 'Structure model' '_struct_conn.ptnr2_label_seq_id'              
30 4 'Structure model' '_struct_site.pdbx_auth_asym_id'               
31 4 'Structure model' '_struct_site.pdbx_auth_comp_id'               
32 4 'Structure model' '_struct_site.pdbx_auth_seq_id'                
33 5 'Structure model' '_pdbx_entry_details.has_protein_modification' 
# 
_pdbx_database_status.status_code                     REL 
_pdbx_database_status.entry_id                        4UNO 
_pdbx_database_status.deposit_site                    PDBE 
_pdbx_database_status.process_site                    PDBE 
_pdbx_database_status.SG_entry                        . 
_pdbx_database_status.recvd_initial_deposition_date   2014-05-29 
_pdbx_database_status.pdb_format_compatible           Y 
_pdbx_database_status.status_code_sf                  REL 
_pdbx_database_status.status_code_mr                  ? 
_pdbx_database_status.status_code_cs                  ? 
_pdbx_database_status.methods_development_category    ? 
_pdbx_database_status.status_code_nmr_data            ? 
# 
loop_
_audit_author.name 
_audit_author.pdbx_ordinal 
'Newman, J.A.'      1  
'Aitkenhead, H.'    2  
'Cooper, C.D.O.'    3  
'Pinkas, D.M.'      4  
'Shrestha, L.'      5  
'Burgess-Brown, N.' 6  
'Kopec, J.'         7  
'Fitzpatrick, F.'   8  
'Tallant, C.'       9  
'von Delft, F.'     10 
'Arrowsmith, C.H.'  11 
'Bountra, C.'       12 
'Edwards, A.'       13 
'Gileadi, O.'       14 
# 
_citation.id                        primary 
_citation.title                     
;Structures of the Ets Domains of Transcription Factors Etv1, Etv4, Etv5 and Fev: Determinants of DNA Binding and Redox Regulation by Disulfide Bond Formation.
;
_citation.journal_abbrev            J.Biol.Chem. 
_citation.journal_volume            290 
_citation.page_first                13692 
_citation.page_last                 ? 
_citation.year                      2015 
_citation.journal_id_ASTM           JBCHA3 
_citation.country                   US 
_citation.journal_id_ISSN           0021-9258 
_citation.journal_id_CSD            0071 
_citation.book_publisher            ? 
_citation.pdbx_database_id_PubMed   25866208 
_citation.pdbx_database_id_DOI      10.1074/JBC.M115.646737 
# 
loop_
_citation_author.citation_id 
_citation_author.name 
_citation_author.ordinal 
_citation_author.identifier_ORCID 
primary 'Cooper, C.D.O.'  1 ? 
primary 'Newman, J.A.'    2 ? 
primary 'Aitkenhead, H.'  3 ? 
primary 'Allerston, C.K.' 4 ? 
primary 'Gileadi, O.'     5 ? 
# 
loop_
_entity.id 
_entity.type 
_entity.src_method 
_entity.pdbx_description 
_entity.formula_weight 
_entity.pdbx_number_of_molecules 
_entity.pdbx_ec 
_entity.pdbx_mutation 
_entity.pdbx_fragment 
_entity.details 
1 polymer     man 'ETS TRANSLOCATION VARIANT 5'             11803.574 1   ? ? 'ETS DOMAIN, RESIDUES 365-462' ? 
2 polymer     syn "5'-D(*AP*CP*CP*GP*GP*AP*AP*GP*TP*GP)-3'" 3094.042  1   ? ? ?                              ? 
3 polymer     syn "5'-D(*AP*CP*TP*TP*CP*CP*GP*GP*TP*CP)-3'" 2995.967  1   ? ? ?                              ? 
4 non-polymer syn 'CALCIUM ION'                             40.078    2   ? ? ?                              ? 
5 water       nat water                                     18.015    100 ? ? ?                              ? 
# 
_entity_name_com.entity_id   1 
_entity_name_com.name        'ETS-RELATED PROTEIN ERM' 
# 
loop_
_entity_poly.entity_id 
_entity_poly.type 
_entity_poly.nstd_linkage 
_entity_poly.nstd_monomer 
_entity_poly.pdbx_seq_one_letter_code 
_entity_poly.pdbx_seq_one_letter_code_can 
_entity_poly.pdbx_strand_id 
_entity_poly.pdbx_target_identifier 
1 'polypeptide(L)'        no no 
;SMRGSLQLWQFLVTLLDDPANAHFIAWTGRGMEFKLIEPEEVARRWGIQKNRPAMNYDKLSRSLRYYYEKGIMQKVAGER
YVYKFVCDPDALFSMAFPDN
;
;SMRGSLQLWQFLVTLLDDPANAHFIAWTGRGMEFKLIEPEEVARRWGIQKNRPAMNYDKLSRSLRYYYEKGIMQKVAGER
YVYKFVCDPDALFSMAFPDN
;
A ? 
2 polydeoxyribonucleotide no no '(DA)(DC)(DC)(DG)(DG)(DA)(DA)(DG)(DT)(DG)' ACCGGAAGTG B ? 
3 polydeoxyribonucleotide no no '(DA)(DC)(DT)(DT)(DC)(DC)(DG)(DG)(DT)(DC)' ACTTCCGGTC C ? 
# 
loop_
_pdbx_entity_nonpoly.entity_id 
_pdbx_entity_nonpoly.name 
_pdbx_entity_nonpoly.comp_id 
4 'CALCIUM ION' CA  
5 water         HOH 
# 
loop_
_entity_poly_seq.entity_id 
_entity_poly_seq.num 
_entity_poly_seq.mon_id 
_entity_poly_seq.hetero 
1 1   SER n 
1 2   MET n 
1 3   ARG n 
1 4   GLY n 
1 5   SER n 
1 6   LEU n 
1 7   GLN n 
1 8   LEU n 
1 9   TRP n 
1 10  GLN n 
1 11  PHE n 
1 12  LEU n 
1 13  VAL n 
1 14  THR n 
1 15  LEU n 
1 16  LEU n 
1 17  ASP n 
1 18  ASP n 
1 19  PRO n 
1 20  ALA n 
1 21  ASN n 
1 22  ALA n 
1 23  HIS n 
1 24  PHE n 
1 25  ILE n 
1 26  ALA n 
1 27  TRP n 
1 28  THR n 
1 29  GLY n 
1 30  ARG n 
1 31  GLY n 
1 32  MET n 
1 33  GLU n 
1 34  PHE n 
1 35  LYS n 
1 36  LEU n 
1 37  ILE n 
1 38  GLU n 
1 39  PRO n 
1 40  GLU n 
1 41  GLU n 
1 42  VAL n 
1 43  ALA n 
1 44  ARG n 
1 45  ARG n 
1 46  TRP n 
1 47  GLY n 
1 48  ILE n 
1 49  GLN n 
1 50  LYS n 
1 51  ASN n 
1 52  ARG n 
1 53  PRO n 
1 54  ALA n 
1 55  MET n 
1 56  ASN n 
1 57  TYR n 
1 58  ASP n 
1 59  LYS n 
1 60  LEU n 
1 61  SER n 
1 62  ARG n 
1 63  SER n 
1 64  LEU n 
1 65  ARG n 
1 66  TYR n 
1 67  TYR n 
1 68  TYR n 
1 69  GLU n 
1 70  LYS n 
1 71  GLY n 
1 72  ILE n 
1 73  MET n 
1 74  GLN n 
1 75  LYS n 
1 76  VAL n 
1 77  ALA n 
1 78  GLY n 
1 79  GLU n 
1 80  ARG n 
1 81  TYR n 
1 82  VAL n 
1 83  TYR n 
1 84  LYS n 
1 85  PHE n 
1 86  VAL n 
1 87  CYS n 
1 88  ASP n 
1 89  PRO n 
1 90  ASP n 
1 91  ALA n 
1 92  LEU n 
1 93  PHE n 
1 94  SER n 
1 95  MET n 
1 96  ALA n 
1 97  PHE n 
1 98  PRO n 
1 99  ASP n 
1 100 ASN n 
2 1   DA  n 
2 2   DC  n 
2 3   DC  n 
2 4   DG  n 
2 5   DG  n 
2 6   DA  n 
2 7   DA  n 
2 8   DG  n 
2 9   DT  n 
2 10  DG  n 
3 1   DA  n 
3 2   DC  n 
3 3   DT  n 
3 4   DT  n 
3 5   DC  n 
3 6   DC  n 
3 7   DG  n 
3 8   DG  n 
3 9   DT  n 
3 10  DC  n 
# 
_entity_src_gen.entity_id                          1 
_entity_src_gen.pdbx_src_id                        1 
_entity_src_gen.pdbx_alt_source_flag               sample 
_entity_src_gen.pdbx_seq_type                      ? 
_entity_src_gen.pdbx_beg_seq_num                   ? 
_entity_src_gen.pdbx_end_seq_num                   ? 
_entity_src_gen.gene_src_common_name               HUMAN 
_entity_src_gen.gene_src_genus                     ? 
_entity_src_gen.pdbx_gene_src_gene                 ? 
_entity_src_gen.gene_src_species                   ? 
_entity_src_gen.gene_src_strain                    ? 
_entity_src_gen.gene_src_tissue                    ? 
_entity_src_gen.gene_src_tissue_fraction           ? 
_entity_src_gen.gene_src_details                   ? 
_entity_src_gen.pdbx_gene_src_fragment             ? 
_entity_src_gen.pdbx_gene_src_scientific_name      'HOMO SAPIENS' 
_entity_src_gen.pdbx_gene_src_ncbi_taxonomy_id     9606 
_entity_src_gen.pdbx_gene_src_variant              ? 
_entity_src_gen.pdbx_gene_src_cell_line            ? 
_entity_src_gen.pdbx_gene_src_atcc                 ? 
_entity_src_gen.pdbx_gene_src_organ                ? 
_entity_src_gen.pdbx_gene_src_organelle            ? 
_entity_src_gen.pdbx_gene_src_cell                 ? 
_entity_src_gen.pdbx_gene_src_cellular_location    ? 
_entity_src_gen.host_org_common_name               ? 
_entity_src_gen.pdbx_host_org_scientific_name      'ESCHERICHIA COLI' 
_entity_src_gen.pdbx_host_org_ncbi_taxonomy_id     469008 
_entity_src_gen.host_org_genus                     ? 
_entity_src_gen.pdbx_host_org_gene                 ? 
_entity_src_gen.pdbx_host_org_organ                ? 
_entity_src_gen.host_org_species                   ? 
_entity_src_gen.pdbx_host_org_tissue               ? 
_entity_src_gen.pdbx_host_org_tissue_fraction      ? 
_entity_src_gen.pdbx_host_org_strain               'BL21(DE3)' 
_entity_src_gen.pdbx_host_org_variant              ? 
_entity_src_gen.pdbx_host_org_cell_line            ? 
_entity_src_gen.pdbx_host_org_atcc                 ? 
_entity_src_gen.pdbx_host_org_culture_collection   ? 
_entity_src_gen.pdbx_host_org_cell                 ? 
_entity_src_gen.pdbx_host_org_organelle            ? 
_entity_src_gen.pdbx_host_org_cellular_location    ? 
_entity_src_gen.pdbx_host_org_vector_type          ? 
_entity_src_gen.pdbx_host_org_vector               ? 
_entity_src_gen.host_org_details                   ? 
_entity_src_gen.expression_system_id               ? 
_entity_src_gen.plasmid_name                       ? 
_entity_src_gen.plasmid_details                    ? 
_entity_src_gen.pdbx_description                   ? 
# 
loop_
_pdbx_entity_src_syn.entity_id 
_pdbx_entity_src_syn.pdbx_src_id 
_pdbx_entity_src_syn.pdbx_alt_source_flag 
_pdbx_entity_src_syn.pdbx_beg_seq_num 
_pdbx_entity_src_syn.pdbx_end_seq_num 
_pdbx_entity_src_syn.organism_scientific 
_pdbx_entity_src_syn.organism_common_name 
_pdbx_entity_src_syn.ncbi_taxonomy_id 
_pdbx_entity_src_syn.details 
2 1 sample ? ? 'SYNTHETIC CONSTRUCT' ? 32630 ? 
3 1 sample ? ? 'SYNTHETIC CONSTRUCT' ? 32630 ? 
# 
loop_
_chem_comp.id 
_chem_comp.type 
_chem_comp.mon_nstd_flag 
_chem_comp.name 
_chem_comp.pdbx_synonyms 
_chem_comp.formula 
_chem_comp.formula_weight 
ALA 'L-peptide linking' y ALANINE                              ? 'C3 H7 N O2'      89.093  
ARG 'L-peptide linking' y ARGININE                             ? 'C6 H15 N4 O2 1'  175.209 
ASN 'L-peptide linking' y ASPARAGINE                           ? 'C4 H8 N2 O3'     132.118 
ASP 'L-peptide linking' y 'ASPARTIC ACID'                      ? 'C4 H7 N O4'      133.103 
CA  non-polymer         . 'CALCIUM ION'                        ? 'Ca 2'            40.078  
CYS 'L-peptide linking' y CYSTEINE                             ? 'C3 H7 N O2 S'    121.158 
DA  'DNA linking'       y "2'-DEOXYADENOSINE-5'-MONOPHOSPHATE" ? 'C10 H14 N5 O6 P' 331.222 
DC  'DNA linking'       y "2'-DEOXYCYTIDINE-5'-MONOPHOSPHATE"  ? 'C9 H14 N3 O7 P'  307.197 
DG  'DNA linking'       y "2'-DEOXYGUANOSINE-5'-MONOPHOSPHATE" ? 'C10 H14 N5 O7 P' 347.221 
DT  'DNA linking'       y "THYMIDINE-5'-MONOPHOSPHATE"         ? 'C10 H15 N2 O8 P' 322.208 
GLN 'L-peptide linking' y GLUTAMINE                            ? 'C5 H10 N2 O3'    146.144 
GLU 'L-peptide linking' y 'GLUTAMIC ACID'                      ? 'C5 H9 N O4'      147.129 
GLY 'peptide linking'   y GLYCINE                              ? 'C2 H5 N O2'      75.067  
HIS 'L-peptide linking' y HISTIDINE                            ? 'C6 H10 N3 O2 1'  156.162 
HOH non-polymer         . WATER                                ? 'H2 O'            18.015  
ILE 'L-peptide linking' y ISOLEUCINE                           ? 'C6 H13 N O2'     131.173 
LEU 'L-peptide linking' y LEUCINE                              ? 'C6 H13 N O2'     131.173 
LYS 'L-peptide linking' y LYSINE                               ? 'C6 H15 N2 O2 1'  147.195 
MET 'L-peptide linking' y METHIONINE                           ? 'C5 H11 N O2 S'   149.211 
PHE 'L-peptide linking' y PHENYLALANINE                        ? 'C9 H11 N O2'     165.189 
PRO 'L-peptide linking' y PROLINE                              ? 'C5 H9 N O2'      115.130 
SER 'L-peptide linking' y SERINE                               ? 'C3 H7 N O3'      105.093 
THR 'L-peptide linking' y THREONINE                            ? 'C4 H9 N O3'      119.119 
TRP 'L-peptide linking' y TRYPTOPHAN                           ? 'C11 H12 N2 O2'   204.225 
TYR 'L-peptide linking' y TYROSINE                             ? 'C9 H11 N O3'     181.189 
VAL 'L-peptide linking' y VALINE                               ? 'C5 H11 N O2'     117.146 
# 
loop_
_pdbx_poly_seq_scheme.asym_id 
_pdbx_poly_seq_scheme.entity_id 
_pdbx_poly_seq_scheme.seq_id 
_pdbx_poly_seq_scheme.mon_id 
_pdbx_poly_seq_scheme.ndb_seq_num 
_pdbx_poly_seq_scheme.pdb_seq_num 
_pdbx_poly_seq_scheme.auth_seq_num 
_pdbx_poly_seq_scheme.pdb_mon_id 
_pdbx_poly_seq_scheme.auth_mon_id 
_pdbx_poly_seq_scheme.pdb_strand_id 
_pdbx_poly_seq_scheme.pdb_ins_code 
_pdbx_poly_seq_scheme.hetero 
A 1 1   SER 1   363 ?   ?   ?   A . n 
A 1 2   MET 2   364 ?   ?   ?   A . n 
A 1 3   ARG 3   365 ?   ?   ?   A . n 
A 1 4   GLY 4   366 ?   ?   ?   A . n 
A 1 5   SER 5   367 367 SER SER A . n 
A 1 6   LEU 6   368 368 LEU LEU A . n 
A 1 7   GLN 7   369 369 GLN GLN A . n 
A 1 8   LEU 8   370 370 LEU LEU A . n 
A 1 9   TRP 9   371 371 TRP TRP A . n 
A 1 10  GLN 10  372 372 GLN GLN A . n 
A 1 11  PHE 11  373 373 PHE PHE A . n 
A 1 12  LEU 12  374 374 LEU LEU A . n 
A 1 13  VAL 13  375 375 VAL VAL A . n 
A 1 14  THR 14  376 376 THR THR A . n 
A 1 15  LEU 15  377 377 LEU LEU A . n 
A 1 16  LEU 16  378 378 LEU LEU A . n 
A 1 17  ASP 17  379 379 ASP ASP A . n 
A 1 18  ASP 18  380 380 ASP ASP A . n 
A 1 19  PRO 19  381 381 PRO PRO A . n 
A 1 20  ALA 20  382 382 ALA ALA A . n 
A 1 21  ASN 21  383 383 ASN ASN A . n 
A 1 22  ALA 22  384 384 ALA ALA A . n 
A 1 23  HIS 23  385 385 HIS HIS A . n 
A 1 24  PHE 24  386 386 PHE PHE A . n 
A 1 25  ILE 25  387 387 ILE ILE A . n 
A 1 26  ALA 26  388 388 ALA ALA A . n 
A 1 27  TRP 27  389 389 TRP TRP A . n 
A 1 28  THR 28  390 390 THR THR A . n 
A 1 29  GLY 29  391 391 GLY GLY A . n 
A 1 30  ARG 30  392 392 ARG ARG A . n 
A 1 31  GLY 31  393 393 GLY GLY A . n 
A 1 32  MET 32  394 394 MET MET A . n 
A 1 33  GLU 33  395 395 GLU GLU A . n 
A 1 34  PHE 34  396 396 PHE PHE A . n 
A 1 35  LYS 35  397 397 LYS LYS A . n 
A 1 36  LEU 36  398 398 LEU LEU A . n 
A 1 37  ILE 37  399 399 ILE ILE A . n 
A 1 38  GLU 38  400 400 GLU GLU A . n 
A 1 39  PRO 39  401 401 PRO PRO A . n 
A 1 40  GLU 40  402 402 GLU GLU A . n 
A 1 41  GLU 41  403 403 GLU GLU A . n 
A 1 42  VAL 42  404 404 VAL VAL A . n 
A 1 43  ALA 43  405 405 ALA ALA A . n 
A 1 44  ARG 44  406 406 ARG ARG A . n 
A 1 45  ARG 45  407 407 ARG ARG A . n 
A 1 46  TRP 46  408 408 TRP TRP A . n 
A 1 47  GLY 47  409 409 GLY GLY A . n 
A 1 48  ILE 48  410 410 ILE ILE A . n 
A 1 49  GLN 49  411 411 GLN GLN A . n 
A 1 50  LYS 50  412 412 LYS LYS A . n 
A 1 51  ASN 51  413 413 ASN ASN A . n 
A 1 52  ARG 52  414 414 ARG ARG A . n 
A 1 53  PRO 53  415 415 PRO PRO A . n 
A 1 54  ALA 54  416 416 ALA ALA A . n 
A 1 55  MET 55  417 417 MET MET A . n 
A 1 56  ASN 56  418 418 ASN ASN A . n 
A 1 57  TYR 57  419 419 TYR TYR A . n 
A 1 58  ASP 58  420 420 ASP ASP A . n 
A 1 59  LYS 59  421 421 LYS LYS A . n 
A 1 60  LEU 60  422 422 LEU LEU A . n 
A 1 61  SER 61  423 423 SER SER A . n 
A 1 62  ARG 62  424 424 ARG ARG A . n 
A 1 63  SER 63  425 425 SER SER A . n 
A 1 64  LEU 64  426 426 LEU LEU A . n 
A 1 65  ARG 65  427 427 ARG ARG A . n 
A 1 66  TYR 66  428 428 TYR TYR A . n 
A 1 67  TYR 67  429 429 TYR TYR A . n 
A 1 68  TYR 68  430 430 TYR TYR A . n 
A 1 69  GLU 69  431 431 GLU GLU A . n 
A 1 70  LYS 70  432 432 LYS LYS A . n 
A 1 71  GLY 71  433 433 GLY GLY A . n 
A 1 72  ILE 72  434 434 ILE ILE A . n 
A 1 73  MET 73  435 435 MET MET A . n 
A 1 74  GLN 74  436 436 GLN GLN A . n 
A 1 75  LYS 75  437 437 LYS LYS A . n 
A 1 76  VAL 76  438 438 VAL VAL A . n 
A 1 77  ALA 77  439 439 ALA ALA A . n 
A 1 78  GLY 78  440 440 GLY GLY A . n 
A 1 79  GLU 79  441 441 GLU GLU A . n 
A 1 80  ARG 80  442 442 ARG ARG A . n 
A 1 81  TYR 81  443 443 TYR TYR A . n 
A 1 82  VAL 82  444 444 VAL VAL A . n 
A 1 83  TYR 83  445 445 TYR TYR A . n 
A 1 84  LYS 84  446 446 LYS LYS A . n 
A 1 85  PHE 85  447 447 PHE PHE A . n 
A 1 86  VAL 86  448 448 VAL VAL A . n 
A 1 87  CYS 87  449 449 CYS CYS A . n 
A 1 88  ASP 88  450 450 ASP ASP A . n 
A 1 89  PRO 89  451 451 PRO PRO A . n 
A 1 90  ASP 90  452 452 ASP ASP A . n 
A 1 91  ALA 91  453 453 ALA ALA A . n 
A 1 92  LEU 92  454 454 LEU LEU A . n 
A 1 93  PHE 93  455 455 PHE PHE A . n 
A 1 94  SER 94  456 456 SER SER A . n 
A 1 95  MET 95  457 457 MET MET A . n 
A 1 96  ALA 96  458 458 ALA ALA A . n 
A 1 97  PHE 97  459 459 PHE PHE A . n 
A 1 98  PRO 98  460 460 PRO PRO A . n 
A 1 99  ASP 99  461 461 ASP ASP A . n 
A 1 100 ASN 100 462 ?   ?   ?   A . n 
B 2 1   DA  1   1   1   DA  DA  B . n 
B 2 2   DC  2   2   2   DC  DC  B . n 
B 2 3   DC  3   3   3   DC  DC  B . n 
B 2 4   DG  4   4   4   DG  DG  B . n 
B 2 5   DG  5   5   5   DG  DG  B . n 
B 2 6   DA  6   6   6   DA  DA  B . n 
B 2 7   DA  7   7   7   DA  DA  B . n 
B 2 8   DG  8   8   8   DG  DG  B . n 
B 2 9   DT  9   9   9   DT  DT  B . n 
B 2 10  DG  10  10  10  DG  DG  B . n 
C 3 1   DA  1   1   1   DA  DA  C . n 
C 3 2   DC  2   2   2   DC  DC  C . n 
C 3 3   DT  3   3   3   DT  DT  C . n 
C 3 4   DT  4   4   4   DT  DT  C . n 
C 3 5   DC  5   5   5   DC  DC  C . n 
C 3 6   DC  6   6   6   DC  DC  C . n 
C 3 7   DG  7   7   7   DG  DG  C . n 
C 3 8   DG  8   8   8   DG  DG  C . n 
C 3 9   DT  9   9   9   DT  DT  C . n 
C 3 10  DC  10  10  10  DC  DC  C . n 
# 
loop_
_pdbx_nonpoly_scheme.asym_id 
_pdbx_nonpoly_scheme.entity_id 
_pdbx_nonpoly_scheme.mon_id 
_pdbx_nonpoly_scheme.ndb_seq_num 
_pdbx_nonpoly_scheme.pdb_seq_num 
_pdbx_nonpoly_scheme.auth_seq_num 
_pdbx_nonpoly_scheme.pdb_mon_id 
_pdbx_nonpoly_scheme.auth_mon_id 
_pdbx_nonpoly_scheme.pdb_strand_id 
_pdbx_nonpoly_scheme.pdb_ins_code 
D 4 CA  1  1462 1462 CA  CA  A . 
E 4 CA  1  1463 1463 CA  CA  A . 
F 5 HOH 1  2001 2001 HOH HOH A . 
F 5 HOH 2  2002 2002 HOH HOH A . 
F 5 HOH 3  2003 2003 HOH HOH A . 
F 5 HOH 4  2004 2004 HOH HOH A . 
F 5 HOH 5  2005 2005 HOH HOH A . 
F 5 HOH 6  2006 2006 HOH HOH A . 
F 5 HOH 7  2007 2007 HOH HOH A . 
F 5 HOH 8  2008 2008 HOH HOH A . 
F 5 HOH 9  2009 2009 HOH HOH A . 
F 5 HOH 10 2010 2010 HOH HOH A . 
F 5 HOH 11 2011 2011 HOH HOH A . 
F 5 HOH 12 2012 2012 HOH HOH A . 
F 5 HOH 13 2013 2013 HOH HOH A . 
F 5 HOH 14 2014 2014 HOH HOH A . 
F 5 HOH 15 2015 2015 HOH HOH A . 
F 5 HOH 16 2016 2016 HOH HOH A . 
F 5 HOH 17 2017 2017 HOH HOH A . 
F 5 HOH 18 2018 2018 HOH HOH A . 
F 5 HOH 19 2019 2019 HOH HOH A . 
F 5 HOH 20 2020 2020 HOH HOH A . 
F 5 HOH 21 2021 2021 HOH HOH A . 
F 5 HOH 22 2022 2022 HOH HOH A . 
F 5 HOH 23 2023 2023 HOH HOH A . 
F 5 HOH 24 2024 2024 HOH HOH A . 
F 5 HOH 25 2025 2025 HOH HOH A . 
F 5 HOH 26 2026 2026 HOH HOH A . 
F 5 HOH 27 2027 2027 HOH HOH A . 
F 5 HOH 28 2028 2028 HOH HOH A . 
F 5 HOH 29 2029 2029 HOH HOH A . 
F 5 HOH 30 2030 2030 HOH HOH A . 
F 5 HOH 31 2031 2031 HOH HOH A . 
F 5 HOH 32 2032 2032 HOH HOH A . 
F 5 HOH 33 2033 2033 HOH HOH A . 
F 5 HOH 34 2034 2034 HOH HOH A . 
F 5 HOH 35 2035 2035 HOH HOH A . 
F 5 HOH 36 2036 2036 HOH HOH A . 
F 5 HOH 37 2037 2037 HOH HOH A . 
F 5 HOH 38 2038 2038 HOH HOH A . 
F 5 HOH 39 2039 2039 HOH HOH A . 
F 5 HOH 40 2040 2040 HOH HOH A . 
F 5 HOH 41 2041 2041 HOH HOH A . 
F 5 HOH 42 2042 2042 HOH HOH A . 
F 5 HOH 43 2043 2043 HOH HOH A . 
F 5 HOH 44 2044 2044 HOH HOH A . 
F 5 HOH 45 2045 2045 HOH HOH A . 
F 5 HOH 46 2046 2046 HOH HOH A . 
F 5 HOH 47 2047 2047 HOH HOH A . 
F 5 HOH 48 2048 2048 HOH HOH A . 
F 5 HOH 49 2049 2049 HOH HOH A . 
F 5 HOH 50 2050 2050 HOH HOH A . 
F 5 HOH 51 2051 2051 HOH HOH A . 
F 5 HOH 52 2052 2052 HOH HOH A . 
F 5 HOH 53 2053 2053 HOH HOH A . 
F 5 HOH 54 2054 2054 HOH HOH A . 
F 5 HOH 55 2055 2055 HOH HOH A . 
F 5 HOH 56 2056 2056 HOH HOH A . 
F 5 HOH 57 2057 2057 HOH HOH A . 
F 5 HOH 58 2058 2058 HOH HOH A . 
F 5 HOH 59 2059 2059 HOH HOH A . 
F 5 HOH 60 2060 2060 HOH HOH A . 
F 5 HOH 61 2061 2061 HOH HOH A . 
F 5 HOH 62 2062 2062 HOH HOH A . 
F 5 HOH 63 2063 2063 HOH HOH A . 
F 5 HOH 64 2064 2064 HOH HOH A . 
F 5 HOH 65 2065 2065 HOH HOH A . 
F 5 HOH 66 2066 2066 HOH HOH A . 
F 5 HOH 67 2067 2067 HOH HOH A . 
F 5 HOH 68 2068 2068 HOH HOH A . 
F 5 HOH 69 2069 2069 HOH HOH A . 
F 5 HOH 70 2070 2070 HOH HOH A . 
F 5 HOH 71 2071 2071 HOH HOH A . 
F 5 HOH 72 2072 2072 HOH HOH A . 
F 5 HOH 73 2073 2073 HOH HOH A . 
F 5 HOH 74 2074 2074 HOH HOH A . 
F 5 HOH 75 2075 2075 HOH HOH A . 
F 5 HOH 76 2076 2076 HOH HOH A . 
F 5 HOH 77 2077 2077 HOH HOH A . 
G 5 HOH 1  2001 2001 HOH HOH B . 
G 5 HOH 2  2002 2002 HOH HOH B . 
G 5 HOH 3  2003 2003 HOH HOH B . 
G 5 HOH 4  2004 2004 HOH HOH B . 
G 5 HOH 5  2005 2005 HOH HOH B . 
G 5 HOH 6  2006 2006 HOH HOH B . 
G 5 HOH 7  2007 2007 HOH HOH B . 
G 5 HOH 8  2008 2008 HOH HOH B . 
G 5 HOH 9  2009 2009 HOH HOH B . 
G 5 HOH 10 2010 2010 HOH HOH B . 
G 5 HOH 11 2011 2011 HOH HOH B . 
G 5 HOH 12 2012 2012 HOH HOH B . 
G 5 HOH 13 2013 2013 HOH HOH B . 
G 5 HOH 14 2014 2014 HOH HOH B . 
G 5 HOH 15 2015 2015 HOH HOH B . 
G 5 HOH 16 2016 2016 HOH HOH B . 
H 5 HOH 1  2001 2001 HOH HOH C . 
H 5 HOH 2  2002 2002 HOH HOH C . 
H 5 HOH 3  2003 2003 HOH HOH C . 
H 5 HOH 4  2004 2004 HOH HOH C . 
H 5 HOH 5  2005 2005 HOH HOH C . 
H 5 HOH 6  2006 2006 HOH HOH C . 
H 5 HOH 7  2007 2007 HOH HOH C . 
# 
loop_
_software.name 
_software.classification 
_software.version 
_software.citation_id 
_software.pdbx_ordinal 
PHENIX refinement       '(PHENIX.REFINE)' ? 1 
XDS    'data reduction' .                 ? 2 
XDS    'data scaling'   .                 ? 3 
PHASER phasing          .                 ? 4 
# 
_cell.entry_id           4UNO 
_cell.length_a           58.022 
_cell.length_b           58.022 
_cell.length_c           84.711 
_cell.angle_alpha        90.00 
_cell.angle_beta         90.00 
_cell.angle_gamma        120.00 
_cell.Z_PDB              6 
_cell.pdbx_unique_axis   ? 
# 
_symmetry.entry_id                         4UNO 
_symmetry.space_group_name_H-M             'P 32 1 2' 
_symmetry.pdbx_full_space_group_name_H-M   ? 
_symmetry.cell_setting                     ? 
_symmetry.Int_Tables_number                153 
# 
_exptl.entry_id          4UNO 
_exptl.method            'X-RAY DIFFRACTION' 
_exptl.crystals_number   1 
# 
_exptl_crystal.id                    1 
_exptl_crystal.density_meas          ? 
_exptl_crystal.density_Matthews      2.30 
_exptl_crystal.density_percent_sol   46.53 
_exptl_crystal.description           NONE 
# 
_exptl_crystal_grow.crystal_id      1 
_exptl_crystal_grow.method          ? 
_exptl_crystal_grow.temp            ? 
_exptl_crystal_grow.temp_details    ? 
_exptl_crystal_grow.pH              ? 
_exptl_crystal_grow.pdbx_pH_range   ? 
_exptl_crystal_grow.pdbx_details    '40% PEG 300, 0.2M CALCIUM ACETATE, 0.1M CACODYLATE PH 6.0' 
# 
_diffrn.id                     1 
_diffrn.ambient_temp           100 
_diffrn.ambient_temp_details   ? 
_diffrn.crystal_id             1 
# 
_diffrn_detector.diffrn_id              1 
_diffrn_detector.detector               PIXEL 
_diffrn_detector.type                   'DECTRIS PILATUS 6M' 
_diffrn_detector.pdbx_collection_date   2014-04-24 
_diffrn_detector.details                ? 
# 
_diffrn_radiation.diffrn_id                        1 
_diffrn_radiation.wavelength_id                    1 
_diffrn_radiation.pdbx_monochromatic_or_laue_m_l   M 
_diffrn_radiation.monochromator                    ? 
_diffrn_radiation.pdbx_diffrn_protocol             'SINGLE WAVELENGTH' 
_diffrn_radiation.pdbx_scattering_type             x-ray 
# 
_diffrn_radiation_wavelength.id           1 
_diffrn_radiation_wavelength.wavelength   0.97625 
_diffrn_radiation_wavelength.wt           1.0 
# 
_diffrn_source.diffrn_id                   1 
_diffrn_source.source                      SYNCHROTRON 
_diffrn_source.type                        'DIAMOND BEAMLINE I03' 
_diffrn_source.pdbx_synchrotron_site       Diamond 
_diffrn_source.pdbx_synchrotron_beamline   I03 
_diffrn_source.pdbx_wavelength             0.97625 
_diffrn_source.pdbx_wavelength_list        ? 
# 
_reflns.pdbx_diffrn_id               1 
_reflns.pdbx_ordinal                 1 
_reflns.entry_id                     4UNO 
_reflns.observed_criterion_sigma_I   -3.0 
_reflns.observed_criterion_sigma_F   ? 
_reflns.d_resolution_low             19.52 
_reflns.d_resolution_high            1.95 
_reflns.number_obs                   12146 
_reflns.number_all                   ? 
_reflns.percent_possible_obs         99.9 
_reflns.pdbx_Rmerge_I_obs            0.08 
_reflns.pdbx_Rsym_value              ? 
_reflns.pdbx_netI_over_sigmaI        16.40 
_reflns.B_iso_Wilson_estimate        30.5 
_reflns.pdbx_redundancy              9.7 
# 
_reflns_shell.pdbx_diffrn_id         1 
_reflns_shell.pdbx_ordinal           1 
_reflns_shell.d_res_high             1.95 
_reflns_shell.d_res_low              2.00 
_reflns_shell.percent_possible_all   100.0 
_reflns_shell.Rmerge_I_obs           0.90 
_reflns_shell.pdbx_Rsym_value        ? 
_reflns_shell.meanI_over_sigI_obs    2.30 
_reflns_shell.pdbx_redundancy        9.0 
# 
_refine.pdbx_refine_id                           'X-RAY DIFFRACTION' 
_refine.entry_id                                 4UNO 
_refine.pdbx_diffrn_id                           1 
_refine.pdbx_TLS_residual_ADP_flag               ? 
_refine.ls_number_reflns_obs                     12119 
_refine.ls_number_reflns_all                     ? 
_refine.pdbx_ls_sigma_I                          ? 
_refine.pdbx_ls_sigma_F                          1.35 
_refine.pdbx_data_cutoff_high_absF               ? 
_refine.pdbx_data_cutoff_low_absF                ? 
_refine.pdbx_data_cutoff_high_rms_absF           ? 
_refine.ls_d_res_low                             19.515 
_refine.ls_d_res_high                            1.950 
_refine.ls_percent_reflns_obs                    99.98 
_refine.ls_R_factor_obs                          0.1746 
_refine.ls_R_factor_all                          ? 
_refine.ls_R_factor_R_work                       0.1729 
_refine.ls_R_factor_R_free                       0.2031 
_refine.ls_R_factor_R_free_error                 ? 
_refine.ls_R_factor_R_free_error_details         ? 
_refine.ls_percent_reflns_R_free                 4.9 
_refine.ls_number_reflns_R_free                  598 
_refine.ls_number_parameters                     ? 
_refine.ls_number_restraints                     ? 
_refine.occupancy_min                            ? 
_refine.occupancy_max                            ? 
_refine.correlation_coeff_Fo_to_Fc               ? 
_refine.correlation_coeff_Fo_to_Fc_free          ? 
_refine.B_iso_mean                               34.8 
_refine.aniso_B[1][1]                            ? 
_refine.aniso_B[2][2]                            ? 
_refine.aniso_B[3][3]                            ? 
_refine.aniso_B[1][2]                            ? 
_refine.aniso_B[1][3]                            ? 
_refine.aniso_B[2][3]                            ? 
_refine.solvent_model_details                    'FLAT BULK SOLVENT MODEL' 
_refine.solvent_model_param_ksol                 ? 
_refine.solvent_model_param_bsol                 ? 
_refine.pdbx_solvent_vdw_probe_radii             1.11 
_refine.pdbx_solvent_ion_probe_radii             ? 
_refine.pdbx_solvent_shrinkage_radii             0.90 
_refine.pdbx_ls_cross_valid_method               ? 
_refine.details                                  ? 
_refine.pdbx_starting_model                      'PDB ENTRY 4BNC' 
_refine.pdbx_method_to_determine_struct          'MOLECULAR REPLACEMENT' 
_refine.pdbx_isotropic_thermal_model             ? 
_refine.pdbx_stereochemistry_target_values       ML 
_refine.pdbx_stereochem_target_val_spec_case     ? 
_refine.pdbx_R_Free_selection_details            ? 
_refine.pdbx_overall_ESU_R                       ? 
_refine.pdbx_overall_ESU_R_Free                  ? 
_refine.overall_SU_ML                            0.15 
_refine.pdbx_overall_phase_error                 22.50 
_refine.overall_SU_B                             ? 
_refine.overall_SU_R_Cruickshank_DPI             ? 
_refine.pdbx_overall_SU_R_free_Cruickshank_DPI   ? 
_refine.pdbx_overall_SU_R_Blow_DPI               ? 
_refine.pdbx_overall_SU_R_free_Blow_DPI          ? 
# 
_refine_hist.pdbx_refine_id                   'X-RAY DIFFRACTION' 
_refine_hist.cycle_id                         LAST 
_refine_hist.pdbx_number_atoms_protein        793 
_refine_hist.pdbx_number_atoms_nucleic_acid   404 
_refine_hist.pdbx_number_atoms_ligand         2 
_refine_hist.number_atoms_solvent             100 
_refine_hist.number_atoms_total               1299 
_refine_hist.d_res_high                       1.950 
_refine_hist.d_res_low                        19.515 
# 
loop_
_refine_ls_restr.type 
_refine_ls_restr.dev_ideal 
_refine_ls_restr.dev_ideal_target 
_refine_ls_restr.weight 
_refine_ls_restr.number 
_refine_ls_restr.pdbx_refine_id 
_refine_ls_restr.pdbx_restraint_function 
f_bond_d           0.008  ? ? 1287 'X-RAY DIFFRACTION' ? 
f_angle_d          1.126  ? ? 1824 'X-RAY DIFFRACTION' ? 
f_dihedral_angle_d 21.728 ? ? 504  'X-RAY DIFFRACTION' ? 
f_chiral_restr     0.046  ? ? 190  'X-RAY DIFFRACTION' ? 
f_plane_restr      0.006  ? ? 165  'X-RAY DIFFRACTION' ? 
# 
loop_
_refine_ls_shell.pdbx_refine_id 
_refine_ls_shell.pdbx_total_number_of_bins_used 
_refine_ls_shell.d_res_high 
_refine_ls_shell.d_res_low 
_refine_ls_shell.number_reflns_R_work 
_refine_ls_shell.R_factor_R_work 
_refine_ls_shell.percent_reflns_obs 
_refine_ls_shell.R_factor_R_free 
_refine_ls_shell.R_factor_R_free_error 
_refine_ls_shell.percent_reflns_R_free 
_refine_ls_shell.number_reflns_R_free 
_refine_ls_shell.number_reflns_all 
_refine_ls_shell.R_factor_all 
'X-RAY DIFFRACTION' . 1.9500 2.1460  2857 0.2126 100.00 0.2523 . . 143 . . 
'X-RAY DIFFRACTION' . 2.1460 2.4560  2849 0.1963 100.00 0.2265 . . 148 . . 
'X-RAY DIFFRACTION' . 2.4560 3.0924  2883 0.1996 100.00 0.2856 . . 141 . . 
'X-RAY DIFFRACTION' . 3.0924 19.5163 2932 0.1499 100.00 0.1671 . . 166 . . 
# 
_struct.entry_id                  4UNO 
_struct.title                     'Crystal structure of the ETS domain of human ETV5 in complex with DNA' 
_struct.pdbx_model_details        ? 
_struct.pdbx_CASP_flag            ? 
_struct.pdbx_model_type_details   ? 
# 
_struct_keywords.entry_id        4UNO 
_struct_keywords.pdbx_keywords   'DNA BINDING PROTEIN' 
_struct_keywords.text            'DNA BINDING PROTEIN' 
# 
loop_
_struct_asym.id 
_struct_asym.pdbx_blank_PDB_chainid_flag 
_struct_asym.pdbx_modified 
_struct_asym.entity_id 
_struct_asym.details 
A N N 1 ? 
B N N 2 ? 
C N N 3 ? 
D N N 4 ? 
E N N 4 ? 
F N N 5 ? 
G N N 5 ? 
H N N 5 ? 
# 
loop_
_struct_ref.id 
_struct_ref.db_name 
_struct_ref.db_code 
_struct_ref.entity_id 
_struct_ref.pdbx_seq_one_letter_code 
_struct_ref.pdbx_align_begin 
_struct_ref.pdbx_db_accession 
_struct_ref.pdbx_db_isoform 
1 UNP ETV5_HUMAN 1 ? ? P41161 ? 
2 PDB 4UNO       2 ? ? 4UNO   ? 
3 PDB 4UNO       3 ? ? 4UNO   ? 
# 
loop_
_struct_ref_seq.align_id 
_struct_ref_seq.ref_id 
_struct_ref_seq.pdbx_PDB_id_code 
_struct_ref_seq.pdbx_strand_id 
_struct_ref_seq.seq_align_beg 
_struct_ref_seq.pdbx_seq_align_beg_ins_code 
_struct_ref_seq.seq_align_end 
_struct_ref_seq.pdbx_seq_align_end_ins_code 
_struct_ref_seq.pdbx_db_accession 
_struct_ref_seq.db_align_beg 
_struct_ref_seq.pdbx_db_align_beg_ins_code 
_struct_ref_seq.db_align_end 
_struct_ref_seq.pdbx_db_align_end_ins_code 
_struct_ref_seq.pdbx_auth_seq_align_beg 
_struct_ref_seq.pdbx_auth_seq_align_end 
1 1 4UNO A 3 ? 100 ? P41161 365 ? 462 ? 365 462 
2 2 4UNO B 1 ? 10  ? 4UNO   1   ? 10  ? 1   10  
3 3 4UNO C 1 ? 10  ? 4UNO   1   ? 10  ? 1   10  
# 
loop_
_struct_ref_seq_dif.align_id 
_struct_ref_seq_dif.pdbx_pdb_id_code 
_struct_ref_seq_dif.mon_id 
_struct_ref_seq_dif.pdbx_pdb_strand_id 
_struct_ref_seq_dif.seq_num 
_struct_ref_seq_dif.pdbx_pdb_ins_code 
_struct_ref_seq_dif.pdbx_seq_db_name 
_struct_ref_seq_dif.pdbx_seq_db_accession_code 
_struct_ref_seq_dif.db_mon_id 
_struct_ref_seq_dif.pdbx_seq_db_seq_num 
_struct_ref_seq_dif.details 
_struct_ref_seq_dif.pdbx_auth_seq_num 
_struct_ref_seq_dif.pdbx_ordinal 
1 4UNO SER A 1 ? UNP P41161 ? ? 'expression tag' 363 1 
1 4UNO MET A 2 ? UNP P41161 ? ? 'expression tag' 364 2 
# 
_pdbx_struct_assembly.id                   1 
_pdbx_struct_assembly.details              author_and_software_defined_assembly 
_pdbx_struct_assembly.method_details       PISA 
_pdbx_struct_assembly.oligomeric_details   hexameric 
_pdbx_struct_assembly.oligomeric_count     6 
# 
loop_
_pdbx_struct_assembly_prop.biol_id 
_pdbx_struct_assembly_prop.type 
_pdbx_struct_assembly_prop.value 
_pdbx_struct_assembly_prop.details 
1 'ABSA (A^2)' 6960  ? 
1 MORE         -58.8 ? 
1 'SSA (A^2)'  15480 ? 
# 
_pdbx_struct_assembly_gen.assembly_id       1 
_pdbx_struct_assembly_gen.oper_expression   1,2 
_pdbx_struct_assembly_gen.asym_id_list      A,B,C,D,E,F,G,H 
# 
loop_
_pdbx_struct_oper_list.id 
_pdbx_struct_oper_list.type 
_pdbx_struct_oper_list.name 
_pdbx_struct_oper_list.symmetry_operation 
_pdbx_struct_oper_list.matrix[1][1] 
_pdbx_struct_oper_list.matrix[1][2] 
_pdbx_struct_oper_list.matrix[1][3] 
_pdbx_struct_oper_list.vector[1] 
_pdbx_struct_oper_list.matrix[2][1] 
_pdbx_struct_oper_list.matrix[2][2] 
_pdbx_struct_oper_list.matrix[2][3] 
_pdbx_struct_oper_list.vector[2] 
_pdbx_struct_oper_list.matrix[3][1] 
_pdbx_struct_oper_list.matrix[3][2] 
_pdbx_struct_oper_list.matrix[3][3] 
_pdbx_struct_oper_list.vector[3] 
1 'identity operation'         1_555 x,y,z            1.0000000000  0.0000000000  0.0000000000 0.0000000000   0.0000000000  1.0000000000  0.0000000000  0.0000000000   0.0000000000 0.0000000000  1.0000000000 0.0000000000  
2 'crystal symmetry operation' 4_665 -y+1,-x+1,-z+1/3 -0.0938244514 -0.1754757881 0.9800026633 -21.7057448779 -0.1754757881 -0.9660201026 -0.1897719928 -34.1574035591 0.9800026633 -0.1897719928 0.0598445540 13.9544702020 
# 
_struct_biol.id   1 
# 
loop_
_struct_conf.conf_type_id 
_struct_conf.id 
_struct_conf.pdbx_PDB_helix_id 
_struct_conf.beg_label_comp_id 
_struct_conf.beg_label_asym_id 
_struct_conf.beg_label_seq_id 
_struct_conf.pdbx_beg_PDB_ins_code 
_struct_conf.end_label_comp_id 
_struct_conf.end_label_asym_id 
_struct_conf.end_label_seq_id 
_struct_conf.pdbx_end_PDB_ins_code 
_struct_conf.beg_auth_comp_id 
_struct_conf.beg_auth_asym_id 
_struct_conf.beg_auth_seq_id 
_struct_conf.end_auth_comp_id 
_struct_conf.end_auth_asym_id 
_struct_conf.end_auth_seq_id 
_struct_conf.pdbx_PDB_helix_class 
_struct_conf.details 
_struct_conf.pdbx_PDB_helix_length 
HELX_P HELX_P1 1 GLN A 7  ? ASP A 18 ? GLN A 369 ASP A 380 1 ? 12 
HELX_P HELX_P2 2 PRO A 19 ? ALA A 22 ? PRO A 381 ALA A 384 5 ? 4  
HELX_P HELX_P3 3 GLU A 38 ? LYS A 50 ? GLU A 400 LYS A 412 1 ? 13 
HELX_P HELX_P4 4 ASN A 56 ? LYS A 70 ? ASN A 418 LYS A 432 1 ? 15 
HELX_P HELX_P5 5 ASP A 88 ? PHE A 97 ? ASP A 450 PHE A 459 1 ? 10 
# 
_struct_conf_type.id          HELX_P 
_struct_conf_type.criteria    ? 
_struct_conf_type.reference   ? 
# 
loop_
_struct_conn.id 
_struct_conn.conn_type_id 
_struct_conn.pdbx_leaving_atom_flag 
_struct_conn.pdbx_PDB_id 
_struct_conn.ptnr1_label_asym_id 
_struct_conn.ptnr1_label_comp_id 
_struct_conn.ptnr1_label_seq_id 
_struct_conn.ptnr1_label_atom_id 
_struct_conn.pdbx_ptnr1_label_alt_id 
_struct_conn.pdbx_ptnr1_PDB_ins_code 
_struct_conn.pdbx_ptnr1_standard_comp_id 
_struct_conn.ptnr1_symmetry 
_struct_conn.ptnr2_label_asym_id 
_struct_conn.ptnr2_label_comp_id 
_struct_conn.ptnr2_label_seq_id 
_struct_conn.ptnr2_label_atom_id 
_struct_conn.pdbx_ptnr2_label_alt_id 
_struct_conn.pdbx_ptnr2_PDB_ins_code 
_struct_conn.ptnr1_auth_asym_id 
_struct_conn.ptnr1_auth_comp_id 
_struct_conn.ptnr1_auth_seq_id 
_struct_conn.ptnr2_auth_asym_id 
_struct_conn.ptnr2_auth_comp_id 
_struct_conn.ptnr2_auth_seq_id 
_struct_conn.ptnr2_symmetry 
_struct_conn.pdbx_ptnr3_label_atom_id 
_struct_conn.pdbx_ptnr3_label_seq_id 
_struct_conn.pdbx_ptnr3_label_comp_id 
_struct_conn.pdbx_ptnr3_label_asym_id 
_struct_conn.pdbx_ptnr3_label_alt_id 
_struct_conn.pdbx_ptnr3_PDB_ins_code 
_struct_conn.details 
_struct_conn.pdbx_dist_value 
_struct_conn.pdbx_value_order 
_struct_conn.pdbx_role 
disulf1  disulf ? ? A CYS 87 SG  B ? ? 1_555 A CYS 87 SG B ? A CYS 449  A CYS 449  6_555 ? ? ? ? ? ? ?            2.050 ? ? 
metalc1  metalc ? ? A GLY 78 O   ? ? ? 1_555 D CA  .  CA ? ? A GLY 440  A CA  1462 1_555 ? ? ? ? ? ? ?            2.439 ? ? 
metalc2  metalc ? ? A ASP 90 OD2 ? ? ? 1_555 E CA  .  CA ? ? A ASP 452  A CA  1463 1_555 ? ? ? ? ? ? ?            2.443 ? ? 
metalc3  metalc ? ? A ASP 90 OD1 ? ? ? 1_555 E CA  .  CA ? ? A ASP 452  A CA  1463 1_555 ? ? ? ? ? ? ?            2.480 ? ? 
metalc4  metalc ? ? D CA  .  CA  ? ? ? 1_555 F HOH .  O  ? ? A CA  1462 A HOH 2061 1_555 ? ? ? ? ? ? ?            2.460 ? ? 
metalc5  metalc ? ? D CA  .  CA  ? ? ? 1_555 F HOH .  O  ? ? A CA  1462 A HOH 2062 1_555 ? ? ? ? ? ? ?            2.858 ? ? 
metalc6  metalc ? ? E CA  .  CA  ? ? ? 1_555 F HOH .  O  ? ? A CA  1463 A HOH 2070 1_555 ? ? ? ? ? ? ?            2.953 ? ? 
metalc7  metalc ? ? E CA  .  CA  ? ? ? 1_555 F HOH .  O  ? ? A CA  1463 A HOH 2071 1_555 ? ? ? ? ? ? ?            3.035 ? ? 
metalc8  metalc ? ? E CA  .  CA  ? ? ? 1_555 F HOH .  O  ? ? A CA  1463 A HOH 2072 1_555 ? ? ? ? ? ? ?            2.323 ? ? 
metalc9  metalc ? ? E CA  .  CA  ? ? ? 1_555 F HOH .  O  ? ? A CA  1463 A HOH 2074 1_555 ? ? ? ? ? ? ?            2.952 ? ? 
metalc10 metalc ? ? E CA  .  CA  ? ? ? 1_555 F HOH .  O  ? ? A CA  1463 A HOH 2075 1_555 ? ? ? ? ? ? ?            2.751 ? ? 
metalc11 metalc ? ? E CA  .  CA  ? ? ? 1_555 F HOH .  O  ? ? A CA  1463 A HOH 2077 1_555 ? ? ? ? ? ? ?            2.260 ? ? 
hydrog1  hydrog ? ? B DA  1  N1  ? ? ? 1_555 C DT  9  N3 ? ? B DA  1    C DT  9    1_555 ? ? ? ? ? ? WATSON-CRICK ?     ? ? 
hydrog2  hydrog ? ? B DA  1  N6  ? ? ? 1_555 C DT  9  O4 ? ? B DA  1    C DT  9    1_555 ? ? ? ? ? ? WATSON-CRICK ?     ? ? 
hydrog3  hydrog ? ? B DC  2  N3  ? ? ? 1_555 C DG  8  N1 ? ? B DC  2    C DG  8    1_555 ? ? ? ? ? ? WATSON-CRICK ?     ? ? 
hydrog4  hydrog ? ? B DC  2  N4  ? ? ? 1_555 C DG  8  O6 ? ? B DC  2    C DG  8    1_555 ? ? ? ? ? ? WATSON-CRICK ?     ? ? 
hydrog5  hydrog ? ? B DC  2  O2  ? ? ? 1_555 C DG  8  N2 ? ? B DC  2    C DG  8    1_555 ? ? ? ? ? ? WATSON-CRICK ?     ? ? 
hydrog6  hydrog ? ? B DC  3  N3  ? ? ? 1_555 C DG  7  N1 ? ? B DC  3    C DG  7    1_555 ? ? ? ? ? ? WATSON-CRICK ?     ? ? 
hydrog7  hydrog ? ? B DC  3  N4  ? ? ? 1_555 C DG  7  O6 ? ? B DC  3    C DG  7    1_555 ? ? ? ? ? ? WATSON-CRICK ?     ? ? 
hydrog8  hydrog ? ? B DC  3  O2  ? ? ? 1_555 C DG  7  N2 ? ? B DC  3    C DG  7    1_555 ? ? ? ? ? ? WATSON-CRICK ?     ? ? 
hydrog9  hydrog ? ? B DG  4  N1  ? ? ? 1_555 C DC  6  N3 ? ? B DG  4    C DC  6    1_555 ? ? ? ? ? ? WATSON-CRICK ?     ? ? 
hydrog10 hydrog ? ? B DG  4  N2  ? ? ? 1_555 C DC  6  O2 ? ? B DG  4    C DC  6    1_555 ? ? ? ? ? ? WATSON-CRICK ?     ? ? 
hydrog11 hydrog ? ? B DG  4  O6  ? ? ? 1_555 C DC  6  N4 ? ? B DG  4    C DC  6    1_555 ? ? ? ? ? ? WATSON-CRICK ?     ? ? 
hydrog12 hydrog ? ? B DG  5  N1  ? ? ? 1_555 C DC  5  N3 ? ? B DG  5    C DC  5    1_555 ? ? ? ? ? ? WATSON-CRICK ?     ? ? 
hydrog13 hydrog ? ? B DG  5  N2  ? ? ? 1_555 C DC  5  O2 ? ? B DG  5    C DC  5    1_555 ? ? ? ? ? ? WATSON-CRICK ?     ? ? 
hydrog14 hydrog ? ? B DG  5  O6  ? ? ? 1_555 C DC  5  N4 ? ? B DG  5    C DC  5    1_555 ? ? ? ? ? ? WATSON-CRICK ?     ? ? 
hydrog15 hydrog ? ? B DA  6  N1  ? ? ? 1_555 C DT  4  N3 ? ? B DA  6    C DT  4    1_555 ? ? ? ? ? ? WATSON-CRICK ?     ? ? 
hydrog16 hydrog ? ? B DA  6  N6  ? ? ? 1_555 C DT  4  O4 ? ? B DA  6    C DT  4    1_555 ? ? ? ? ? ? WATSON-CRICK ?     ? ? 
hydrog17 hydrog ? ? B DA  7  N1  ? ? ? 1_555 C DT  3  N3 ? ? B DA  7    C DT  3    1_555 ? ? ? ? ? ? WATSON-CRICK ?     ? ? 
hydrog18 hydrog ? ? B DA  7  N6  ? ? ? 1_555 C DT  3  O4 ? ? B DA  7    C DT  3    1_555 ? ? ? ? ? ? WATSON-CRICK ?     ? ? 
hydrog19 hydrog ? ? B DG  8  N1  ? ? ? 1_555 C DC  2  N3 ? ? B DG  8    C DC  2    1_555 ? ? ? ? ? ? WATSON-CRICK ?     ? ? 
hydrog20 hydrog ? ? B DG  8  N2  ? ? ? 1_555 C DC  2  O2 ? ? B DG  8    C DC  2    1_555 ? ? ? ? ? ? WATSON-CRICK ?     ? ? 
hydrog21 hydrog ? ? B DG  8  O6  ? ? ? 1_555 C DC  2  N4 ? ? B DG  8    C DC  2    1_555 ? ? ? ? ? ? WATSON-CRICK ?     ? ? 
hydrog22 hydrog ? ? B DT  9  N3  ? ? ? 1_555 C DA  1  N1 ? ? B DT  9    C DA  1    1_555 ? ? ? ? ? ? WATSON-CRICK ?     ? ? 
hydrog23 hydrog ? ? B DT  9  O4  ? ? ? 1_555 C DA  1  N6 ? ? B DT  9    C DA  1    1_555 ? ? ? ? ? ? WATSON-CRICK ?     ? ? 
# 
loop_
_struct_conn_type.id 
_struct_conn_type.criteria 
_struct_conn_type.reference 
disulf ? ? 
metalc ? ? 
hydrog ? ? 
# 
loop_
_pdbx_struct_conn_angle.id 
_pdbx_struct_conn_angle.ptnr1_label_atom_id 
_pdbx_struct_conn_angle.ptnr1_label_alt_id 
_pdbx_struct_conn_angle.ptnr1_label_asym_id 
_pdbx_struct_conn_angle.ptnr1_label_comp_id 
_pdbx_struct_conn_angle.ptnr1_label_seq_id 
_pdbx_struct_conn_angle.ptnr1_auth_atom_id 
_pdbx_struct_conn_angle.ptnr1_auth_asym_id 
_pdbx_struct_conn_angle.ptnr1_auth_comp_id 
_pdbx_struct_conn_angle.ptnr1_auth_seq_id 
_pdbx_struct_conn_angle.ptnr1_PDB_ins_code 
_pdbx_struct_conn_angle.ptnr1_symmetry 
_pdbx_struct_conn_angle.ptnr2_label_atom_id 
_pdbx_struct_conn_angle.ptnr2_label_alt_id 
_pdbx_struct_conn_angle.ptnr2_label_asym_id 
_pdbx_struct_conn_angle.ptnr2_label_comp_id 
_pdbx_struct_conn_angle.ptnr2_label_seq_id 
_pdbx_struct_conn_angle.ptnr2_auth_atom_id 
_pdbx_struct_conn_angle.ptnr2_auth_asym_id 
_pdbx_struct_conn_angle.ptnr2_auth_comp_id 
_pdbx_struct_conn_angle.ptnr2_auth_seq_id 
_pdbx_struct_conn_angle.ptnr2_PDB_ins_code 
_pdbx_struct_conn_angle.ptnr2_symmetry 
_pdbx_struct_conn_angle.ptnr3_label_atom_id 
_pdbx_struct_conn_angle.ptnr3_label_alt_id 
_pdbx_struct_conn_angle.ptnr3_label_asym_id 
_pdbx_struct_conn_angle.ptnr3_label_comp_id 
_pdbx_struct_conn_angle.ptnr3_label_seq_id 
_pdbx_struct_conn_angle.ptnr3_auth_atom_id 
_pdbx_struct_conn_angle.ptnr3_auth_asym_id 
_pdbx_struct_conn_angle.ptnr3_auth_comp_id 
_pdbx_struct_conn_angle.ptnr3_auth_seq_id 
_pdbx_struct_conn_angle.ptnr3_PDB_ins_code 
_pdbx_struct_conn_angle.ptnr3_symmetry 
_pdbx_struct_conn_angle.value 
_pdbx_struct_conn_angle.value_esd 
1  O   ? A GLY 78 ? A GLY 440  ? 1_555 CA ? D CA . ? A CA 1462 ? 1_555 O   ? F HOH .  ? A HOH 2061 ? 1_555 81.7  ? 
2  O   ? A GLY 78 ? A GLY 440  ? 1_555 CA ? D CA . ? A CA 1462 ? 1_555 O   ? F HOH .  ? A HOH 2062 ? 1_555 80.1  ? 
3  O   ? F HOH .  ? A HOH 2061 ? 1_555 CA ? D CA . ? A CA 1462 ? 1_555 O   ? F HOH .  ? A HOH 2062 ? 1_555 76.5  ? 
4  OD2 ? A ASP 90 ? A ASP 452  ? 1_555 CA ? E CA . ? A CA 1463 ? 1_555 OD1 ? A ASP 90 ? A ASP 452  ? 1_555 53.5  ? 
5  OD2 ? A ASP 90 ? A ASP 452  ? 1_555 CA ? E CA . ? A CA 1463 ? 1_555 O   ? F HOH .  ? A HOH 2070 ? 1_555 104.9 ? 
6  OD1 ? A ASP 90 ? A ASP 452  ? 1_555 CA ? E CA . ? A CA 1463 ? 1_555 O   ? F HOH .  ? A HOH 2070 ? 1_555 68.7  ? 
7  OD2 ? A ASP 90 ? A ASP 452  ? 1_555 CA ? E CA . ? A CA 1463 ? 1_555 O   ? F HOH .  ? A HOH 2071 ? 1_555 131.1 ? 
8  OD1 ? A ASP 90 ? A ASP 452  ? 1_555 CA ? E CA . ? A CA 1463 ? 1_555 O   ? F HOH .  ? A HOH 2071 ? 1_555 77.9  ? 
9  O   ? F HOH .  ? A HOH 2070 ? 1_555 CA ? E CA . ? A CA 1463 ? 1_555 O   ? F HOH .  ? A HOH 2071 ? 1_555 44.0  ? 
10 OD2 ? A ASP 90 ? A ASP 452  ? 1_555 CA ? E CA . ? A CA 1463 ? 1_555 O   ? F HOH .  ? A HOH 2072 ? 1_555 81.5  ? 
11 OD1 ? A ASP 90 ? A ASP 452  ? 1_555 CA ? E CA . ? A CA 1463 ? 1_555 O   ? F HOH .  ? A HOH 2072 ? 1_555 87.8  ? 
12 O   ? F HOH .  ? A HOH 2070 ? 1_555 CA ? E CA . ? A CA 1463 ? 1_555 O   ? F HOH .  ? A HOH 2072 ? 1_555 142.3 ? 
13 O   ? F HOH .  ? A HOH 2071 ? 1_555 CA ? E CA . ? A CA 1463 ? 1_555 O   ? F HOH .  ? A HOH 2072 ? 1_555 103.9 ? 
14 OD2 ? A ASP 90 ? A ASP 452  ? 1_555 CA ? E CA . ? A CA 1463 ? 1_555 O   ? F HOH .  ? A HOH 2074 ? 1_555 70.0  ? 
15 OD1 ? A ASP 90 ? A ASP 452  ? 1_555 CA ? E CA . ? A CA 1463 ? 1_555 O   ? F HOH .  ? A HOH 2074 ? 1_555 113.1 ? 
16 O   ? F HOH .  ? A HOH 2070 ? 1_555 CA ? E CA . ? A CA 1463 ? 1_555 O   ? F HOH .  ? A HOH 2074 ? 1_555 98.4  ? 
17 O   ? F HOH .  ? A HOH 2071 ? 1_555 CA ? E CA . ? A CA 1463 ? 1_555 O   ? F HOH .  ? A HOH 2074 ? 1_555 136.2 ? 
18 O   ? F HOH .  ? A HOH 2072 ? 1_555 CA ? E CA . ? A CA 1463 ? 1_555 O   ? F HOH .  ? A HOH 2074 ? 1_555 118.3 ? 
19 OD2 ? A ASP 90 ? A ASP 452  ? 1_555 CA ? E CA . ? A CA 1463 ? 1_555 O   ? F HOH .  ? A HOH 2075 ? 1_555 69.5  ? 
20 OD1 ? A ASP 90 ? A ASP 452  ? 1_555 CA ? E CA . ? A CA 1463 ? 1_555 O   ? F HOH .  ? A HOH 2075 ? 1_555 120.1 ? 
21 O   ? F HOH .  ? A HOH 2070 ? 1_555 CA ? E CA . ? A CA 1463 ? 1_555 O   ? F HOH .  ? A HOH 2075 ? 1_555 151.9 ? 
22 O   ? F HOH .  ? A HOH 2071 ? 1_555 CA ? E CA . ? A CA 1463 ? 1_555 O   ? F HOH .  ? A HOH 2075 ? 1_555 157.1 ? 
23 O   ? F HOH .  ? A HOH 2072 ? 1_555 CA ? E CA . ? A CA 1463 ? 1_555 O   ? F HOH .  ? A HOH 2075 ? 1_555 65.5  ? 
24 O   ? F HOH .  ? A HOH 2074 ? 1_555 CA ? E CA . ? A CA 1463 ? 1_555 O   ? F HOH .  ? A HOH 2075 ? 1_555 53.6  ? 
25 OD2 ? A ASP 90 ? A ASP 452  ? 1_555 CA ? E CA . ? A CA 1463 ? 1_555 O   ? F HOH .  ? A HOH 2077 ? 1_555 150.2 ? 
26 OD1 ? A ASP 90 ? A ASP 452  ? 1_555 CA ? E CA . ? A CA 1463 ? 1_555 O   ? F HOH .  ? A HOH 2077 ? 1_555 152.9 ? 
27 O   ? F HOH .  ? A HOH 2070 ? 1_555 CA ? E CA . ? A CA 1463 ? 1_555 O   ? F HOH .  ? A HOH 2077 ? 1_555 101.6 ? 
28 O   ? F HOH .  ? A HOH 2071 ? 1_555 CA ? E CA . ? A CA 1463 ? 1_555 O   ? F HOH .  ? A HOH 2077 ? 1_555 78.2  ? 
29 O   ? F HOH .  ? A HOH 2072 ? 1_555 CA ? E CA . ? A CA 1463 ? 1_555 O   ? F HOH .  ? A HOH 2077 ? 1_555 85.9  ? 
30 O   ? F HOH .  ? A HOH 2074 ? 1_555 CA ? E CA . ? A CA 1463 ? 1_555 O   ? F HOH .  ? A HOH 2077 ? 1_555 93.0  ? 
31 O   ? F HOH .  ? A HOH 2075 ? 1_555 CA ? E CA . ? A CA 1463 ? 1_555 O   ? F HOH .  ? A HOH 2077 ? 1_555 80.7  ? 
# 
_pdbx_modification_feature.ordinal                            1 
_pdbx_modification_feature.label_comp_id                      CYS 
_pdbx_modification_feature.label_asym_id                      A 
_pdbx_modification_feature.label_seq_id                       87 
_pdbx_modification_feature.label_alt_id                       B 
_pdbx_modification_feature.modified_residue_label_comp_id     CYS 
_pdbx_modification_feature.modified_residue_label_asym_id     A 
_pdbx_modification_feature.modified_residue_label_seq_id      87 
_pdbx_modification_feature.modified_residue_label_alt_id      B 
_pdbx_modification_feature.auth_comp_id                       CYS 
_pdbx_modification_feature.auth_asym_id                       A 
_pdbx_modification_feature.auth_seq_id                        449 
_pdbx_modification_feature.PDB_ins_code                       ? 
_pdbx_modification_feature.symmetry                           1_555 
_pdbx_modification_feature.modified_residue_auth_comp_id      CYS 
_pdbx_modification_feature.modified_residue_auth_asym_id      A 
_pdbx_modification_feature.modified_residue_auth_seq_id       449 
_pdbx_modification_feature.modified_residue_PDB_ins_code      ? 
_pdbx_modification_feature.modified_residue_symmetry          6_555 
_pdbx_modification_feature.comp_id_linking_atom               SG 
_pdbx_modification_feature.modified_residue_id_linking_atom   SG 
_pdbx_modification_feature.modified_residue_id                . 
_pdbx_modification_feature.ref_pcm_id                         . 
_pdbx_modification_feature.ref_comp_id                        . 
_pdbx_modification_feature.type                               None 
_pdbx_modification_feature.category                           'Disulfide bridge' 
# 
_struct_sheet.id               AA 
_struct_sheet.type             ? 
_struct_sheet.number_strands   4 
_struct_sheet.details          ? 
# 
loop_
_struct_sheet_order.sheet_id 
_struct_sheet_order.range_id_1 
_struct_sheet_order.range_id_2 
_struct_sheet_order.offset 
_struct_sheet_order.sense 
AA 1 2 ? anti-parallel 
AA 2 3 ? anti-parallel 
AA 3 4 ? anti-parallel 
# 
loop_
_struct_sheet_range.sheet_id 
_struct_sheet_range.id 
_struct_sheet_range.beg_label_comp_id 
_struct_sheet_range.beg_label_asym_id 
_struct_sheet_range.beg_label_seq_id 
_struct_sheet_range.pdbx_beg_PDB_ins_code 
_struct_sheet_range.end_label_comp_id 
_struct_sheet_range.end_label_asym_id 
_struct_sheet_range.end_label_seq_id 
_struct_sheet_range.pdbx_end_PDB_ins_code 
_struct_sheet_range.beg_auth_comp_id 
_struct_sheet_range.beg_auth_asym_id 
_struct_sheet_range.beg_auth_seq_id 
_struct_sheet_range.end_auth_comp_id 
_struct_sheet_range.end_auth_asym_id 
_struct_sheet_range.end_auth_seq_id 
AA 1 ALA A 26 ? TRP A 27 ? ALA A 388 TRP A 389 
AA 2 GLU A 33 ? LYS A 35 ? GLU A 395 LYS A 397 
AA 3 VAL A 82 ? PHE A 85 ? VAL A 444 PHE A 447 
AA 4 MET A 73 ? LYS A 75 ? MET A 435 LYS A 437 
# 
loop_
_pdbx_struct_sheet_hbond.sheet_id 
_pdbx_struct_sheet_hbond.range_id_1 
_pdbx_struct_sheet_hbond.range_id_2 
_pdbx_struct_sheet_hbond.range_1_label_atom_id 
_pdbx_struct_sheet_hbond.range_1_label_comp_id 
_pdbx_struct_sheet_hbond.range_1_label_asym_id 
_pdbx_struct_sheet_hbond.range_1_label_seq_id 
_pdbx_struct_sheet_hbond.range_1_PDB_ins_code 
_pdbx_struct_sheet_hbond.range_1_auth_atom_id 
_pdbx_struct_sheet_hbond.range_1_auth_comp_id 
_pdbx_struct_sheet_hbond.range_1_auth_asym_id 
_pdbx_struct_sheet_hbond.range_1_auth_seq_id 
_pdbx_struct_sheet_hbond.range_2_label_atom_id 
_pdbx_struct_sheet_hbond.range_2_label_comp_id 
_pdbx_struct_sheet_hbond.range_2_label_asym_id 
_pdbx_struct_sheet_hbond.range_2_label_seq_id 
_pdbx_struct_sheet_hbond.range_2_PDB_ins_code 
_pdbx_struct_sheet_hbond.range_2_auth_atom_id 
_pdbx_struct_sheet_hbond.range_2_auth_comp_id 
_pdbx_struct_sheet_hbond.range_2_auth_asym_id 
_pdbx_struct_sheet_hbond.range_2_auth_seq_id 
AA 1 2 N ALA A 26 ? N ALA A 388 O LYS A 35 ? O LYS A 397 
AA 2 3 N PHE A 34 ? N PHE A 396 O TYR A 83 ? O TYR A 445 
AA 3 4 N LYS A 84 ? N LYS A 446 O GLN A 74 ? O GLN A 436 
# 
loop_
_struct_site.id 
_struct_site.pdbx_evidence_code 
_struct_site.pdbx_auth_asym_id 
_struct_site.pdbx_auth_comp_id 
_struct_site.pdbx_auth_seq_id 
_struct_site.pdbx_auth_ins_code 
_struct_site.pdbx_num_residues 
_struct_site.details 
AC1 Software A CA 1462 ? 3 'BINDING SITE FOR RESIDUE CA A 1462' 
AC2 Software A CA 1463 ? 7 'BINDING SITE FOR RESIDUE CA A 1463' 
# 
loop_
_struct_site_gen.id 
_struct_site_gen.site_id 
_struct_site_gen.pdbx_num_res 
_struct_site_gen.label_comp_id 
_struct_site_gen.label_asym_id 
_struct_site_gen.label_seq_id 
_struct_site_gen.pdbx_auth_ins_code 
_struct_site_gen.auth_comp_id 
_struct_site_gen.auth_asym_id 
_struct_site_gen.auth_seq_id 
_struct_site_gen.label_atom_id 
_struct_site_gen.label_alt_id 
_struct_site_gen.symmetry 
_struct_site_gen.details 
1  AC1 3 GLY A 78 ? GLY A 440  . ? 1_555 ? 
2  AC1 3 HOH F .  ? HOH A 2061 . ? 1_555 ? 
3  AC1 3 HOH F .  ? HOH A 2062 . ? 1_555 ? 
4  AC2 7 ASP A 90 ? ASP A 452  . ? 1_555 ? 
5  AC2 7 HOH F .  ? HOH A 2070 . ? 1_555 ? 
6  AC2 7 HOH F .  ? HOH A 2071 . ? 1_555 ? 
7  AC2 7 HOH F .  ? HOH A 2072 . ? 1_555 ? 
8  AC2 7 HOH F .  ? HOH A 2074 . ? 1_555 ? 
9  AC2 7 HOH F .  ? HOH A 2075 . ? 1_555 ? 
10 AC2 7 HOH F .  ? HOH A 2077 . ? 1_555 ? 
# 
_pdbx_entry_details.entry_id                   4UNO 
_pdbx_entry_details.compound_details           ? 
_pdbx_entry_details.source_details             ? 
_pdbx_entry_details.nonpolymer_details         ? 
_pdbx_entry_details.sequence_details           'FIRST 2 RESIDUES REMAIN AFTER TAG CLEAVAGE' 
_pdbx_entry_details.has_ligand_of_interest     ? 
_pdbx_entry_details.has_protein_modification   Y 
# 
loop_
_pdbx_validate_close_contact.id 
_pdbx_validate_close_contact.PDB_model_num 
_pdbx_validate_close_contact.auth_atom_id_1 
_pdbx_validate_close_contact.auth_asym_id_1 
_pdbx_validate_close_contact.auth_comp_id_1 
_pdbx_validate_close_contact.auth_seq_id_1 
_pdbx_validate_close_contact.PDB_ins_code_1 
_pdbx_validate_close_contact.label_alt_id_1 
_pdbx_validate_close_contact.auth_atom_id_2 
_pdbx_validate_close_contact.auth_asym_id_2 
_pdbx_validate_close_contact.auth_comp_id_2 
_pdbx_validate_close_contact.auth_seq_id_2 
_pdbx_validate_close_contact.PDB_ins_code_2 
_pdbx_validate_close_contact.label_alt_id_2 
_pdbx_validate_close_contact.dist 
1 1 O A HOH 2049 ? ? O A HOH 2051 ? ? 1.83 
2 1 O B HOH 2006 ? ? O B HOH 2014 ? ? 1.94 
3 1 O B HOH 2012 ? ? O B HOH 2013 ? ? 2.06 
4 1 O A HOH 2038 ? ? O A HOH 2039 ? ? 2.09 
# 
_pdbx_validate_symm_contact.id                1 
_pdbx_validate_symm_contact.PDB_model_num     1 
_pdbx_validate_symm_contact.auth_atom_id_1    O 
_pdbx_validate_symm_contact.auth_asym_id_1    A 
_pdbx_validate_symm_contact.auth_comp_id_1    HOH 
_pdbx_validate_symm_contact.auth_seq_id_1     2007 
_pdbx_validate_symm_contact.PDB_ins_code_1    ? 
_pdbx_validate_symm_contact.label_alt_id_1    ? 
_pdbx_validate_symm_contact.site_symmetry_1   1_555 
_pdbx_validate_symm_contact.auth_atom_id_2    O 
_pdbx_validate_symm_contact.auth_asym_id_2    A 
_pdbx_validate_symm_contact.auth_comp_id_2    HOH 
_pdbx_validate_symm_contact.auth_seq_id_2     2007 
_pdbx_validate_symm_contact.PDB_ins_code_2    ? 
_pdbx_validate_symm_contact.label_alt_id_2    ? 
_pdbx_validate_symm_contact.site_symmetry_2   5_554 
_pdbx_validate_symm_contact.dist              2.02 
# 
_pdbx_validate_rmsd_angle.id                         1 
_pdbx_validate_rmsd_angle.PDB_model_num              1 
_pdbx_validate_rmsd_angle.auth_atom_id_1             "O4'" 
_pdbx_validate_rmsd_angle.auth_asym_id_1             C 
_pdbx_validate_rmsd_angle.auth_comp_id_1             DC 
_pdbx_validate_rmsd_angle.auth_seq_id_1              6 
_pdbx_validate_rmsd_angle.PDB_ins_code_1             ? 
_pdbx_validate_rmsd_angle.label_alt_id_1             ? 
_pdbx_validate_rmsd_angle.auth_atom_id_2             "C1'" 
_pdbx_validate_rmsd_angle.auth_asym_id_2             C 
_pdbx_validate_rmsd_angle.auth_comp_id_2             DC 
_pdbx_validate_rmsd_angle.auth_seq_id_2              6 
_pdbx_validate_rmsd_angle.PDB_ins_code_2             ? 
_pdbx_validate_rmsd_angle.label_alt_id_2             ? 
_pdbx_validate_rmsd_angle.auth_atom_id_3             N1 
_pdbx_validate_rmsd_angle.auth_asym_id_3             C 
_pdbx_validate_rmsd_angle.auth_comp_id_3             DC 
_pdbx_validate_rmsd_angle.auth_seq_id_3              6 
_pdbx_validate_rmsd_angle.PDB_ins_code_3             ? 
_pdbx_validate_rmsd_angle.label_alt_id_3             ? 
_pdbx_validate_rmsd_angle.angle_value                111.63 
_pdbx_validate_rmsd_angle.angle_target_value         108.30 
_pdbx_validate_rmsd_angle.angle_deviation            3.33 
_pdbx_validate_rmsd_angle.angle_standard_deviation   0.30 
_pdbx_validate_rmsd_angle.linker_flag                N 
# 
loop_
_pdbx_unobs_or_zero_occ_residues.id 
_pdbx_unobs_or_zero_occ_residues.PDB_model_num 
_pdbx_unobs_or_zero_occ_residues.polymer_flag 
_pdbx_unobs_or_zero_occ_residues.occupancy_flag 
_pdbx_unobs_or_zero_occ_residues.auth_asym_id 
_pdbx_unobs_or_zero_occ_residues.auth_comp_id 
_pdbx_unobs_or_zero_occ_residues.auth_seq_id 
_pdbx_unobs_or_zero_occ_residues.PDB_ins_code 
_pdbx_unobs_or_zero_occ_residues.label_asym_id 
_pdbx_unobs_or_zero_occ_residues.label_comp_id 
_pdbx_unobs_or_zero_occ_residues.label_seq_id 
1 1 Y 1 A SER 363 ? A SER 1   
2 1 Y 1 A MET 364 ? A MET 2   
3 1 Y 1 A ARG 365 ? A ARG 3   
4 1 Y 1 A GLY 366 ? A GLY 4   
5 1 Y 1 A ASN 462 ? A ASN 100 
# 
loop_
_chem_comp_atom.comp_id 
_chem_comp_atom.atom_id 
_chem_comp_atom.type_symbol 
_chem_comp_atom.pdbx_aromatic_flag 
_chem_comp_atom.pdbx_stereo_config 
_chem_comp_atom.pdbx_ordinal 
ALA N      N  N N 1   
ALA CA     C  N S 2   
ALA C      C  N N 3   
ALA O      O  N N 4   
ALA CB     C  N N 5   
ALA OXT    O  N N 6   
ALA H      H  N N 7   
ALA H2     H  N N 8   
ALA HA     H  N N 9   
ALA HB1    H  N N 10  
ALA HB2    H  N N 11  
ALA HB3    H  N N 12  
ALA HXT    H  N N 13  
ARG N      N  N N 14  
ARG CA     C  N S 15  
ARG C      C  N N 16  
ARG O      O  N N 17  
ARG CB     C  N N 18  
ARG CG     C  N N 19  
ARG CD     C  N N 20  
ARG NE     N  N N 21  
ARG CZ     C  N N 22  
ARG NH1    N  N N 23  
ARG NH2    N  N N 24  
ARG OXT    O  N N 25  
ARG H      H  N N 26  
ARG H2     H  N N 27  
ARG HA     H  N N 28  
ARG HB2    H  N N 29  
ARG HB3    H  N N 30  
ARG HG2    H  N N 31  
ARG HG3    H  N N 32  
ARG HD2    H  N N 33  
ARG HD3    H  N N 34  
ARG HE     H  N N 35  
ARG HH11   H  N N 36  
ARG HH12   H  N N 37  
ARG HH21   H  N N 38  
ARG HH22   H  N N 39  
ARG HXT    H  N N 40  
ASN N      N  N N 41  
ASN CA     C  N S 42  
ASN C      C  N N 43  
ASN O      O  N N 44  
ASN CB     C  N N 45  
ASN CG     C  N N 46  
ASN OD1    O  N N 47  
ASN ND2    N  N N 48  
ASN OXT    O  N N 49  
ASN H      H  N N 50  
ASN H2     H  N N 51  
ASN HA     H  N N 52  
ASN HB2    H  N N 53  
ASN HB3    H  N N 54  
ASN HD21   H  N N 55  
ASN HD22   H  N N 56  
ASN HXT    H  N N 57  
ASP N      N  N N 58  
ASP CA     C  N S 59  
ASP C      C  N N 60  
ASP O      O  N N 61  
ASP CB     C  N N 62  
ASP CG     C  N N 63  
ASP OD1    O  N N 64  
ASP OD2    O  N N 65  
ASP OXT    O  N N 66  
ASP H      H  N N 67  
ASP H2     H  N N 68  
ASP HA     H  N N 69  
ASP HB2    H  N N 70  
ASP HB3    H  N N 71  
ASP HD2    H  N N 72  
ASP HXT    H  N N 73  
CA  CA     CA N N 74  
CYS N      N  N N 75  
CYS CA     C  N R 76  
CYS C      C  N N 77  
CYS O      O  N N 78  
CYS CB     C  N N 79  
CYS SG     S  N N 80  
CYS OXT    O  N N 81  
CYS H      H  N N 82  
CYS H2     H  N N 83  
CYS HA     H  N N 84  
CYS HB2    H  N N 85  
CYS HB3    H  N N 86  
CYS HG     H  N N 87  
CYS HXT    H  N N 88  
DA  OP3    O  N N 89  
DA  P      P  N N 90  
DA  OP1    O  N N 91  
DA  OP2    O  N N 92  
DA  "O5'"  O  N N 93  
DA  "C5'"  C  N N 94  
DA  "C4'"  C  N R 95  
DA  "O4'"  O  N N 96  
DA  "C3'"  C  N S 97  
DA  "O3'"  O  N N 98  
DA  "C2'"  C  N N 99  
DA  "C1'"  C  N R 100 
DA  N9     N  Y N 101 
DA  C8     C  Y N 102 
DA  N7     N  Y N 103 
DA  C5     C  Y N 104 
DA  C6     C  Y N 105 
DA  N6     N  N N 106 
DA  N1     N  Y N 107 
DA  C2     C  Y N 108 
DA  N3     N  Y N 109 
DA  C4     C  Y N 110 
DA  HOP3   H  N N 111 
DA  HOP2   H  N N 112 
DA  "H5'"  H  N N 113 
DA  "H5''" H  N N 114 
DA  "H4'"  H  N N 115 
DA  "H3'"  H  N N 116 
DA  "HO3'" H  N N 117 
DA  "H2'"  H  N N 118 
DA  "H2''" H  N N 119 
DA  "H1'"  H  N N 120 
DA  H8     H  N N 121 
DA  H61    H  N N 122 
DA  H62    H  N N 123 
DA  H2     H  N N 124 
DC  OP3    O  N N 125 
DC  P      P  N N 126 
DC  OP1    O  N N 127 
DC  OP2    O  N N 128 
DC  "O5'"  O  N N 129 
DC  "C5'"  C  N N 130 
DC  "C4'"  C  N R 131 
DC  "O4'"  O  N N 132 
DC  "C3'"  C  N S 133 
DC  "O3'"  O  N N 134 
DC  "C2'"  C  N N 135 
DC  "C1'"  C  N R 136 
DC  N1     N  N N 137 
DC  C2     C  N N 138 
DC  O2     O  N N 139 
DC  N3     N  N N 140 
DC  C4     C  N N 141 
DC  N4     N  N N 142 
DC  C5     C  N N 143 
DC  C6     C  N N 144 
DC  HOP3   H  N N 145 
DC  HOP2   H  N N 146 
DC  "H5'"  H  N N 147 
DC  "H5''" H  N N 148 
DC  "H4'"  H  N N 149 
DC  "H3'"  H  N N 150 
DC  "HO3'" H  N N 151 
DC  "H2'"  H  N N 152 
DC  "H2''" H  N N 153 
DC  "H1'"  H  N N 154 
DC  H41    H  N N 155 
DC  H42    H  N N 156 
DC  H5     H  N N 157 
DC  H6     H  N N 158 
DG  OP3    O  N N 159 
DG  P      P  N N 160 
DG  OP1    O  N N 161 
DG  OP2    O  N N 162 
DG  "O5'"  O  N N 163 
DG  "C5'"  C  N N 164 
DG  "C4'"  C  N R 165 
DG  "O4'"  O  N N 166 
DG  "C3'"  C  N S 167 
DG  "O3'"  O  N N 168 
DG  "C2'"  C  N N 169 
DG  "C1'"  C  N R 170 
DG  N9     N  Y N 171 
DG  C8     C  Y N 172 
DG  N7     N  Y N 173 
DG  C5     C  Y N 174 
DG  C6     C  N N 175 
DG  O6     O  N N 176 
DG  N1     N  N N 177 
DG  C2     C  N N 178 
DG  N2     N  N N 179 
DG  N3     N  N N 180 
DG  C4     C  Y N 181 
DG  HOP3   H  N N 182 
DG  HOP2   H  N N 183 
DG  "H5'"  H  N N 184 
DG  "H5''" H  N N 185 
DG  "H4'"  H  N N 186 
DG  "H3'"  H  N N 187 
DG  "HO3'" H  N N 188 
DG  "H2'"  H  N N 189 
DG  "H2''" H  N N 190 
DG  "H1'"  H  N N 191 
DG  H8     H  N N 192 
DG  H1     H  N N 193 
DG  H21    H  N N 194 
DG  H22    H  N N 195 
DT  OP3    O  N N 196 
DT  P      P  N N 197 
DT  OP1    O  N N 198 
DT  OP2    O  N N 199 
DT  "O5'"  O  N N 200 
DT  "C5'"  C  N N 201 
DT  "C4'"  C  N R 202 
DT  "O4'"  O  N N 203 
DT  "C3'"  C  N S 204 
DT  "O3'"  O  N N 205 
DT  "C2'"  C  N N 206 
DT  "C1'"  C  N R 207 
DT  N1     N  N N 208 
DT  C2     C  N N 209 
DT  O2     O  N N 210 
DT  N3     N  N N 211 
DT  C4     C  N N 212 
DT  O4     O  N N 213 
DT  C5     C  N N 214 
DT  C7     C  N N 215 
DT  C6     C  N N 216 
DT  HOP3   H  N N 217 
DT  HOP2   H  N N 218 
DT  "H5'"  H  N N 219 
DT  "H5''" H  N N 220 
DT  "H4'"  H  N N 221 
DT  "H3'"  H  N N 222 
DT  "HO3'" H  N N 223 
DT  "H2'"  H  N N 224 
DT  "H2''" H  N N 225 
DT  "H1'"  H  N N 226 
DT  H3     H  N N 227 
DT  H71    H  N N 228 
DT  H72    H  N N 229 
DT  H73    H  N N 230 
DT  H6     H  N N 231 
GLN N      N  N N 232 
GLN CA     C  N S 233 
GLN C      C  N N 234 
GLN O      O  N N 235 
GLN CB     C  N N 236 
GLN CG     C  N N 237 
GLN CD     C  N N 238 
GLN OE1    O  N N 239 
GLN NE2    N  N N 240 
GLN OXT    O  N N 241 
GLN H      H  N N 242 
GLN H2     H  N N 243 
GLN HA     H  N N 244 
GLN HB2    H  N N 245 
GLN HB3    H  N N 246 
GLN HG2    H  N N 247 
GLN HG3    H  N N 248 
GLN HE21   H  N N 249 
GLN HE22   H  N N 250 
GLN HXT    H  N N 251 
GLU N      N  N N 252 
GLU CA     C  N S 253 
GLU C      C  N N 254 
GLU O      O  N N 255 
GLU CB     C  N N 256 
GLU CG     C  N N 257 
GLU CD     C  N N 258 
GLU OE1    O  N N 259 
GLU OE2    O  N N 260 
GLU OXT    O  N N 261 
GLU H      H  N N 262 
GLU H2     H  N N 263 
GLU HA     H  N N 264 
GLU HB2    H  N N 265 
GLU HB3    H  N N 266 
GLU HG2    H  N N 267 
GLU HG3    H  N N 268 
GLU HE2    H  N N 269 
GLU HXT    H  N N 270 
GLY N      N  N N 271 
GLY CA     C  N N 272 
GLY C      C  N N 273 
GLY O      O  N N 274 
GLY OXT    O  N N 275 
GLY H      H  N N 276 
GLY H2     H  N N 277 
GLY HA2    H  N N 278 
GLY HA3    H  N N 279 
GLY HXT    H  N N 280 
HIS N      N  N N 281 
HIS CA     C  N S 282 
HIS C      C  N N 283 
HIS O      O  N N 284 
HIS CB     C  N N 285 
HIS CG     C  Y N 286 
HIS ND1    N  Y N 287 
HIS CD2    C  Y N 288 
HIS CE1    C  Y N 289 
HIS NE2    N  Y N 290 
HIS OXT    O  N N 291 
HIS H      H  N N 292 
HIS H2     H  N N 293 
HIS HA     H  N N 294 
HIS HB2    H  N N 295 
HIS HB3    H  N N 296 
HIS HD1    H  N N 297 
HIS HD2    H  N N 298 
HIS HE1    H  N N 299 
HIS HE2    H  N N 300 
HIS HXT    H  N N 301 
HOH O      O  N N 302 
HOH H1     H  N N 303 
HOH H2     H  N N 304 
ILE N      N  N N 305 
ILE CA     C  N S 306 
ILE C      C  N N 307 
ILE O      O  N N 308 
ILE CB     C  N S 309 
ILE CG1    C  N N 310 
ILE CG2    C  N N 311 
ILE CD1    C  N N 312 
ILE OXT    O  N N 313 
ILE H      H  N N 314 
ILE H2     H  N N 315 
ILE HA     H  N N 316 
ILE HB     H  N N 317 
ILE HG12   H  N N 318 
ILE HG13   H  N N 319 
ILE HG21   H  N N 320 
ILE HG22   H  N N 321 
ILE HG23   H  N N 322 
ILE HD11   H  N N 323 
ILE HD12   H  N N 324 
ILE HD13   H  N N 325 
ILE HXT    H  N N 326 
LEU N      N  N N 327 
LEU CA     C  N S 328 
LEU C      C  N N 329 
LEU O      O  N N 330 
LEU CB     C  N N 331 
LEU CG     C  N N 332 
LEU CD1    C  N N 333 
LEU CD2    C  N N 334 
LEU OXT    O  N N 335 
LEU H      H  N N 336 
LEU H2     H  N N 337 
LEU HA     H  N N 338 
LEU HB2    H  N N 339 
LEU HB3    H  N N 340 
LEU HG     H  N N 341 
LEU HD11   H  N N 342 
LEU HD12   H  N N 343 
LEU HD13   H  N N 344 
LEU HD21   H  N N 345 
LEU HD22   H  N N 346 
LEU HD23   H  N N 347 
LEU HXT    H  N N 348 
LYS N      N  N N 349 
LYS CA     C  N S 350 
LYS C      C  N N 351 
LYS O      O  N N 352 
LYS CB     C  N N 353 
LYS CG     C  N N 354 
LYS CD     C  N N 355 
LYS CE     C  N N 356 
LYS NZ     N  N N 357 
LYS OXT    O  N N 358 
LYS H      H  N N 359 
LYS H2     H  N N 360 
LYS HA     H  N N 361 
LYS HB2    H  N N 362 
LYS HB3    H  N N 363 
LYS HG2    H  N N 364 
LYS HG3    H  N N 365 
LYS HD2    H  N N 366 
LYS HD3    H  N N 367 
LYS HE2    H  N N 368 
LYS HE3    H  N N 369 
LYS HZ1    H  N N 370 
LYS HZ2    H  N N 371 
LYS HZ3    H  N N 372 
LYS HXT    H  N N 373 
MET N      N  N N 374 
MET CA     C  N S 375 
MET C      C  N N 376 
MET O      O  N N 377 
MET CB     C  N N 378 
MET CG     C  N N 379 
MET SD     S  N N 380 
MET CE     C  N N 381 
MET OXT    O  N N 382 
MET H      H  N N 383 
MET H2     H  N N 384 
MET HA     H  N N 385 
MET HB2    H  N N 386 
MET HB3    H  N N 387 
MET HG2    H  N N 388 
MET HG3    H  N N 389 
MET HE1    H  N N 390 
MET HE2    H  N N 391 
MET HE3    H  N N 392 
MET HXT    H  N N 393 
PHE N      N  N N 394 
PHE CA     C  N S 395 
PHE C      C  N N 396 
PHE O      O  N N 397 
PHE CB     C  N N 398 
PHE CG     C  Y N 399 
PHE CD1    C  Y N 400 
PHE CD2    C  Y N 401 
PHE CE1    C  Y N 402 
PHE CE2    C  Y N 403 
PHE CZ     C  Y N 404 
PHE OXT    O  N N 405 
PHE H      H  N N 406 
PHE H2     H  N N 407 
PHE HA     H  N N 408 
PHE HB2    H  N N 409 
PHE HB3    H  N N 410 
PHE HD1    H  N N 411 
PHE HD2    H  N N 412 
PHE HE1    H  N N 413 
PHE HE2    H  N N 414 
PHE HZ     H  N N 415 
PHE HXT    H  N N 416 
PRO N      N  N N 417 
PRO CA     C  N S 418 
PRO C      C  N N 419 
PRO O      O  N N 420 
PRO CB     C  N N 421 
PRO CG     C  N N 422 
PRO CD     C  N N 423 
PRO OXT    O  N N 424 
PRO H      H  N N 425 
PRO HA     H  N N 426 
PRO HB2    H  N N 427 
PRO HB3    H  N N 428 
PRO HG2    H  N N 429 
PRO HG3    H  N N 430 
PRO HD2    H  N N 431 
PRO HD3    H  N N 432 
PRO HXT    H  N N 433 
SER N      N  N N 434 
SER CA     C  N S 435 
SER C      C  N N 436 
SER O      O  N N 437 
SER CB     C  N N 438 
SER OG     O  N N 439 
SER OXT    O  N N 440 
SER H      H  N N 441 
SER H2     H  N N 442 
SER HA     H  N N 443 
SER HB2    H  N N 444 
SER HB3    H  N N 445 
SER HG     H  N N 446 
SER HXT    H  N N 447 
THR N      N  N N 448 
THR CA     C  N S 449 
THR C      C  N N 450 
THR O      O  N N 451 
THR CB     C  N R 452 
THR OG1    O  N N 453 
THR CG2    C  N N 454 
THR OXT    O  N N 455 
THR H      H  N N 456 
THR H2     H  N N 457 
THR HA     H  N N 458 
THR HB     H  N N 459 
THR HG1    H  N N 460 
THR HG21   H  N N 461 
THR HG22   H  N N 462 
THR HG23   H  N N 463 
THR HXT    H  N N 464 
TRP N      N  N N 465 
TRP CA     C  N S 466 
TRP C      C  N N 467 
TRP O      O  N N 468 
TRP CB     C  N N 469 
TRP CG     C  Y N 470 
TRP CD1    C  Y N 471 
TRP CD2    C  Y N 472 
TRP NE1    N  Y N 473 
TRP CE2    C  Y N 474 
TRP CE3    C  Y N 475 
TRP CZ2    C  Y N 476 
TRP CZ3    C  Y N 477 
TRP CH2    C  Y N 478 
TRP OXT    O  N N 479 
TRP H      H  N N 480 
TRP H2     H  N N 481 
TRP HA     H  N N 482 
TRP HB2    H  N N 483 
TRP HB3    H  N N 484 
TRP HD1    H  N N 485 
TRP HE1    H  N N 486 
TRP HE3    H  N N 487 
TRP HZ2    H  N N 488 
TRP HZ3    H  N N 489 
TRP HH2    H  N N 490 
TRP HXT    H  N N 491 
TYR N      N  N N 492 
TYR CA     C  N S 493 
TYR C      C  N N 494 
TYR O      O  N N 495 
TYR CB     C  N N 496 
TYR CG     C  Y N 497 
TYR CD1    C  Y N 498 
TYR CD2    C  Y N 499 
TYR CE1    C  Y N 500 
TYR CE2    C  Y N 501 
TYR CZ     C  Y N 502 
TYR OH     O  N N 503 
TYR OXT    O  N N 504 
TYR H      H  N N 505 
TYR H2     H  N N 506 
TYR HA     H  N N 507 
TYR HB2    H  N N 508 
TYR HB3    H  N N 509 
TYR HD1    H  N N 510 
TYR HD2    H  N N 511 
TYR HE1    H  N N 512 
TYR HE2    H  N N 513 
TYR HH     H  N N 514 
TYR HXT    H  N N 515 
VAL N      N  N N 516 
VAL CA     C  N S 517 
VAL C      C  N N 518 
VAL O      O  N N 519 
VAL CB     C  N N 520 
VAL CG1    C  N N 521 
VAL CG2    C  N N 522 
VAL OXT    O  N N 523 
VAL H      H  N N 524 
VAL H2     H  N N 525 
VAL HA     H  N N 526 
VAL HB     H  N N 527 
VAL HG11   H  N N 528 
VAL HG12   H  N N 529 
VAL HG13   H  N N 530 
VAL HG21   H  N N 531 
VAL HG22   H  N N 532 
VAL HG23   H  N N 533 
VAL HXT    H  N N 534 
# 
loop_
_chem_comp_bond.comp_id 
_chem_comp_bond.atom_id_1 
_chem_comp_bond.atom_id_2 
_chem_comp_bond.value_order 
_chem_comp_bond.pdbx_aromatic_flag 
_chem_comp_bond.pdbx_stereo_config 
_chem_comp_bond.pdbx_ordinal 
ALA N     CA     sing N N 1   
ALA N     H      sing N N 2   
ALA N     H2     sing N N 3   
ALA CA    C      sing N N 4   
ALA CA    CB     sing N N 5   
ALA CA    HA     sing N N 6   
ALA C     O      doub N N 7   
ALA C     OXT    sing N N 8   
ALA CB    HB1    sing N N 9   
ALA CB    HB2    sing N N 10  
ALA CB    HB3    sing N N 11  
ALA OXT   HXT    sing N N 12  
ARG N     CA     sing N N 13  
ARG N     H      sing N N 14  
ARG N     H2     sing N N 15  
ARG CA    C      sing N N 16  
ARG CA    CB     sing N N 17  
ARG CA    HA     sing N N 18  
ARG C     O      doub N N 19  
ARG C     OXT    sing N N 20  
ARG CB    CG     sing N N 21  
ARG CB    HB2    sing N N 22  
ARG CB    HB3    sing N N 23  
ARG CG    CD     sing N N 24  
ARG CG    HG2    sing N N 25  
ARG CG    HG3    sing N N 26  
ARG CD    NE     sing N N 27  
ARG CD    HD2    sing N N 28  
ARG CD    HD3    sing N N 29  
ARG NE    CZ     sing N N 30  
ARG NE    HE     sing N N 31  
ARG CZ    NH1    sing N N 32  
ARG CZ    NH2    doub N N 33  
ARG NH1   HH11   sing N N 34  
ARG NH1   HH12   sing N N 35  
ARG NH2   HH21   sing N N 36  
ARG NH2   HH22   sing N N 37  
ARG OXT   HXT    sing N N 38  
ASN N     CA     sing N N 39  
ASN N     H      sing N N 40  
ASN N     H2     sing N N 41  
ASN CA    C      sing N N 42  
ASN CA    CB     sing N N 43  
ASN CA    HA     sing N N 44  
ASN C     O      doub N N 45  
ASN C     OXT    sing N N 46  
ASN CB    CG     sing N N 47  
ASN CB    HB2    sing N N 48  
ASN CB    HB3    sing N N 49  
ASN CG    OD1    doub N N 50  
ASN CG    ND2    sing N N 51  
ASN ND2   HD21   sing N N 52  
ASN ND2   HD22   sing N N 53  
ASN OXT   HXT    sing N N 54  
ASP N     CA     sing N N 55  
ASP N     H      sing N N 56  
ASP N     H2     sing N N 57  
ASP CA    C      sing N N 58  
ASP CA    CB     sing N N 59  
ASP CA    HA     sing N N 60  
ASP C     O      doub N N 61  
ASP C     OXT    sing N N 62  
ASP CB    CG     sing N N 63  
ASP CB    HB2    sing N N 64  
ASP CB    HB3    sing N N 65  
ASP CG    OD1    doub N N 66  
ASP CG    OD2    sing N N 67  
ASP OD2   HD2    sing N N 68  
ASP OXT   HXT    sing N N 69  
CYS N     CA     sing N N 70  
CYS N     H      sing N N 71  
CYS N     H2     sing N N 72  
CYS CA    C      sing N N 73  
CYS CA    CB     sing N N 74  
CYS CA    HA     sing N N 75  
CYS C     O      doub N N 76  
CYS C     OXT    sing N N 77  
CYS CB    SG     sing N N 78  
CYS CB    HB2    sing N N 79  
CYS CB    HB3    sing N N 80  
CYS SG    HG     sing N N 81  
CYS OXT   HXT    sing N N 82  
DA  OP3   P      sing N N 83  
DA  OP3   HOP3   sing N N 84  
DA  P     OP1    doub N N 85  
DA  P     OP2    sing N N 86  
DA  P     "O5'"  sing N N 87  
DA  OP2   HOP2   sing N N 88  
DA  "O5'" "C5'"  sing N N 89  
DA  "C5'" "C4'"  sing N N 90  
DA  "C5'" "H5'"  sing N N 91  
DA  "C5'" "H5''" sing N N 92  
DA  "C4'" "O4'"  sing N N 93  
DA  "C4'" "C3'"  sing N N 94  
DA  "C4'" "H4'"  sing N N 95  
DA  "O4'" "C1'"  sing N N 96  
DA  "C3'" "O3'"  sing N N 97  
DA  "C3'" "C2'"  sing N N 98  
DA  "C3'" "H3'"  sing N N 99  
DA  "O3'" "HO3'" sing N N 100 
DA  "C2'" "C1'"  sing N N 101 
DA  "C2'" "H2'"  sing N N 102 
DA  "C2'" "H2''" sing N N 103 
DA  "C1'" N9     sing N N 104 
DA  "C1'" "H1'"  sing N N 105 
DA  N9    C8     sing Y N 106 
DA  N9    C4     sing Y N 107 
DA  C8    N7     doub Y N 108 
DA  C8    H8     sing N N 109 
DA  N7    C5     sing Y N 110 
DA  C5    C6     sing Y N 111 
DA  C5    C4     doub Y N 112 
DA  C6    N6     sing N N 113 
DA  C6    N1     doub Y N 114 
DA  N6    H61    sing N N 115 
DA  N6    H62    sing N N 116 
DA  N1    C2     sing Y N 117 
DA  C2    N3     doub Y N 118 
DA  C2    H2     sing N N 119 
DA  N3    C4     sing Y N 120 
DC  OP3   P      sing N N 121 
DC  OP3   HOP3   sing N N 122 
DC  P     OP1    doub N N 123 
DC  P     OP2    sing N N 124 
DC  P     "O5'"  sing N N 125 
DC  OP2   HOP2   sing N N 126 
DC  "O5'" "C5'"  sing N N 127 
DC  "C5'" "C4'"  sing N N 128 
DC  "C5'" "H5'"  sing N N 129 
DC  "C5'" "H5''" sing N N 130 
DC  "C4'" "O4'"  sing N N 131 
DC  "C4'" "C3'"  sing N N 132 
DC  "C4'" "H4'"  sing N N 133 
DC  "O4'" "C1'"  sing N N 134 
DC  "C3'" "O3'"  sing N N 135 
DC  "C3'" "C2'"  sing N N 136 
DC  "C3'" "H3'"  sing N N 137 
DC  "O3'" "HO3'" sing N N 138 
DC  "C2'" "C1'"  sing N N 139 
DC  "C2'" "H2'"  sing N N 140 
DC  "C2'" "H2''" sing N N 141 
DC  "C1'" N1     sing N N 142 
DC  "C1'" "H1'"  sing N N 143 
DC  N1    C2     sing N N 144 
DC  N1    C6     sing N N 145 
DC  C2    O2     doub N N 146 
DC  C2    N3     sing N N 147 
DC  N3    C4     doub N N 148 
DC  C4    N4     sing N N 149 
DC  C4    C5     sing N N 150 
DC  N4    H41    sing N N 151 
DC  N4    H42    sing N N 152 
DC  C5    C6     doub N N 153 
DC  C5    H5     sing N N 154 
DC  C6    H6     sing N N 155 
DG  OP3   P      sing N N 156 
DG  OP3   HOP3   sing N N 157 
DG  P     OP1    doub N N 158 
DG  P     OP2    sing N N 159 
DG  P     "O5'"  sing N N 160 
DG  OP2   HOP2   sing N N 161 
DG  "O5'" "C5'"  sing N N 162 
DG  "C5'" "C4'"  sing N N 163 
DG  "C5'" "H5'"  sing N N 164 
DG  "C5'" "H5''" sing N N 165 
DG  "C4'" "O4'"  sing N N 166 
DG  "C4'" "C3'"  sing N N 167 
DG  "C4'" "H4'"  sing N N 168 
DG  "O4'" "C1'"  sing N N 169 
DG  "C3'" "O3'"  sing N N 170 
DG  "C3'" "C2'"  sing N N 171 
DG  "C3'" "H3'"  sing N N 172 
DG  "O3'" "HO3'" sing N N 173 
DG  "C2'" "C1'"  sing N N 174 
DG  "C2'" "H2'"  sing N N 175 
DG  "C2'" "H2''" sing N N 176 
DG  "C1'" N9     sing N N 177 
DG  "C1'" "H1'"  sing N N 178 
DG  N9    C8     sing Y N 179 
DG  N9    C4     sing Y N 180 
DG  C8    N7     doub Y N 181 
DG  C8    H8     sing N N 182 
DG  N7    C5     sing Y N 183 
DG  C5    C6     sing N N 184 
DG  C5    C4     doub Y N 185 
DG  C6    O6     doub N N 186 
DG  C6    N1     sing N N 187 
DG  N1    C2     sing N N 188 
DG  N1    H1     sing N N 189 
DG  C2    N2     sing N N 190 
DG  C2    N3     doub N N 191 
DG  N2    H21    sing N N 192 
DG  N2    H22    sing N N 193 
DG  N3    C4     sing N N 194 
DT  OP3   P      sing N N 195 
DT  OP3   HOP3   sing N N 196 
DT  P     OP1    doub N N 197 
DT  P     OP2    sing N N 198 
DT  P     "O5'"  sing N N 199 
DT  OP2   HOP2   sing N N 200 
DT  "O5'" "C5'"  sing N N 201 
DT  "C5'" "C4'"  sing N N 202 
DT  "C5'" "H5'"  sing N N 203 
DT  "C5'" "H5''" sing N N 204 
DT  "C4'" "O4'"  sing N N 205 
DT  "C4'" "C3'"  sing N N 206 
DT  "C4'" "H4'"  sing N N 207 
DT  "O4'" "C1'"  sing N N 208 
DT  "C3'" "O3'"  sing N N 209 
DT  "C3'" "C2'"  sing N N 210 
DT  "C3'" "H3'"  sing N N 211 
DT  "O3'" "HO3'" sing N N 212 
DT  "C2'" "C1'"  sing N N 213 
DT  "C2'" "H2'"  sing N N 214 
DT  "C2'" "H2''" sing N N 215 
DT  "C1'" N1     sing N N 216 
DT  "C1'" "H1'"  sing N N 217 
DT  N1    C2     sing N N 218 
DT  N1    C6     sing N N 219 
DT  C2    O2     doub N N 220 
DT  C2    N3     sing N N 221 
DT  N3    C4     sing N N 222 
DT  N3    H3     sing N N 223 
DT  C4    O4     doub N N 224 
DT  C4    C5     sing N N 225 
DT  C5    C7     sing N N 226 
DT  C5    C6     doub N N 227 
DT  C7    H71    sing N N 228 
DT  C7    H72    sing N N 229 
DT  C7    H73    sing N N 230 
DT  C6    H6     sing N N 231 
GLN N     CA     sing N N 232 
GLN N     H      sing N N 233 
GLN N     H2     sing N N 234 
GLN CA    C      sing N N 235 
GLN CA    CB     sing N N 236 
GLN CA    HA     sing N N 237 
GLN C     O      doub N N 238 
GLN C     OXT    sing N N 239 
GLN CB    CG     sing N N 240 
GLN CB    HB2    sing N N 241 
GLN CB    HB3    sing N N 242 
GLN CG    CD     sing N N 243 
GLN CG    HG2    sing N N 244 
GLN CG    HG3    sing N N 245 
GLN CD    OE1    doub N N 246 
GLN CD    NE2    sing N N 247 
GLN NE2   HE21   sing N N 248 
GLN NE2   HE22   sing N N 249 
GLN OXT   HXT    sing N N 250 
GLU N     CA     sing N N 251 
GLU N     H      sing N N 252 
GLU N     H2     sing N N 253 
GLU CA    C      sing N N 254 
GLU CA    CB     sing N N 255 
GLU CA    HA     sing N N 256 
GLU C     O      doub N N 257 
GLU C     OXT    sing N N 258 
GLU CB    CG     sing N N 259 
GLU CB    HB2    sing N N 260 
GLU CB    HB3    sing N N 261 
GLU CG    CD     sing N N 262 
GLU CG    HG2    sing N N 263 
GLU CG    HG3    sing N N 264 
GLU CD    OE1    doub N N 265 
GLU CD    OE2    sing N N 266 
GLU OE2   HE2    sing N N 267 
GLU OXT   HXT    sing N N 268 
GLY N     CA     sing N N 269 
GLY N     H      sing N N 270 
GLY N     H2     sing N N 271 
GLY CA    C      sing N N 272 
GLY CA    HA2    sing N N 273 
GLY CA    HA3    sing N N 274 
GLY C     O      doub N N 275 
GLY C     OXT    sing N N 276 
GLY OXT   HXT    sing N N 277 
HIS N     CA     sing N N 278 
HIS N     H      sing N N 279 
HIS N     H2     sing N N 280 
HIS CA    C      sing N N 281 
HIS CA    CB     sing N N 282 
HIS CA    HA     sing N N 283 
HIS C     O      doub N N 284 
HIS C     OXT    sing N N 285 
HIS CB    CG     sing N N 286 
HIS CB    HB2    sing N N 287 
HIS CB    HB3    sing N N 288 
HIS CG    ND1    sing Y N 289 
HIS CG    CD2    doub Y N 290 
HIS ND1   CE1    doub Y N 291 
HIS ND1   HD1    sing N N 292 
HIS CD2   NE2    sing Y N 293 
HIS CD2   HD2    sing N N 294 
HIS CE1   NE2    sing Y N 295 
HIS CE1   HE1    sing N N 296 
HIS NE2   HE2    sing N N 297 
HIS OXT   HXT    sing N N 298 
HOH O     H1     sing N N 299 
HOH O     H2     sing N N 300 
ILE N     CA     sing N N 301 
ILE N     H      sing N N 302 
ILE N     H2     sing N N 303 
ILE CA    C      sing N N 304 
ILE CA    CB     sing N N 305 
ILE CA    HA     sing N N 306 
ILE C     O      doub N N 307 
ILE C     OXT    sing N N 308 
ILE CB    CG1    sing N N 309 
ILE CB    CG2    sing N N 310 
ILE CB    HB     sing N N 311 
ILE CG1   CD1    sing N N 312 
ILE CG1   HG12   sing N N 313 
ILE CG1   HG13   sing N N 314 
ILE CG2   HG21   sing N N 315 
ILE CG2   HG22   sing N N 316 
ILE CG2   HG23   sing N N 317 
ILE CD1   HD11   sing N N 318 
ILE CD1   HD12   sing N N 319 
ILE CD1   HD13   sing N N 320 
ILE OXT   HXT    sing N N 321 
LEU N     CA     sing N N 322 
LEU N     H      sing N N 323 
LEU N     H2     sing N N 324 
LEU CA    C      sing N N 325 
LEU CA    CB     sing N N 326 
LEU CA    HA     sing N N 327 
LEU C     O      doub N N 328 
LEU C     OXT    sing N N 329 
LEU CB    CG     sing N N 330 
LEU CB    HB2    sing N N 331 
LEU CB    HB3    sing N N 332 
LEU CG    CD1    sing N N 333 
LEU CG    CD2    sing N N 334 
LEU CG    HG     sing N N 335 
LEU CD1   HD11   sing N N 336 
LEU CD1   HD12   sing N N 337 
LEU CD1   HD13   sing N N 338 
LEU CD2   HD21   sing N N 339 
LEU CD2   HD22   sing N N 340 
LEU CD2   HD23   sing N N 341 
LEU OXT   HXT    sing N N 342 
LYS N     CA     sing N N 343 
LYS N     H      sing N N 344 
LYS N     H2     sing N N 345 
LYS CA    C      sing N N 346 
LYS CA    CB     sing N N 347 
LYS CA    HA     sing N N 348 
LYS C     O      doub N N 349 
LYS C     OXT    sing N N 350 
LYS CB    CG     sing N N 351 
LYS CB    HB2    sing N N 352 
LYS CB    HB3    sing N N 353 
LYS CG    CD     sing N N 354 
LYS CG    HG2    sing N N 355 
LYS CG    HG3    sing N N 356 
LYS CD    CE     sing N N 357 
LYS CD    HD2    sing N N 358 
LYS CD    HD3    sing N N 359 
LYS CE    NZ     sing N N 360 
LYS CE    HE2    sing N N 361 
LYS CE    HE3    sing N N 362 
LYS NZ    HZ1    sing N N 363 
LYS NZ    HZ2    sing N N 364 
LYS NZ    HZ3    sing N N 365 
LYS OXT   HXT    sing N N 366 
MET N     CA     sing N N 367 
MET N     H      sing N N 368 
MET N     H2     sing N N 369 
MET CA    C      sing N N 370 
MET CA    CB     sing N N 371 
MET CA    HA     sing N N 372 
MET C     O      doub N N 373 
MET C     OXT    sing N N 374 
MET CB    CG     sing N N 375 
MET CB    HB2    sing N N 376 
MET CB    HB3    sing N N 377 
MET CG    SD     sing N N 378 
MET CG    HG2    sing N N 379 
MET CG    HG3    sing N N 380 
MET SD    CE     sing N N 381 
MET CE    HE1    sing N N 382 
MET CE    HE2    sing N N 383 
MET CE    HE3    sing N N 384 
MET OXT   HXT    sing N N 385 
PHE N     CA     sing N N 386 
PHE N     H      sing N N 387 
PHE N     H2     sing N N 388 
PHE CA    C      sing N N 389 
PHE CA    CB     sing N N 390 
PHE CA    HA     sing N N 391 
PHE C     O      doub N N 392 
PHE C     OXT    sing N N 393 
PHE CB    CG     sing N N 394 
PHE CB    HB2    sing N N 395 
PHE CB    HB3    sing N N 396 
PHE CG    CD1    doub Y N 397 
PHE CG    CD2    sing Y N 398 
PHE CD1   CE1    sing Y N 399 
PHE CD1   HD1    sing N N 400 
PHE CD2   CE2    doub Y N 401 
PHE CD2   HD2    sing N N 402 
PHE CE1   CZ     doub Y N 403 
PHE CE1   HE1    sing N N 404 
PHE CE2   CZ     sing Y N 405 
PHE CE2   HE2    sing N N 406 
PHE CZ    HZ     sing N N 407 
PHE OXT   HXT    sing N N 408 
PRO N     CA     sing N N 409 
PRO N     CD     sing N N 410 
PRO N     H      sing N N 411 
PRO CA    C      sing N N 412 
PRO CA    CB     sing N N 413 
PRO CA    HA     sing N N 414 
PRO C     O      doub N N 415 
PRO C     OXT    sing N N 416 
PRO CB    CG     sing N N 417 
PRO CB    HB2    sing N N 418 
PRO CB    HB3    sing N N 419 
PRO CG    CD     sing N N 420 
PRO CG    HG2    sing N N 421 
PRO CG    HG3    sing N N 422 
PRO CD    HD2    sing N N 423 
PRO CD    HD3    sing N N 424 
PRO OXT   HXT    sing N N 425 
SER N     CA     sing N N 426 
SER N     H      sing N N 427 
SER N     H2     sing N N 428 
SER CA    C      sing N N 429 
SER CA    CB     sing N N 430 
SER CA    HA     sing N N 431 
SER C     O      doub N N 432 
SER C     OXT    sing N N 433 
SER CB    OG     sing N N 434 
SER CB    HB2    sing N N 435 
SER CB    HB3    sing N N 436 
SER OG    HG     sing N N 437 
SER OXT   HXT    sing N N 438 
THR N     CA     sing N N 439 
THR N     H      sing N N 440 
THR N     H2     sing N N 441 
THR CA    C      sing N N 442 
THR CA    CB     sing N N 443 
THR CA    HA     sing N N 444 
THR C     O      doub N N 445 
THR C     OXT    sing N N 446 
THR CB    OG1    sing N N 447 
THR CB    CG2    sing N N 448 
THR CB    HB     sing N N 449 
THR OG1   HG1    sing N N 450 
THR CG2   HG21   sing N N 451 
THR CG2   HG22   sing N N 452 
THR CG2   HG23   sing N N 453 
THR OXT   HXT    sing N N 454 
TRP N     CA     sing N N 455 
TRP N     H      sing N N 456 
TRP N     H2     sing N N 457 
TRP CA    C      sing N N 458 
TRP CA    CB     sing N N 459 
TRP CA    HA     sing N N 460 
TRP C     O      doub N N 461 
TRP C     OXT    sing N N 462 
TRP CB    CG     sing N N 463 
TRP CB    HB2    sing N N 464 
TRP CB    HB3    sing N N 465 
TRP CG    CD1    doub Y N 466 
TRP CG    CD2    sing Y N 467 
TRP CD1   NE1    sing Y N 468 
TRP CD1   HD1    sing N N 469 
TRP CD2   CE2    doub Y N 470 
TRP CD2   CE3    sing Y N 471 
TRP NE1   CE2    sing Y N 472 
TRP NE1   HE1    sing N N 473 
TRP CE2   CZ2    sing Y N 474 
TRP CE3   CZ3    doub Y N 475 
TRP CE3   HE3    sing N N 476 
TRP CZ2   CH2    doub Y N 477 
TRP CZ2   HZ2    sing N N 478 
TRP CZ3   CH2    sing Y N 479 
TRP CZ3   HZ3    sing N N 480 
TRP CH2   HH2    sing N N 481 
TRP OXT   HXT    sing N N 482 
TYR N     CA     sing N N 483 
TYR N     H      sing N N 484 
TYR N     H2     sing N N 485 
TYR CA    C      sing N N 486 
TYR CA    CB     sing N N 487 
TYR CA    HA     sing N N 488 
TYR C     O      doub N N 489 
TYR C     OXT    sing N N 490 
TYR CB    CG     sing N N 491 
TYR CB    HB2    sing N N 492 
TYR CB    HB3    sing N N 493 
TYR CG    CD1    doub Y N 494 
TYR CG    CD2    sing Y N 495 
TYR CD1   CE1    sing Y N 496 
TYR CD1   HD1    sing N N 497 
TYR CD2   CE2    doub Y N 498 
TYR CD2   HD2    sing N N 499 
TYR CE1   CZ     doub Y N 500 
TYR CE1   HE1    sing N N 501 
TYR CE2   CZ     sing Y N 502 
TYR CE2   HE2    sing N N 503 
TYR CZ    OH     sing N N 504 
TYR OH    HH     sing N N 505 
TYR OXT   HXT    sing N N 506 
VAL N     CA     sing N N 507 
VAL N     H      sing N N 508 
VAL N     H2     sing N N 509 
VAL CA    C      sing N N 510 
VAL CA    CB     sing N N 511 
VAL CA    HA     sing N N 512 
VAL C     O      doub N N 513 
VAL C     OXT    sing N N 514 
VAL CB    CG1    sing N N 515 
VAL CB    CG2    sing N N 516 
VAL CB    HB     sing N N 517 
VAL CG1   HG11   sing N N 518 
VAL CG1   HG12   sing N N 519 
VAL CG1   HG13   sing N N 520 
VAL CG2   HG21   sing N N 521 
VAL CG2   HG22   sing N N 522 
VAL CG2   HG23   sing N N 523 
VAL OXT   HXT    sing N N 524 
# 
loop_
_ndb_struct_conf_na.entry_id 
_ndb_struct_conf_na.feature 
4UNO 'double helix'        
4UNO 'b-form double helix' 
# 
loop_
_ndb_struct_na_base_pair.model_number 
_ndb_struct_na_base_pair.i_label_asym_id 
_ndb_struct_na_base_pair.i_label_comp_id 
_ndb_struct_na_base_pair.i_label_seq_id 
_ndb_struct_na_base_pair.i_symmetry 
_ndb_struct_na_base_pair.j_label_asym_id 
_ndb_struct_na_base_pair.j_label_comp_id 
_ndb_struct_na_base_pair.j_label_seq_id 
_ndb_struct_na_base_pair.j_symmetry 
_ndb_struct_na_base_pair.shear 
_ndb_struct_na_base_pair.stretch 
_ndb_struct_na_base_pair.stagger 
_ndb_struct_na_base_pair.buckle 
_ndb_struct_na_base_pair.propeller 
_ndb_struct_na_base_pair.opening 
_ndb_struct_na_base_pair.pair_number 
_ndb_struct_na_base_pair.pair_name 
_ndb_struct_na_base_pair.i_auth_asym_id 
_ndb_struct_na_base_pair.i_auth_seq_id 
_ndb_struct_na_base_pair.i_PDB_ins_code 
_ndb_struct_na_base_pair.j_auth_asym_id 
_ndb_struct_na_base_pair.j_auth_seq_id 
_ndb_struct_na_base_pair.j_PDB_ins_code 
_ndb_struct_na_base_pair.hbond_type_28 
_ndb_struct_na_base_pair.hbond_type_12 
1 B DA 1 1_555 C DT 9 1_555 0.001  -0.131 -0.057 4.050   -7.212  1.176  1 B_DA1:DT9_C B 1 ? C 9 ? 20 1 
1 B DC 2 1_555 C DG 8 1_555 0.347  -0.120 -0.168 5.156   -14.073 2.062  2 B_DC2:DG8_C B 2 ? C 8 ? 19 1 
1 B DC 3 1_555 C DG 7 1_555 0.321  -0.122 0.458  -16.336 -4.363  -0.206 3 B_DC3:DG7_C B 3 ? C 7 ? 19 1 
1 B DG 4 1_555 C DC 6 1_555 -0.381 -0.027 -0.156 0.164   -4.195  0.164  4 B_DG4:DC6_C B 4 ? C 6 ? 19 1 
1 B DG 5 1_555 C DC 5 1_555 -0.387 -0.065 0.041  2.389   -9.756  2.254  5 B_DG5:DC5_C B 5 ? C 5 ? 19 1 
1 B DA 6 1_555 C DT 4 1_555 0.167  -0.136 0.048  5.202   -17.243 1.687  6 B_DA6:DT4_C B 6 ? C 4 ? 20 1 
1 B DA 7 1_555 C DT 3 1_555 0.194  -0.230 0.229  6.774   -14.967 0.889  7 B_DA7:DT3_C B 7 ? C 3 ? 20 1 
1 B DG 8 1_555 C DC 2 1_555 -0.124 -0.142 0.286  -4.277  -15.686 1.487  8 B_DG8:DC2_C B 8 ? C 2 ? 19 1 
1 B DT 9 1_555 C DA 1 1_555 -0.167 -0.090 -0.324 10.890  -0.569  -5.168 9 B_DT9:DA1_C B 9 ? C 1 ? 20 1 
# 
loop_
_ndb_struct_na_base_pair_step.model_number 
_ndb_struct_na_base_pair_step.i_label_asym_id_1 
_ndb_struct_na_base_pair_step.i_label_comp_id_1 
_ndb_struct_na_base_pair_step.i_label_seq_id_1 
_ndb_struct_na_base_pair_step.i_symmetry_1 
_ndb_struct_na_base_pair_step.j_label_asym_id_1 
_ndb_struct_na_base_pair_step.j_label_comp_id_1 
_ndb_struct_na_base_pair_step.j_label_seq_id_1 
_ndb_struct_na_base_pair_step.j_symmetry_1 
_ndb_struct_na_base_pair_step.i_label_asym_id_2 
_ndb_struct_na_base_pair_step.i_label_comp_id_2 
_ndb_struct_na_base_pair_step.i_label_seq_id_2 
_ndb_struct_na_base_pair_step.i_symmetry_2 
_ndb_struct_na_base_pair_step.j_label_asym_id_2 
_ndb_struct_na_base_pair_step.j_label_comp_id_2 
_ndb_struct_na_base_pair_step.j_label_seq_id_2 
_ndb_struct_na_base_pair_step.j_symmetry_2 
_ndb_struct_na_base_pair_step.shift 
_ndb_struct_na_base_pair_step.slide 
_ndb_struct_na_base_pair_step.rise 
_ndb_struct_na_base_pair_step.tilt 
_ndb_struct_na_base_pair_step.roll 
_ndb_struct_na_base_pair_step.twist 
_ndb_struct_na_base_pair_step.x_displacement 
_ndb_struct_na_base_pair_step.y_displacement 
_ndb_struct_na_base_pair_step.helical_rise 
_ndb_struct_na_base_pair_step.inclination 
_ndb_struct_na_base_pair_step.tip 
_ndb_struct_na_base_pair_step.helical_twist 
_ndb_struct_na_base_pair_step.step_number 
_ndb_struct_na_base_pair_step.step_name 
_ndb_struct_na_base_pair_step.i_auth_asym_id_1 
_ndb_struct_na_base_pair_step.i_auth_seq_id_1 
_ndb_struct_na_base_pair_step.i_PDB_ins_code_1 
_ndb_struct_na_base_pair_step.j_auth_asym_id_1 
_ndb_struct_na_base_pair_step.j_auth_seq_id_1 
_ndb_struct_na_base_pair_step.j_PDB_ins_code_1 
_ndb_struct_na_base_pair_step.i_auth_asym_id_2 
_ndb_struct_na_base_pair_step.i_auth_seq_id_2 
_ndb_struct_na_base_pair_step.i_PDB_ins_code_2 
_ndb_struct_na_base_pair_step.j_auth_asym_id_2 
_ndb_struct_na_base_pair_step.j_auth_seq_id_2 
_ndb_struct_na_base_pair_step.j_PDB_ins_code_2 
1 B DA 1 1_555 C DT 9 1_555 B DC 2 1_555 C DG 8 1_555 0.516  -0.571 3.251 -0.030 3.747  33.089 -1.612 -0.906 3.168 6.553  0.053   
33.294 1 BB_DA1DC2:DG8DT9_CC B 1 ? C 9 ? B 2 ? C 8 ? 
1 B DC 2 1_555 C DG 8 1_555 B DC 3 1_555 C DG 7 1_555 -0.181 -0.920 3.763 -5.287 8.474  33.722 -2.947 -0.588 3.428 14.224 8.874   
35.129 2 BB_DC2DC3:DG7DG8_CC B 2 ? C 8 ? B 3 ? C 7 ? 
1 B DC 3 1_555 C DG 7 1_555 B DG 4 1_555 C DC 6 1_555 0.616  0.506  3.059 7.113  4.192  31.089 0.189  0.119  3.159 7.653  -12.985 
32.140 3 BB_DC3DG4:DC6DG7_CC B 3 ? C 7 ? B 4 ? C 6 ? 
1 B DG 4 1_555 C DC 6 1_555 B DG 5 1_555 C DC 5 1_555 -1.389 -0.113 3.226 -5.938 5.209  31.136 -1.162 1.420  3.365 9.513  10.844  
32.099 4 BB_DG4DG5:DC5DC6_CC B 4 ? C 6 ? B 5 ? C 5 ? 
1 B DG 5 1_555 C DC 5 1_555 B DA 6 1_555 C DT 4 1_555 -0.258 -0.377 3.264 -1.477 5.615  30.412 -1.781 0.202  3.155 10.582 2.783   
30.948 5 BB_DG5DA6:DT4DC5_CC B 5 ? C 5 ? B 6 ? C 4 ? 
1 B DA 6 1_555 C DT 4 1_555 B DA 7 1_555 C DT 3 1_555 -0.089 -0.190 3.114 -1.037 5.223  32.138 -1.202 -0.013 3.047 9.355  1.858   
32.565 6 BB_DA6DA7:DT3DT4_CC B 6 ? C 4 ? B 7 ? C 3 ? 
1 B DA 7 1_555 C DT 3 1_555 B DG 8 1_555 C DC 2 1_555 0.498  -0.960 3.552 -2.484 -0.719 37.391 -1.393 -1.128 3.530 -1.120 3.869   
37.477 7 BB_DA7DG8:DC2DT3_CC B 7 ? C 3 ? B 8 ? C 2 ? 
1 B DG 8 1_555 C DC 2 1_555 B DT 9 1_555 C DA 1 1_555 -1.363 -0.704 3.031 4.074  -0.391 24.986 -1.505 4.168  2.787 -0.897 -9.337  
25.314 8 BB_DG8DT9:DA1DC2_CC B 8 ? C 2 ? B 9 ? C 1 ? 
# 
_pdbx_initial_refinement_model.id               1 
_pdbx_initial_refinement_model.entity_id_list   ? 
_pdbx_initial_refinement_model.type             'experimental model' 
_pdbx_initial_refinement_model.source_name      PDB 
_pdbx_initial_refinement_model.accession_code   4BNC 
_pdbx_initial_refinement_model.details          'PDB ENTRY 4BNC' 
# 
_atom_sites.entry_id                    4UNO 
_atom_sites.fract_transf_matrix[1][1]   -0.00841081 
_atom_sites.fract_transf_matrix[1][2]   -0.01578940 
_atom_sites.fract_transf_matrix[1][3]   -0.00871900 
_atom_sites.fract_transf_matrix[2][1]   0.00498493 
_atom_sites.fract_transf_matrix[2][2]   -0.01838285 
_atom_sites.fract_transf_matrix[2][3]   0.00576810 
_atom_sites.fract_transf_matrix[3][1]   -0.00865101 
_atom_sites.fract_transf_matrix[3][2]   0.00017383 
_atom_sites.fract_transf_matrix[3][3]   0.00803043 
_atom_sites.fract_transf_vector[1]      0.117028 
_atom_sites.fract_transf_vector[2]      0.282775 
_atom_sites.fract_transf_vector[3]      0.019719 
# 
loop_
_atom_type.symbol 
C  
CA 
N  
O  
P  
S  
# 
loop_
_atom_site.group_PDB 
_atom_site.id 
_atom_site.type_symbol 
_atom_site.label_atom_id 
_atom_site.label_alt_id 
_atom_site.label_comp_id 
_atom_site.label_asym_id 
_atom_site.label_entity_id 
_atom_site.label_seq_id 
_atom_site.pdbx_PDB_ins_code 
_atom_site.Cartn_x 
_atom_site.Cartn_y 
_atom_site.Cartn_z 
_atom_site.occupancy 
_atom_site.B_iso_or_equiv 
_atom_site.pdbx_formal_charge 
_atom_site.auth_seq_id 
_atom_site.auth_comp_id 
_atom_site.auth_asym_id 
_atom_site.auth_atom_id 
_atom_site.pdbx_PDB_model_num 
ATOM   1    N  N     . SER A 1 5  ? 4.798   15.524  4.165   1.00 57.45 ? 367  SER A N     1 
ATOM   2    C  CA    . SER A 1 5  ? 5.353   14.195  4.417   1.00 52.84 ? 367  SER A CA    1 
ATOM   3    C  C     . SER A 1 5  ? 4.388   13.098  3.958   1.00 48.33 ? 367  SER A C     1 
ATOM   4    O  O     . SER A 1 5  ? 3.174   13.316  3.878   1.00 50.20 ? 367  SER A O     1 
ATOM   5    C  CB    . SER A 1 5  ? 5.691   14.026  5.898   1.00 51.87 ? 367  SER A CB    1 
ATOM   6    O  OG    . SER A 1 5  ? 4.561   14.299  6.708   1.00 54.57 ? 367  SER A OG    1 
ATOM   7    N  N     . LEU A 1 6  ? 4.929   11.918  3.665   1.00 40.60 ? 368  LEU A N     1 
ATOM   8    C  CA    . LEU A 1 6  ? 4.172   10.911  2.935   1.00 36.18 ? 368  LEU A CA    1 
ATOM   9    C  C     . LEU A 1 6  ? 3.244   10.061  3.796   1.00 35.20 ? 368  LEU A C     1 
ATOM   10   O  O     . LEU A 1 6  ? 3.678   9.456   4.780   1.00 34.25 ? 368  LEU A O     1 
ATOM   11   C  CB    . LEU A 1 6  ? 5.126   9.982   2.190   1.00 34.05 ? 368  LEU A CB    1 
ATOM   12   C  CG    . LEU A 1 6  ? 5.992   10.594  1.095   1.00 40.47 ? 368  LEU A CG    1 
ATOM   13   C  CD1   . LEU A 1 6  ? 6.862   9.526   0.442   1.00 38.29 ? 368  LEU A CD1   1 
ATOM   14   C  CD2   . LEU A 1 6  ? 5.116   11.283  0.072   1.00 41.61 ? 368  LEU A CD2   1 
ATOM   15   N  N     . GLN A 1 7  ? 1.978   9.987   3.385   1.00 31.02 ? 369  GLN A N     1 
ATOM   16   C  CA    . GLN A 1 7  ? 1.038   9.011   3.938   1.00 30.85 ? 369  GLN A CA    1 
ATOM   17   C  C     . GLN A 1 7  ? 1.431   7.614   3.470   1.00 30.72 ? 369  GLN A C     1 
ATOM   18   O  O     . GLN A 1 7  ? 2.139   7.471   2.460   1.00 29.03 ? 369  GLN A O     1 
ATOM   19   C  CB    . GLN A 1 7  ? -0.404  9.336   3.505   1.00 32.06 ? 369  GLN A CB    1 
ATOM   20   C  CG    . GLN A 1 7  ? -0.843  10.748  3.883   1.00 36.15 ? 369  GLN A CG    1 
ATOM   21   C  CD    . GLN A 1 7  ? -2.287  11.048  3.520   1.00 40.91 ? 369  GLN A CD    1 
ATOM   22   O  OE1   . GLN A 1 7  ? -3.020  10.182  3.036   1.00 39.90 ? 369  GLN A OE1   1 
ATOM   23   N  NE2   . GLN A 1 7  ? -2.705  12.287  3.760   1.00 51.14 ? 369  GLN A NE2   1 
ATOM   24   N  N     . LEU A 1 8  ? 0.957   6.587   4.174   1.00 29.89 ? 370  LEU A N     1 
ATOM   25   C  CA    . LEU A 1 8  ? 1.321   5.214   3.836   1.00 27.82 ? 370  LEU A CA    1 
ATOM   26   C  C     . LEU A 1 8  ? 1.052   4.899   2.377   1.00 27.95 ? 370  LEU A C     1 
ATOM   27   O  O     . LEU A 1 8  ? 1.908   4.341   1.708   1.00 25.71 ? 370  LEU A O     1 
ATOM   28   C  CB    . LEU A 1 8  ? 0.573   4.200   4.722   1.00 26.60 ? 370  LEU A CB    1 
ATOM   29   C  CG    . LEU A 1 8  ? 0.792   2.718   4.356   1.00 32.05 ? 370  LEU A CG    1 
ATOM   30   C  CD1   . LEU A 1 8  ? 2.270   2.306   4.385   1.00 27.11 ? 370  LEU A CD1   1 
ATOM   31   C  CD2   . LEU A 1 8  ? -0.015  1.820   5.288   1.00 25.82 ? 370  LEU A CD2   1 
ATOM   32   N  N     . TRP A 1 9  ? -0.124  5.264   1.868   1.00 27.53 ? 371  TRP A N     1 
ATOM   33   C  CA    . TRP A 1 9  ? -0.463  4.880   0.503   1.00 28.82 ? 371  TRP A CA    1 
ATOM   34   C  C     . TRP A 1 9  ? 0.448   5.578   -0.504  1.00 28.62 ? 371  TRP A C     1 
ATOM   35   O  O     . TRP A 1 9  ? 0.805   4.984   -1.522  1.00 27.95 ? 371  TRP A O     1 
ATOM   36   C  CB    . TRP A 1 9  ? -1.933  5.175   0.183   1.00 28.20 ? 371  TRP A CB    1 
ATOM   37   C  CG    . TRP A 1 9  ? -2.279  6.615   -0.003  1.00 29.48 ? 371  TRP A CG    1 
ATOM   38   C  CD1   . TRP A 1 9  ? -2.730  7.489   0.955   1.00 34.32 ? 371  TRP A CD1   1 
ATOM   39   C  CD2   . TRP A 1 9  ? -2.244  7.348   -1.232  1.00 32.55 ? 371  TRP A CD2   1 
ATOM   40   N  NE1   . TRP A 1 9  ? -2.964  8.724   0.392   1.00 33.17 ? 371  TRP A NE1   1 
ATOM   41   C  CE2   . TRP A 1 9  ? -2.674  8.661   -0.949  1.00 36.41 ? 371  TRP A CE2   1 
ATOM   42   C  CE3   . TRP A 1 9  ? -1.869  7.024   -2.543  1.00 31.49 ? 371  TRP A CE3   1 
ATOM   43   C  CZ2   . TRP A 1 9  ? -2.743  9.652   -1.931  1.00 31.79 ? 371  TRP A CZ2   1 
ATOM   44   C  CZ3   . TRP A 1 9  ? -1.937  8.014   -3.519  1.00 33.78 ? 371  TRP A CZ3   1 
ATOM   45   C  CH2   . TRP A 1 9  ? -2.377  9.306   -3.206  1.00 32.67 ? 371  TRP A CH2   1 
ATOM   46   N  N     . GLN A 1 10 ? 0.825   6.820   -0.222  1.00 24.86 ? 372  GLN A N     1 
ATOM   47   C  CA    . GLN A 1 10 ? 1.774   7.548   -1.077  1.00 27.52 ? 372  GLN A CA    1 
ATOM   48   C  C     . GLN A 1 10 ? 3.174   6.925   -1.046  1.00 29.44 ? 372  GLN A C     1 
ATOM   49   O  O     . GLN A 1 10 ? 3.840   6.806   -2.078  1.00 28.11 ? 372  GLN A O     1 
ATOM   50   C  CB    . GLN A 1 10 ? 1.856   9.007   -0.650  1.00 29.48 ? 372  GLN A CB    1 
ATOM   51   C  CG    . GLN A 1 10 ? 0.557   9.779   -0.851  1.00 29.06 ? 372  GLN A CG    1 
ATOM   52   C  CD    . GLN A 1 10 ? 0.604   11.143  -0.216  1.00 32.78 ? 372  GLN A CD    1 
ATOM   53   O  OE1   . GLN A 1 10 ? 1.142   11.314  0.885   1.00 31.77 ? 372  GLN A OE1   1 
ATOM   54   N  NE2   . GLN A 1 10 ? 0.053   12.136  -0.909  1.00 36.00 ? 372  GLN A NE2   1 
ATOM   55   N  N     . PHE A 1 11 ? 3.617   6.538   0.146   1.00 26.43 ? 373  PHE A N     1 
ATOM   56   C  CA    . PHE A 1 11 ? 4.922   5.891   0.301   1.00 28.84 ? 373  PHE A CA    1 
ATOM   57   C  C     . PHE A 1 11 ? 4.969   4.592   -0.487  1.00 29.54 ? 373  PHE A C     1 
ATOM   58   O  O     . PHE A 1 11 ? 5.979   4.286   -1.129  1.00 29.29 ? 373  PHE A O     1 
ATOM   59   C  CB    . PHE A 1 11 ? 5.228   5.630   1.782   1.00 29.96 ? 373  PHE A CB    1 
ATOM   60   C  CG    . PHE A 1 11 ? 6.536   4.909   2.020   1.00 30.62 ? 373  PHE A CG    1 
ATOM   61   C  CD1   . PHE A 1 11 ? 7.744   5.522   1.740   1.00 35.92 ? 373  PHE A CD1   1 
ATOM   62   C  CD2   . PHE A 1 11 ? 6.554   3.630   2.546   1.00 30.27 ? 373  PHE A CD2   1 
ATOM   63   C  CE1   . PHE A 1 11 ? 8.948   4.860   1.971   1.00 35.32 ? 373  PHE A CE1   1 
ATOM   64   C  CE2   . PHE A 1 11 ? 7.754   2.971   2.784   1.00 32.50 ? 373  PHE A CE2   1 
ATOM   65   C  CZ    . PHE A 1 11 ? 8.947   3.588   2.491   1.00 33.40 ? 373  PHE A CZ    1 
ATOM   66   N  N     . LEU A 1 12 ? 3.877   3.826   -0.449  1.00 24.97 ? 374  LEU A N     1 
ATOM   67   C  CA    . LEU A 1 12 ? 3.806   2.591   -1.218  1.00 22.89 ? 374  LEU A CA    1 
ATOM   68   C  C     . LEU A 1 12 ? 3.914   2.892   -2.712  1.00 24.28 ? 374  LEU A C     1 
ATOM   69   O  O     . LEU A 1 12 ? 4.613   2.195   -3.445  1.00 25.55 ? 374  LEU A O     1 
ATOM   70   C  CB    . LEU A 1 12 ? 2.504   1.824   -0.928  1.00 24.61 ? 374  LEU A CB    1 
ATOM   71   C  CG    . LEU A 1 12 ? 2.387   1.217   0.474   1.00 21.72 ? 374  LEU A CG    1 
ATOM   72   C  CD1   . LEU A 1 12 ? 1.069   0.488   0.607   1.00 25.09 ? 374  LEU A CD1   1 
ATOM   73   C  CD2   . LEU A 1 12 ? 3.573   0.276   0.748   1.00 24.34 ? 374  LEU A CD2   1 
ATOM   74   N  N     . VAL A 1 13 ? 3.224   3.923   -3.177  1.00 27.83 ? 375  VAL A N     1 
ATOM   75   C  CA    . VAL A 1 13 ? 3.331   4.280   -4.601  1.00 28.92 ? 375  VAL A CA    1 
ATOM   76   C  C     . VAL A 1 13 ? 4.779   4.632   -4.975  1.00 27.77 ? 375  VAL A C     1 
ATOM   77   O  O     . VAL A 1 13 ? 5.241   4.266   -6.054  1.00 27.74 ? 375  VAL A O     1 
ATOM   78   C  CB    . VAL A 1 13 ? 2.395   5.459   -4.974  1.00 31.36 ? 375  VAL A CB    1 
ATOM   79   C  CG1   . VAL A 1 13 ? 2.673   5.965   -6.405  1.00 30.10 ? 375  VAL A CG1   1 
ATOM   80   C  CG2   . VAL A 1 13 ? 0.943   5.030   -4.834  1.00 30.90 ? 375  VAL A CG2   1 
ATOM   81   N  N     . THR A 1 14 ? 5.504   5.316   -4.089  1.00 28.56 ? 376  THR A N     1 
ATOM   82   C  CA    . THR A 1 14 ? 6.905   5.614   -4.395  1.00 31.90 ? 376  THR A CA    1 
ATOM   83   C  C     . THR A 1 14 ? 7.707   4.321   -4.496  1.00 31.31 ? 376  THR A C     1 
ATOM   84   O  O     . THR A 1 14 ? 8.556   4.209   -5.377  1.00 28.74 ? 376  THR A O     1 
ATOM   85   C  CB    . THR A 1 14 ? 7.576   6.574   -3.373  1.00 31.61 ? 376  THR A CB    1 
ATOM   86   O  OG1   . THR A 1 14 ? 7.743   5.939   -2.093  1.00 31.99 ? 376  THR A OG1   1 
ATOM   87   C  CG2   . THR A 1 14 ? 6.759   7.850   -3.227  1.00 32.65 ? 376  THR A CG2   1 
ATOM   88   N  N     . LEU A 1 15 ? 7.419   3.332   -3.645  1.00 27.55 ? 377  LEU A N     1 
ATOM   89   C  CA    . LEU A 1 15 ? 8.135   2.054   -3.714  1.00 27.40 ? 377  LEU A CA    1 
ATOM   90   C  C     . LEU A 1 15 ? 7.827   1.287   -4.979  1.00 29.20 ? 377  LEU A C     1 
ATOM   91   O  O     . LEU A 1 15 ? 8.723   0.724   -5.609  1.00 28.04 ? 377  LEU A O     1 
ATOM   92   C  CB    . LEU A 1 15 ? 7.800   1.150   -2.514  1.00 23.97 ? 377  LEU A CB    1 
ATOM   93   C  CG    . LEU A 1 15 ? 8.277   1.592   -1.134  1.00 29.37 ? 377  LEU A CG    1 
ATOM   94   C  CD1   . LEU A 1 15 ? 7.857   0.576   -0.069  1.00 28.98 ? 377  LEU A CD1   1 
ATOM   95   C  CD2   . LEU A 1 15 ? 9.791   1.822   -1.106  1.00 33.91 ? 377  LEU A CD2   1 
ATOM   96   N  N     . LEU A 1 16 ? 6.541   1.218   -5.307  1.00 26.70 ? 378  LEU A N     1 
ATOM   97   C  CA    . LEU A 1 16 ? 6.038   0.499   -6.468  1.00 27.49 ? 378  LEU A CA    1 
ATOM   98   C  C     . LEU A 1 16 ? 6.547   1.074   -7.807  1.00 29.51 ? 378  LEU A C     1 
ATOM   99   O  O     . LEU A 1 16 ? 6.647   0.362   -8.802  1.00 31.24 ? 378  LEU A O     1 
ATOM   100  C  CB    . LEU A 1 16 ? 4.493   0.501   -6.432  1.00 30.07 ? 378  LEU A CB    1 
ATOM   101  C  CG    . LEU A 1 16 ? 3.874   -0.428  -5.362  1.00 26.62 ? 378  LEU A CG    1 
ATOM   102  C  CD1   . LEU A 1 16 ? 2.419   -0.081  -5.049  1.00 24.33 ? 378  LEU A CD1   1 
ATOM   103  C  CD2   . LEU A 1 16 ? 3.951   -1.853  -5.816  1.00 27.58 ? 378  LEU A CD2   1 
ATOM   104  N  N     . ASP A 1 17 ? 6.880   2.356   -7.827  1.00 30.57 ? 379  ASP A N     1 
ATOM   105  C  CA    . ASP A 1 17 ? 7.275   2.997   -9.078  1.00 34.52 ? 379  ASP A CA    1 
ATOM   106  C  C     . ASP A 1 17 ? 8.722   2.660   -9.456  1.00 34.50 ? 379  ASP A C     1 
ATOM   107  O  O     . ASP A 1 17 ? 9.089   2.679   -10.631 1.00 36.07 ? 379  ASP A O     1 
ATOM   108  C  CB    . ASP A 1 17 ? 7.087   4.506   -8.972  1.00 31.51 ? 379  ASP A CB    1 
ATOM   109  C  CG    . ASP A 1 17 ? 7.164   5.196   -10.326 1.00 38.03 ? 379  ASP A CG    1 
ATOM   110  O  OD1   . ASP A 1 17 ? 6.241   5.001   -11.148 1.00 37.62 ? 379  ASP A OD1   1 
ATOM   111  O  OD2   . ASP A 1 17 ? 8.143   5.928   -10.558 1.00 36.47 ? 379  ASP A OD2   1 
ATOM   112  N  N     . ASP A 1 18 ? 9.526   2.326   -8.452  1.00 33.06 ? 380  ASP A N     1 
ATOM   113  C  CA    . ASP A 1 18 ? 10.964  2.111   -8.629  1.00 30.81 ? 380  ASP A CA    1 
ATOM   114  C  C     . ASP A 1 18 ? 11.305  0.632   -8.809  1.00 32.39 ? 380  ASP A C     1 
ATOM   115  O  O     . ASP A 1 18 ? 11.057  -0.167  -7.905  1.00 33.40 ? 380  ASP A O     1 
ATOM   116  C  CB    . ASP A 1 18 ? 11.714  2.667   -7.418  1.00 32.93 ? 380  ASP A CB    1 
ATOM   117  C  CG    . ASP A 1 18 ? 13.223  2.671   -7.605  1.00 35.83 ? 380  ASP A CG    1 
ATOM   118  O  OD1   . ASP A 1 18 ? 13.722  2.075   -8.579  1.00 34.25 ? 380  ASP A OD1   1 
ATOM   119  O  OD2   . ASP A 1 18 ? 13.910  3.250   -6.748  1.00 36.41 ? 380  ASP A OD2   1 
ATOM   120  N  N     . PRO A 1 19 ? 11.890  0.260   -9.967  1.00 31.93 ? 381  PRO A N     1 
ATOM   121  C  CA    . PRO A 1 19 ? 12.299  -1.130  -10.233 1.00 30.86 ? 381  PRO A CA    1 
ATOM   122  C  C     . PRO A 1 19 ? 13.263  -1.710  -9.187  1.00 31.51 ? 381  PRO A C     1 
ATOM   123  O  O     . PRO A 1 19 ? 13.311  -2.933  -9.015  1.00 31.59 ? 381  PRO A O     1 
ATOM   124  C  CB    . PRO A 1 19 ? 12.997  -1.044  -11.592 1.00 33.97 ? 381  PRO A CB    1 
ATOM   125  C  CG    . PRO A 1 19 ? 12.455  0.167   -12.227 1.00 36.63 ? 381  PRO A CG    1 
ATOM   126  C  CD    . PRO A 1 19 ? 12.167  1.140   -11.117 1.00 34.43 ? 381  PRO A CD    1 
ATOM   127  N  N     . ALA A 1 20 ? 13.998  -0.846  -8.496  1.00 31.15 ? 382  ALA A N     1 
ATOM   128  C  CA    . ALA A 1 20 ? 14.920  -1.263  -7.442  1.00 33.83 ? 382  ALA A CA    1 
ATOM   129  C  C     . ALA A 1 20 ? 14.230  -2.056  -6.315  1.00 39.45 ? 382  ALA A C     1 
ATOM   130  O  O     . ALA A 1 20 ? 14.886  -2.768  -5.550  1.00 35.69 ? 382  ALA A O     1 
ATOM   131  C  CB    . ALA A 1 20 ? 15.631  -0.037  -6.864  1.00 35.72 ? 382  ALA A CB    1 
ATOM   132  N  N     . ASN A 1 21 ? 12.906  -1.942  -6.227  1.00 37.12 ? 383  ASN A N     1 
ATOM   133  C  CA    . ASN A 1 21 ? 12.151  -2.515  -5.108  1.00 33.20 ? 383  ASN A CA    1 
ATOM   134  C  C     . ASN A 1 21 ? 11.364  -3.743  -5.502  1.00 34.37 ? 383  ASN A C     1 
ATOM   135  O  O     . ASN A 1 21 ? 10.740  -4.388  -4.653  1.00 33.38 ? 383  ASN A O     1 
ATOM   136  C  CB    . ASN A 1 21 ? 11.203  -1.456  -4.527  1.00 31.88 ? 383  ASN A CB    1 
ATOM   137  C  CG    . ASN A 1 21 ? 11.943  -0.221  -4.063  1.00 33.14 ? 383  ASN A CG    1 
ATOM   138  O  OD1   . ASN A 1 21 ? 13.036  -0.323  -3.518  1.00 34.90 ? 383  ASN A OD1   1 
ATOM   139  N  ND2   . ASN A 1 21 ? 11.363  0.952   -4.296  1.00 30.65 ? 383  ASN A ND2   1 
ATOM   140  N  N     . ALA A 1 22 ? 11.407  -4.070  -6.792  1.00 30.29 ? 384  ALA A N     1 
ATOM   141  C  CA    . ALA A 1 22 ? 10.561  -5.108  -7.365  1.00 34.62 ? 384  ALA A CA    1 
ATOM   142  C  C     . ALA A 1 22 ? 10.668  -6.458  -6.663  1.00 35.47 ? 384  ALA A C     1 
ATOM   143  O  O     . ALA A 1 22 ? 9.771   -7.293  -6.790  1.00 34.43 ? 384  ALA A O     1 
ATOM   144  C  CB    . ALA A 1 22 ? 10.882  -5.273  -8.840  1.00 37.53 ? 384  ALA A CB    1 
ATOM   145  N  N     . HIS A 1 23 ? 11.752  -6.677  -5.924  1.00 38.56 ? 385  HIS A N     1 
ATOM   146  C  CA    . HIS A 1 23 ? 11.938  -7.973  -5.291  1.00 37.75 ? 385  HIS A CA    1 
ATOM   147  C  C     . HIS A 1 23 ? 11.095  -8.087  -4.021  1.00 38.61 ? 385  HIS A C     1 
ATOM   148  O  O     . HIS A 1 23 ? 10.779  -9.195  -3.605  1.00 37.54 ? 385  HIS A O     1 
ATOM   149  C  CB    . HIS A 1 23 ? 13.428  -8.245  -4.999  1.00 36.60 ? 385  HIS A CB    1 
ATOM   150  C  CG    . HIS A 1 23 ? 14.101  -7.198  -4.167  1.00 36.82 ? 385  HIS A CG    1 
ATOM   151  N  ND1   . HIS A 1 23 ? 14.450  -5.956  -4.660  1.00 39.77 ? 385  HIS A ND1   1 
ATOM   152  C  CD2   . HIS A 1 23 ? 14.518  -7.217  -2.877  1.00 40.02 ? 385  HIS A CD2   1 
ATOM   153  C  CE1   . HIS A 1 23 ? 15.033  -5.252  -3.705  1.00 39.82 ? 385  HIS A CE1   1 
ATOM   154  N  NE2   . HIS A 1 23 ? 15.091  -5.997  -2.614  1.00 39.96 ? 385  HIS A NE2   1 
ATOM   155  N  N     . PHE A 1 24 ? 10.696  -6.965  -3.419  1.00 34.79 ? 386  PHE A N     1 
ATOM   156  C  CA    . PHE A 1 24 ? 9.842   -7.072  -2.233  1.00 34.78 ? 386  PHE A CA    1 
ATOM   157  C  C     . PHE A 1 24 ? 8.450   -6.446  -2.380  1.00 33.39 ? 386  PHE A C     1 
ATOM   158  O  O     . PHE A 1 24 ? 7.569   -6.724  -1.566  1.00 30.60 ? 386  PHE A O     1 
ATOM   159  C  CB    . PHE A 1 24 ? 10.552  -6.507  -0.981  1.00 29.23 ? 386  PHE A CB    1 
ATOM   160  C  CG    . PHE A 1 24 ? 10.916  -5.047  -1.048  1.00 33.25 ? 386  PHE A CG    1 
ATOM   161  C  CD1   . PHE A 1 24 ? 12.157  -4.649  -1.520  1.00 36.13 ? 386  PHE A CD1   1 
ATOM   162  C  CD2   . PHE A 1 24 ? 10.051  -4.074  -0.561  1.00 31.27 ? 386  PHE A CD2   1 
ATOM   163  C  CE1   . PHE A 1 24 ? 12.512  -3.303  -1.555  1.00 32.06 ? 386  PHE A CE1   1 
ATOM   164  C  CE2   . PHE A 1 24 ? 10.401  -2.731  -0.591  1.00 32.78 ? 386  PHE A CE2   1 
ATOM   165  C  CZ    . PHE A 1 24 ? 11.636  -2.348  -1.096  1.00 33.79 ? 386  PHE A CZ    1 
ATOM   166  N  N     . ILE A 1 25 ? 8.235   -5.647  -3.425  1.00 30.78 ? 387  ILE A N     1 
ATOM   167  C  CA    . ILE A 1 25 ? 6.922   -5.028  -3.651  1.00 30.40 ? 387  ILE A CA    1 
ATOM   168  C  C     . ILE A 1 25 ? 6.764   -4.634  -5.126  1.00 29.10 ? 387  ILE A C     1 
ATOM   169  O  O     . ILE A 1 25 ? 7.646   -3.999  -5.703  1.00 30.45 ? 387  ILE A O     1 
ATOM   170  C  CB    . ILE A 1 25 ? 6.707   -3.796  -2.710  1.00 26.05 ? 387  ILE A CB    1 
ATOM   171  C  CG1   . ILE A 1 25 ? 5.249   -3.331  -2.733  1.00 27.97 ? 387  ILE A CG1   1 
ATOM   172  C  CG2   . ILE A 1 25 ? 7.654   -2.631  -3.048  1.00 27.83 ? 387  ILE A CG2   1 
ATOM   173  C  CD1   . ILE A 1 25 ? 4.985   -2.112  -1.813  1.00 26.53 ? 387  ILE A CD1   1 
ATOM   174  N  N     . ALA A 1 26 ? 5.654   -5.033  -5.747  1.00 28.43 ? 388  ALA A N     1 
ATOM   175  C  CA    . ALA A 1 26 ? 5.498   -4.827  -7.191  1.00 29.99 ? 388  ALA A CA    1 
ATOM   176  C  C     . ALA A 1 26 ? 4.047   -4.770  -7.659  1.00 33.23 ? 388  ALA A C     1 
ATOM   177  O  O     . ALA A 1 26 ? 3.191   -5.518  -7.169  1.00 30.49 ? 388  ALA A O     1 
ATOM   178  C  CB    . ALA A 1 26 ? 6.226   -5.920  -7.953  1.00 29.77 ? 388  ALA A CB    1 
ATOM   179  N  N     . TRP A 1 27 ? 3.782   -3.863  -8.600  1.00 31.77 ? 389  TRP A N     1 
ATOM   180  C  CA    . TRP A 1 27 ? 2.545   -3.890  -9.368  1.00 31.67 ? 389  TRP A CA    1 
ATOM   181  C  C     . TRP A 1 27 ? 2.397   -5.242  -10.062 1.00 34.40 ? 389  TRP A C     1 
ATOM   182  O  O     . TRP A 1 27 ? 3.341   -5.744  -10.672 1.00 34.63 ? 389  TRP A O     1 
ATOM   183  C  CB    . TRP A 1 27 ? 2.524   -2.786  -10.431 1.00 34.66 ? 389  TRP A CB    1 
ATOM   184  C  CG    . TRP A 1 27 ? 2.621   -1.362  -9.960  1.00 30.05 ? 389  TRP A CG    1 
ATOM   185  C  CD1   . TRP A 1 27 ? 3.654   -0.496  -10.191 1.00 32.77 ? 389  TRP A CD1   1 
ATOM   186  C  CD2   . TRP A 1 27 ? 1.637   -0.619  -9.224  1.00 31.18 ? 389  TRP A CD2   1 
ATOM   187  N  NE1   . TRP A 1 27 ? 3.382   0.728   -9.640  1.00 31.03 ? 389  TRP A NE1   1 
ATOM   188  C  CE2   . TRP A 1 27 ? 2.150   0.683   -9.043  1.00 32.66 ? 389  TRP A CE2   1 
ATOM   189  C  CE3   . TRP A 1 27 ? 0.368   -0.925  -8.711  1.00 31.41 ? 389  TRP A CE3   1 
ATOM   190  C  CZ2   . TRP A 1 27 ? 1.443   1.681   -8.367  1.00 30.07 ? 389  TRP A CZ2   1 
ATOM   191  C  CZ3   . TRP A 1 27 ? -0.326  0.065   -8.027  1.00 29.61 ? 389  TRP A CZ3   1 
ATOM   192  C  CH2   . TRP A 1 27 ? 0.211   1.349   -7.866  1.00 33.01 ? 389  TRP A CH2   1 
ATOM   193  N  N     . THR A 1 28 ? 1.211   -5.828  -10.001 1.00 34.44 ? 390  THR A N     1 
ATOM   194  C  CA    . THR A 1 28 ? 0.994   -7.103  -10.670 1.00 34.08 ? 390  THR A CA    1 
ATOM   195  C  C     . THR A 1 28 ? 0.739   -6.949  -12.173 1.00 35.84 ? 390  THR A C     1 
ATOM   196  O  O     . THR A 1 28 ? 0.863   -7.909  -12.914 1.00 37.45 ? 390  THR A O     1 
ATOM   197  C  CB    . THR A 1 28 ? -0.197  -7.862  -10.071 1.00 35.70 ? 390  THR A CB    1 
ATOM   198  O  OG1   . THR A 1 28 ? -1.411  -7.173  -10.410 1.00 33.51 ? 390  THR A OG1   1 
ATOM   199  C  CG2   . THR A 1 28 ? -0.050  -7.977  -8.552  1.00 33.11 ? 390  THR A CG2   1 
ATOM   200  N  N     . GLY A 1 29 ? 0.356   -5.756  -12.616 1.00 38.23 ? 391  GLY A N     1 
ATOM   201  C  CA    . GLY A 1 29 ? 0.014   -5.556  -14.019 1.00 39.32 ? 391  GLY A CA    1 
ATOM   202  C  C     . GLY A 1 29 ? -1.480  -5.563  -14.336 1.00 42.72 ? 391  GLY A C     1 
ATOM   203  O  O     . GLY A 1 29 ? -1.877  -5.338  -15.484 1.00 44.13 ? 391  GLY A O     1 
ATOM   204  N  N     . ARG A 1 30 ? -2.307  -5.814  -13.320 1.00 38.65 ? 392  ARG A N     1 
ATOM   205  C  CA    . ARG A 1 30 ? -3.765  -5.774  -13.462 1.00 37.63 ? 392  ARG A CA    1 
ATOM   206  C  C     . ARG A 1 30 ? -4.316  -4.520  -12.805 1.00 39.65 ? 392  ARG A C     1 
ATOM   207  O  O     . ARG A 1 30 ? -4.348  -4.440  -11.580 1.00 36.92 ? 392  ARG A O     1 
ATOM   208  C  CB    . ARG A 1 30 ? -4.407  -7.006  -12.826 1.00 41.90 ? 392  ARG A CB    1 
ATOM   209  C  CG    . ARG A 1 30 ? -3.844  -8.328  -13.297 1.00 43.51 ? 392  ARG A CG    1 
ATOM   210  C  CD    . ARG A 1 30 ? -4.077  -9.419  -12.248 1.00 55.18 ? 392  ARG A CD    1 
ATOM   211  N  NE    . ARG A 1 30 ? -5.313  -10.174 -12.450 1.00 55.53 ? 392  ARG A NE    1 
ATOM   212  C  CZ    . ARG A 1 30 ? -6.144  -10.542 -11.475 1.00 59.18 ? 392  ARG A CZ    1 
ATOM   213  N  NH1   . ARG A 1 30 ? -5.896  -10.215 -10.207 1.00 52.55 ? 392  ARG A NH1   1 
ATOM   214  N  NH2   . ARG A 1 30 ? -7.237  -11.239 -11.769 1.00 59.98 ? 392  ARG A NH2   1 
ATOM   215  N  N     . GLY A 1 31 ? -4.748  -3.548  -13.604 1.00 35.89 ? 393  GLY A N     1 
ATOM   216  C  CA    . GLY A 1 31 ? -5.188  -2.273  -13.057 1.00 36.98 ? 393  GLY A CA    1 
ATOM   217  C  C     . GLY A 1 31 ? -4.169  -1.754  -12.058 1.00 37.01 ? 393  GLY A C     1 
ATOM   218  O  O     . GLY A 1 31 ? -2.973  -1.736  -12.358 1.00 33.22 ? 393  GLY A O     1 
ATOM   219  N  N     . MET A 1 32 ? -4.625  -1.377  -10.862 1.00 31.74 ? 394  MET A N     1 
ATOM   220  C  CA    . MET A 1 32 ? -3.732  -0.841  -9.830  1.00 31.12 ? 394  MET A CA    1 
ATOM   221  C  C     . MET A 1 32 ? -3.482  -1.832  -8.687  1.00 33.22 ? 394  MET A C     1 
ATOM   222  O  O     . MET A 1 32 ? -3.312  -1.452  -7.523  1.00 30.21 ? 394  MET A O     1 
ATOM   223  C  CB    . MET A 1 32 ? -4.296  0.462   -9.274  1.00 32.31 ? 394  MET A CB    1 
ATOM   224  C  CG    . MET A 1 32 ? -3.973  1.656   -10.168 1.00 35.64 ? 394  MET A CG    1 
ATOM   225  S  SD    . MET A 1 32 ? -5.041  3.090   -9.951  1.00 39.07 ? 394  MET A SD    1 
ATOM   226  C  CE    . MET A 1 32 ? -4.614  3.761   -8.399  1.00 41.74 ? 394  MET A CE    1 
ATOM   227  N  N     . GLU A 1 33 ? -3.440  -3.100  -9.044  1.00 29.50 ? 395  GLU A N     1 
ATOM   228  C  CA    . GLU A 1 33 ? -3.220  -4.177  -8.086  1.00 34.12 ? 395  GLU A CA    1 
ATOM   229  C  C     . GLU A 1 33 ? -1.724  -4.334  -7.770  1.00 30.91 ? 395  GLU A C     1 
ATOM   230  O  O     . GLU A 1 33 ? -0.896  -4.163  -8.653  1.00 29.85 ? 395  GLU A O     1 
ATOM   231  C  CB    . GLU A 1 33 ? -3.807  -5.440  -8.679  1.00 33.20 ? 395  GLU A CB    1 
ATOM   232  C  CG    . GLU A 1 33 ? -3.677  -6.696  -7.905  1.00 35.57 ? 395  GLU A CG    1 
ATOM   233  C  CD    . GLU A 1 33 ? -4.152  -7.872  -8.741  1.00 42.81 ? 395  GLU A CD    1 
ATOM   234  O  OE1   . GLU A 1 33 ? -5.383  -8.107  -8.807  1.00 42.76 ? 395  GLU A OE1   1 
ATOM   235  O  OE2   . GLU A 1 33 ? -3.290  -8.545  -9.349  1.00 42.85 ? 395  GLU A OE2   1 
ATOM   236  N  N     . PHE A 1 34 ? -1.376  -4.628  -6.515  1.00 29.59 ? 396  PHE A N     1 
ATOM   237  C  CA    . PHE A 1 34 ? 0.037   -4.778  -6.136  1.00 27.82 ? 396  PHE A CA    1 
ATOM   238  C  C     . PHE A 1 34 ? 0.228   -5.859  -5.082  1.00 28.79 ? 396  PHE A C     1 
ATOM   239  O  O     . PHE A 1 34 ? -0.692  -6.173  -4.326  1.00 25.99 ? 396  PHE A O     1 
ATOM   240  C  CB    . PHE A 1 34 ? 0.624   -3.454  -5.636  1.00 26.62 ? 396  PHE A CB    1 
ATOM   241  C  CG    . PHE A 1 34 ? -0.090  -2.869  -4.436  1.00 26.50 ? 396  PHE A CG    1 
ATOM   242  C  CD1   . PHE A 1 34 ? -1.269  -2.147  -4.599  1.00 27.49 ? 396  PHE A CD1   1 
ATOM   243  C  CD2   . PHE A 1 34 ? 0.408   -3.051  -3.157  1.00 24.49 ? 396  PHE A CD2   1 
ATOM   244  C  CE1   . PHE A 1 34 ? -1.927  -1.589  -3.499  1.00 25.13 ? 396  PHE A CE1   1 
ATOM   245  C  CE2   . PHE A 1 34 ? -0.245  -2.511  -2.039  1.00 26.18 ? 396  PHE A CE2   1 
ATOM   246  C  CZ    . PHE A 1 34 ? -1.421  -1.766  -2.216  1.00 24.63 ? 396  PHE A CZ    1 
ATOM   247  N  N     . LYS A 1 35 ? 1.434   -6.420  -5.036  1.00 27.36 ? 397  LYS A N     1 
ATOM   248  C  CA    . LYS A 1 35 ? 1.746   -7.479  -4.079  1.00 25.92 ? 397  LYS A CA    1 
ATOM   249  C  C     . LYS A 1 35 ? 2.907   -7.081  -3.184  1.00 25.22 ? 397  LYS A C     1 
ATOM   250  O  O     . LYS A 1 35 ? 3.935   -6.571  -3.652  1.00 27.53 ? 397  LYS A O     1 
ATOM   251  C  CB    . LYS A 1 35 ? 2.063   -8.789  -4.806  1.00 31.00 ? 397  LYS A CB    1 
ATOM   252  C  CG    . LYS A 1 35 ? 2.425   -9.944  -3.853  1.00 27.85 ? 397  LYS A CG    1 
ATOM   253  C  CD    . LYS A 1 35 ? 2.724   -11.218 -4.631  1.00 36.96 ? 397  LYS A CD    1 
ATOM   254  C  CE    . LYS A 1 35 ? 3.365   -12.271 -3.744  1.00 39.95 ? 397  LYS A CE    1 
ATOM   255  N  NZ    . LYS A 1 35 ? 2.618   -13.550 -3.802  1.00 40.01 ? 397  LYS A NZ    1 
ATOM   256  N  N     . LEU A 1 36 ? 2.729   -7.269  -1.880  1.00 23.66 ? 398  LEU A N     1 
ATOM   257  C  CA    . LEU A 1 36 ? 3.815   -7.091  -0.944  1.00 24.78 ? 398  LEU A CA    1 
ATOM   258  C  C     . LEU A 1 36 ? 4.574   -8.414  -0.914  1.00 30.12 ? 398  LEU A C     1 
ATOM   259  O  O     . LEU A 1 36 ? 4.281   -9.284  -0.097  1.00 27.47 ? 398  LEU A O     1 
ATOM   260  C  CB    . LEU A 1 36 ? 3.312   -6.714  0.449   1.00 26.07 ? 398  LEU A CB    1 
ATOM   261  C  CG    . LEU A 1 36 ? 2.419   -5.479  0.615   1.00 28.61 ? 398  LEU A CG    1 
ATOM   262  C  CD1   . LEU A 1 36 ? 2.466   -4.974  2.065   1.00 29.96 ? 398  LEU A CD1   1 
ATOM   263  C  CD2   . LEU A 1 36 ? 2.842   -4.376  -0.298  1.00 32.71 ? 398  LEU A CD2   1 
ATOM   264  N  N     . ILE A 1 37 ? 5.516   -8.580  -1.839  1.00 28.99 ? 399  ILE A N     1 
ATOM   265  C  CA    . ILE A 1 37 ? 6.196   -9.868  -1.994  1.00 30.84 ? 399  ILE A CA    1 
ATOM   266  C  C     . ILE A 1 37 ? 6.919   -10.259 -0.705  1.00 31.95 ? 399  ILE A C     1 
ATOM   267  O  O     . ILE A 1 37 ? 6.788   -11.390 -0.243  1.00 32.83 ? 399  ILE A O     1 
ATOM   268  C  CB    . ILE A 1 37 ? 7.168   -9.837  -3.165  1.00 29.70 ? 399  ILE A CB    1 
ATOM   269  C  CG1   . ILE A 1 37 ? 6.408   -9.486  -4.448  1.00 30.80 ? 399  ILE A CG1   1 
ATOM   270  C  CG2   . ILE A 1 37 ? 7.858   -11.186 -3.320  1.00 33.85 ? 399  ILE A CG2   1 
ATOM   271  C  CD1   . ILE A 1 37 ? 7.304   -8.963  -5.567  1.00 33.24 ? 399  ILE A CD1   1 
ATOM   272  N  N     . GLU A 1 38 ? 7.652   -9.319  -0.117  1.00 29.81 ? 400  GLU A N     1 
ATOM   273  C  CA    . GLU A 1 38 ? 8.201   -9.499  1.233   1.00 28.78 ? 400  GLU A CA    1 
ATOM   274  C  C     . GLU A 1 38 ? 7.581   -8.453  2.136   1.00 27.44 ? 400  GLU A C     1 
ATOM   275  O  O     . GLU A 1 38 ? 8.148   -7.377  2.316   1.00 27.61 ? 400  GLU A O     1 
ATOM   276  C  CB    . GLU A 1 38 ? 9.725   -9.362  1.259   1.00 31.93 ? 400  GLU A CB    1 
ATOM   277  C  CG    . GLU A 1 38 ? 10.472  -10.334 0.349   1.00 36.10 ? 400  GLU A CG    1 
ATOM   278  C  CD    . GLU A 1 38 ? 11.989  -10.206 0.492   1.00 43.75 ? 400  GLU A CD    1 
ATOM   279  O  OE1   . GLU A 1 38 ? 12.468  -9.992  1.632   1.00 44.65 ? 400  GLU A OE1   1 
ATOM   280  O  OE2   . GLU A 1 38 ? 12.702  -10.317 -0.531  1.00 47.37 ? 400  GLU A OE2   1 
ATOM   281  N  N     . PRO A 1 39 ? 6.408   -8.761  2.706   1.00 28.71 ? 401  PRO A N     1 
ATOM   282  C  CA    . PRO A 1 39 ? 5.635   -7.751  3.435   1.00 27.45 ? 401  PRO A CA    1 
ATOM   283  C  C     . PRO A 1 39 ? 6.387   -7.182  4.640   1.00 29.57 ? 401  PRO A C     1 
ATOM   284  O  O     . PRO A 1 39 ? 6.148   -6.031  4.992   1.00 26.56 ? 401  PRO A O     1 
ATOM   285  C  CB    . PRO A 1 39 ? 4.374   -8.520  3.874   1.00 28.95 ? 401  PRO A CB    1 
ATOM   286  C  CG    . PRO A 1 39 ? 4.720   -9.959  3.758   1.00 31.20 ? 401  PRO A CG    1 
ATOM   287  C  CD    . PRO A 1 39 ? 5.711   -10.057 2.643   1.00 29.32 ? 401  PRO A CD    1 
ATOM   288  N  N     . GLU A 1 40 ? 7.283   -7.954  5.254   1.00 26.23 ? 402  GLU A N     1 
ATOM   289  C  CA    . GLU A 1 40 ? 8.034   -7.446  6.403   1.00 27.77 ? 402  GLU A CA    1 
ATOM   290  C  C     . GLU A 1 40 ? 9.122   -6.479  5.968   1.00 29.23 ? 402  GLU A C     1 
ATOM   291  O  O     . GLU A 1 40 ? 9.521   -5.608  6.735   1.00 29.97 ? 402  GLU A O     1 
ATOM   292  C  CB    . GLU A 1 40 ? 8.658   -8.595  7.231   1.00 31.90 ? 402  GLU A CB    1 
ATOM   293  C  CG    . GLU A 1 40 ? 7.652   -9.619  7.772   1.00 29.82 ? 402  GLU A CG    1 
ATOM   294  C  CD    . GLU A 1 40 ? 6.623   -9.046  8.766   1.00 31.63 ? 402  GLU A CD    1 
ATOM   295  O  OE1   . GLU A 1 40 ? 6.712   -7.873  9.162   1.00 30.62 ? 402  GLU A OE1   1 
ATOM   296  O  OE2   . GLU A 1 40 ? 5.702   -9.796  9.154   1.00 30.33 ? 402  GLU A OE2   1 
ATOM   297  N  N     . GLU A 1 41 ? 9.611   -6.622  4.740   1.00 29.89 ? 403  GLU A N     1 
ATOM   298  C  CA    . GLU A 1 41 ? 10.572  -5.642  4.231   1.00 32.15 ? 403  GLU A CA    1 
ATOM   299  C  C     . GLU A 1 41 ? 9.847   -4.322  3.898   1.00 29.96 ? 403  GLU A C     1 
ATOM   300  O  O     . GLU A 1 41 ? 10.383  -3.231  4.117   1.00 27.56 ? 403  GLU A O     1 
ATOM   301  C  CB    . GLU A 1 41 ? 11.302  -6.188  3.001   1.00 31.67 ? 403  GLU A CB    1 
ATOM   302  C  CG    . GLU A 1 41 ? 12.187  -5.178  2.279   1.00 31.79 ? 403  GLU A CG    1 
ATOM   303  C  CD    . GLU A 1 41 ? 13.400  -4.753  3.101   1.00 41.15 ? 403  GLU A CD    1 
ATOM   304  O  OE1   . GLU A 1 41 ? 13.739  -5.440  4.100   1.00 43.24 ? 403  GLU A OE1   1 
ATOM   305  O  OE2   . GLU A 1 41 ? 14.013  -3.725  2.748   1.00 39.87 ? 403  GLU A OE2   1 
ATOM   306  N  N     . VAL A 1 42 ? 8.640   -4.423  3.348   1.00 28.72 ? 404  VAL A N     1 
ATOM   307  C  CA    . VAL A 1 42 ? 7.815   -3.221  3.171   1.00 26.27 ? 404  VAL A CA    1 
ATOM   308  C  C     . VAL A 1 42 ? 7.619   -2.573  4.530   1.00 27.54 ? 404  VAL A C     1 
ATOM   309  O  O     . VAL A 1 42 ? 7.808   -1.362  4.682   1.00 27.48 ? 404  VAL A O     1 
ATOM   310  C  CB    . VAL A 1 42 ? 6.460   -3.534  2.528   1.00 25.92 ? 404  VAL A CB    1 
ATOM   311  C  CG1   . VAL A 1 42 ? 5.614   -2.231  2.353   1.00 21.97 ? 404  VAL A CG1   1 
ATOM   312  C  CG2   . VAL A 1 42 ? 6.665   -4.248  1.185   1.00 25.23 ? 404  VAL A CG2   1 
ATOM   313  N  N     . ALA A 1 43 ? 7.300   -3.382  5.542   1.00 24.18 ? 405  ALA A N     1 
ATOM   314  C  CA    . ALA A 1 43 ? 7.048   -2.835  6.879   1.00 26.85 ? 405  ALA A CA    1 
ATOM   315  C  C     . ALA A 1 43 ? 8.285   -2.162  7.471   1.00 28.56 ? 405  ALA A C     1 
ATOM   316  O  O     . ALA A 1 43 ? 8.196   -1.106  8.103   1.00 29.21 ? 405  ALA A O     1 
ATOM   317  C  CB    . ALA A 1 43 ? 6.562   -3.934  7.825   1.00 27.75 ? 405  ALA A CB    1 
ATOM   318  N  N     . ARG A 1 44 ? 9.435   -2.794  7.288   1.00 29.69 ? 406  ARG A N     1 
ATOM   319  C  CA    . ARG A 1 44 ? 10.675  -2.259  7.822   1.00 31.00 ? 406  ARG A CA    1 
ATOM   320  C  C     . ARG A 1 44 ? 10.943  -0.885  7.213   1.00 31.99 ? 406  ARG A C     1 
ATOM   321  O  O     . ARG A 1 44 ? 11.309  0.060   7.914   1.00 34.55 ? 406  ARG A O     1 
ATOM   322  C  CB    . ARG A 1 44 ? 11.832  -3.217  7.537   1.00 37.96 ? 406  ARG A CB    1 
ATOM   323  C  CG    . ARG A 1 44 ? 13.044  -3.005  8.423   1.00 48.67 ? 406  ARG A CG    1 
ATOM   324  C  CD    . ARG A 1 44 ? 14.240  -3.802  7.919   1.00 49.17 ? 406  ARG A CD    1 
ATOM   325  N  NE    . ARG A 1 44 ? 14.510  -3.531  6.505   1.00 53.24 ? 406  ARG A NE    1 
ATOM   326  C  CZ    . ARG A 1 44 ? 15.199  -2.483  6.055   1.00 50.78 ? 406  ARG A CZ    1 
ATOM   327  N  NH1   . ARG A 1 44 ? 15.696  -1.591  6.903   1.00 51.85 ? 406  ARG A NH1   1 
ATOM   328  N  NH2   . ARG A 1 44 ? 15.391  -2.323  4.750   1.00 54.27 ? 406  ARG A NH2   1 
ATOM   329  N  N     . ARG A 1 45 ? 10.724  -0.761  5.910   1.00 32.39 ? 407  ARG A N     1 
ATOM   330  C  CA    . ARG A 1 45 ? 10.960  0.517   5.252   1.00 32.97 ? 407  ARG A CA    1 
ATOM   331  C  C     . ARG A 1 45 ? 9.941   1.590   5.638   1.00 32.29 ? 407  ARG A C     1 
ATOM   332  O  O     . ARG A 1 45 ? 10.287  2.762   5.747   1.00 31.17 ? 407  ARG A O     1 
ATOM   333  C  CB    . ARG A 1 45 ? 10.988  0.317   3.744   1.00 34.43 ? 407  ARG A CB    1 
ATOM   334  C  CG    . ARG A 1 45 ? 12.329  -0.210  3.270   1.00 36.86 ? 407  ARG A CG    1 
ATOM   335  C  CD    . ARG A 1 45 ? 12.195  -0.781  1.896   1.00 42.16 ? 407  ARG A CD    1 
ATOM   336  N  NE    . ARG A 1 45 ? 13.463  -1.289  1.380   1.00 44.35 ? 407  ARG A NE    1 
ATOM   337  C  CZ    . ARG A 1 45 ? 14.270  -0.593  0.590   1.00 45.95 ? 407  ARG A CZ    1 
ATOM   338  N  NH1   . ARG A 1 45 ? 13.939  0.644   0.231   1.00 41.82 ? 407  ARG A NH1   1 
ATOM   339  N  NH2   . ARG A 1 45 ? 15.401  -1.132  0.160   1.00 45.34 ? 407  ARG A NH2   1 
ATOM   340  N  N     . TRP A 1 46 ? 8.684   1.194   5.838   1.00 29.45 ? 408  TRP A N     1 
ATOM   341  C  CA    . TRP A 1 46 ? 7.668   2.132   6.320   1.00 29.67 ? 408  TRP A CA    1 
ATOM   342  C  C     . TRP A 1 46 ? 8.009   2.571   7.740   1.00 29.64 ? 408  TRP A C     1 
ATOM   343  O  O     . TRP A 1 46 ? 7.831   3.742   8.100   1.00 31.38 ? 408  TRP A O     1 
ATOM   344  C  CB    . TRP A 1 46 ? 6.278   1.490   6.260   1.00 30.13 ? 408  TRP A CB    1 
ATOM   345  C  CG    . TRP A 1 46 ? 5.134   2.295   6.842   1.00 29.67 ? 408  TRP A CG    1 
ATOM   346  C  CD1   . TRP A 1 46 ? 4.204   1.854   7.754   1.00 29.83 ? 408  TRP A CD1   1 
ATOM   347  C  CD2   . TRP A 1 46 ? 4.768   3.654   6.525   1.00 28.37 ? 408  TRP A CD2   1 
ATOM   348  N  NE1   . TRP A 1 46 ? 3.301   2.857   8.035   1.00 27.40 ? 408  TRP A NE1   1 
ATOM   349  C  CE2   . TRP A 1 46 ? 3.620   3.962   7.294   1.00 28.88 ? 408  TRP A CE2   1 
ATOM   350  C  CE3   . TRP A 1 46 ? 5.302   4.633   5.677   1.00 32.49 ? 408  TRP A CE3   1 
ATOM   351  C  CZ2   . TRP A 1 46 ? 3.000   5.214   7.240   1.00 29.67 ? 408  TRP A CZ2   1 
ATOM   352  C  CZ3   . TRP A 1 46 ? 4.676   5.882   5.621   1.00 30.97 ? 408  TRP A CZ3   1 
ATOM   353  C  CH2   . TRP A 1 46 ? 3.544   6.159   6.405   1.00 32.09 ? 408  TRP A CH2   1 
ATOM   354  N  N     . GLY A 1 47 ? 8.518   1.632   8.536   1.00 32.07 ? 409  GLY A N     1 
ATOM   355  C  CA    . GLY A 1 47 ? 8.953   1.923   9.898   1.00 33.05 ? 409  GLY A CA    1 
ATOM   356  C  C     . GLY A 1 47 ? 10.065  2.963   9.941   1.00 36.68 ? 409  GLY A C     1 
ATOM   357  O  O     . GLY A 1 47 ? 10.059  3.865   10.781  1.00 36.93 ? 409  GLY A O     1 
ATOM   358  N  N     . ILE A 1 48 ? 11.027  2.831   9.036   1.00 38.24 ? 410  ILE A N     1 
ATOM   359  C  CA    . ILE A 1 48 ? 12.117  3.803   8.938   1.00 39.25 ? 410  ILE A CA    1 
ATOM   360  C  C     . ILE A 1 48 ? 11.571  5.161   8.529   1.00 39.08 ? 410  ILE A C     1 
ATOM   361  O  O     . ILE A 1 48 ? 11.963  6.191   9.079   1.00 44.61 ? 410  ILE A O     1 
ATOM   362  C  CB    . ILE A 1 48 ? 13.183  3.348   7.931   1.00 40.03 ? 410  ILE A CB    1 
ATOM   363  C  CG1   . ILE A 1 48 ? 14.075  2.286   8.565   1.00 44.46 ? 410  ILE A CG1   1 
ATOM   364  C  CG2   . ILE A 1 48 ? 14.025  4.521   7.452   1.00 45.99 ? 410  ILE A CG2   1 
ATOM   365  C  CD1   . ILE A 1 48 ? 14.603  1.284   7.571   1.00 45.20 ? 410  ILE A CD1   1 
ATOM   366  N  N     . GLN A 1 49 ? 10.640  5.149   7.579   1.00 35.66 ? 411  GLN A N     1 
ATOM   367  C  CA    . GLN A 1 49 ? 10.016  6.369   7.094   1.00 38.52 ? 411  GLN A CA    1 
ATOM   368  C  C     . GLN A 1 49 ? 9.315   7.138   8.212   1.00 37.77 ? 411  GLN A C     1 
ATOM   369  O  O     . GLN A 1 49 ? 9.353   8.370   8.237   1.00 37.42 ? 411  GLN A O     1 
ATOM   370  C  CB    . GLN A 1 49 ? 9.019   6.046   5.976   1.00 34.47 ? 411  GLN A CB    1 
ATOM   371  C  CG    . GLN A 1 49 ? 8.259   7.250   5.439   1.00 38.85 ? 411  GLN A CG    1 
ATOM   372  C  CD    . GLN A 1 49 ? 9.128   8.167   4.595   1.00 39.68 ? 411  GLN A CD    1 
ATOM   373  O  OE1   . GLN A 1 49 ? 10.145  7.743   4.040   1.00 39.77 ? 411  GLN A OE1   1 
ATOM   374  N  NE2   . GLN A 1 49 ? 8.730   9.425   4.491   1.00 43.14 ? 411  GLN A NE2   1 
ATOM   375  N  N     . LYS A 1 50 ? 8.681   6.417   9.135   1.00 33.32 ? 412  LYS A N     1 
ATOM   376  C  CA    . LYS A 1 50 ? 7.907   7.044   10.207  1.00 35.37 ? 412  LYS A CA    1 
ATOM   377  C  C     . LYS A 1 50 ? 8.609   7.045   11.560  1.00 39.84 ? 412  LYS A C     1 
ATOM   378  O  O     . LYS A 1 50 ? 7.991   7.382   12.570  1.00 44.05 ? 412  LYS A O     1 
ATOM   379  C  CB    . LYS A 1 50 ? 6.552   6.340   10.367  1.00 34.96 ? 412  LYS A CB    1 
ATOM   380  C  CG    . LYS A 1 50 ? 5.564   6.606   9.251   1.00 32.36 ? 412  LYS A CG    1 
ATOM   381  C  CD    . LYS A 1 50 ? 4.929   7.994   9.379   1.00 34.93 ? 412  LYS A CD    1 
ATOM   382  C  CE    . LYS A 1 50 ? 4.049   8.098   10.639  1.00 33.50 ? 412  LYS A CE    1 
ATOM   383  N  NZ    . LYS A 1 50 ? 2.775   7.305   10.519  1.00 28.57 ? 412  LYS A NZ    1 
ATOM   384  N  N     . ASN A 1 51 ? 9.876   6.648   11.588  1.00 38.11 ? 413  ASN A N     1 
ATOM   385  C  CA    . ASN A 1 51 ? 10.586  6.455   12.852  1.00 41.30 ? 413  ASN A CA    1 
ATOM   386  C  C     . ASN A 1 51 ? 9.771   5.564   13.787  1.00 41.89 ? 413  ASN A C     1 
ATOM   387  O  O     . ASN A 1 51 ? 9.569   5.875   14.965  1.00 41.71 ? 413  ASN A O     1 
ATOM   388  C  CB    . ASN A 1 51 ? 10.897  7.802   13.513  1.00 44.11 ? 413  ASN A CB    1 
ATOM   389  C  CG    . ASN A 1 51 ? 11.849  7.672   14.688  1.00 52.32 ? 413  ASN A CG    1 
ATOM   390  O  OD1   . ASN A 1 51 ? 12.703  6.782   14.720  1.00 53.23 ? 413  ASN A OD1   1 
ATOM   391  N  ND2   . ASN A 1 51 ? 11.697  8.557   15.668  1.00 50.84 ? 413  ASN A ND2   1 
ATOM   392  N  N     . ARG A 1 52 ? 9.269   4.468   13.233  1.00 39.73 ? 414  ARG A N     1 
ATOM   393  C  CA    . ARG A 1 52 ? 8.583   3.441   14.007  1.00 40.39 ? 414  ARG A CA    1 
ATOM   394  C  C     . ARG A 1 52 ? 9.429   2.167   14.025  1.00 46.36 ? 414  ARG A C     1 
ATOM   395  O  O     . ARG A 1 52 ? 9.299   1.322   13.133  1.00 47.90 ? 414  ARG A O     1 
ATOM   396  C  CB    . ARG A 1 52 ? 7.200   3.144   13.421  1.00 38.63 ? 414  ARG A CB    1 
ATOM   397  C  CG    . ARG A 1 52 ? 6.167   4.244   13.638  1.00 40.40 ? 414  ARG A CG    1 
ATOM   398  C  CD    . ARG A 1 52 ? 5.589   4.147   15.036  1.00 41.00 ? 414  ARG A CD    1 
ATOM   399  N  NE    . ARG A 1 52 ? 5.873   5.332   15.823  1.00 44.74 ? 414  ARG A NE    1 
ATOM   400  C  CZ    . ARG A 1 52 ? 5.793   5.381   17.148  1.00 46.44 ? 414  ARG A CZ    1 
ATOM   401  N  NH1   . ARG A 1 52 ? 5.445   4.300   17.836  1.00 41.29 ? 414  ARG A NH1   1 
ATOM   402  N  NH2   . ARG A 1 52 ? 6.066   6.511   17.788  1.00 51.45 ? 414  ARG A NH2   1 
ATOM   403  N  N     . PRO A 1 53 ? 10.302  2.038   15.037  1.00 40.42 ? 415  PRO A N     1 
ATOM   404  C  CA    . PRO A 1 53 ? 11.261  0.945   15.250  1.00 50.60 ? 415  PRO A CA    1 
ATOM   405  C  C     . PRO A 1 53 ? 10.692  -0.456  15.057  1.00 45.99 ? 415  PRO A C     1 
ATOM   406  O  O     . PRO A 1 53 ? 11.362  -1.332  14.506  1.00 53.22 ? 415  PRO A O     1 
ATOM   407  C  CB    . PRO A 1 53 ? 11.672  1.116   16.716  1.00 48.95 ? 415  PRO A CB    1 
ATOM   408  C  CG    . PRO A 1 53 ? 11.240  2.479   17.123  1.00 53.30 ? 415  PRO A CG    1 
ATOM   409  C  CD    . PRO A 1 53 ? 10.520  3.134   15.988  1.00 49.61 ? 415  PRO A CD    1 
ATOM   410  N  N     . ALA A 1 54 ? 9.472   -0.672  15.524  1.00 41.74 ? 416  ALA A N     1 
ATOM   411  C  CA    . ALA A 1 54 ? 8.936   -2.027  15.592  1.00 43.41 ? 416  ALA A CA    1 
ATOM   412  C  C     . ALA A 1 54 ? 7.802   -2.287  14.603  1.00 36.80 ? 416  ALA A C     1 
ATOM   413  O  O     . ALA A 1 54 ? 6.991   -3.186  14.815  1.00 33.09 ? 416  ALA A O     1 
ATOM   414  C  CB    . ALA A 1 54 ? 8.461   -2.322  17.013  1.00 44.68 ? 416  ALA A CB    1 
ATOM   415  N  N     . MET A 1 55 ? 7.747   -1.513  13.522  1.00 37.31 ? 417  MET A N     1 
ATOM   416  C  CA    . MET A 1 55 ? 6.701   -1.702  12.519  1.00 34.43 ? 417  MET A CA    1 
ATOM   417  C  C     . MET A 1 55 ? 6.827   -3.093  11.892  1.00 31.56 ? 417  MET A C     1 
ATOM   418  O  O     . MET A 1 55 ? 7.929   -3.562  11.623  1.00 30.81 ? 417  MET A O     1 
ATOM   419  C  CB    . MET A 1 55 ? 6.779   -0.600  11.444  1.00 32.12 ? 417  MET A CB    1 
ATOM   420  C  CG    . MET A 1 55 ? 5.725   -0.700  10.340  1.00 32.34 ? 417  MET A CG    1 
ATOM   421  S  SD    . MET A 1 55 ? 4.017   -0.822  10.933  1.00 27.74 ? 417  MET A SD    1 
ATOM   422  C  CE    . MET A 1 55 ? 3.928   0.675   11.932  1.00 30.28 ? 417  MET A CE    1 
ATOM   423  N  N     . ASN A 1 56 ? 5.697   -3.764  11.685  1.00 26.45 ? 418  ASN A N     1 
ATOM   424  C  CA    . ASN A 1 56 ? 5.696   -5.083  11.054  1.00 27.70 ? 418  ASN A CA    1 
ATOM   425  C  C     . ASN A 1 56 ? 4.490   -5.178  10.136  1.00 27.97 ? 418  ASN A C     1 
ATOM   426  O  O     . ASN A 1 56 ? 3.695   -4.226  10.044  1.00 27.36 ? 418  ASN A O     1 
ATOM   427  C  CB    . ASN A 1 56 ? 5.683   -6.209  12.111  1.00 28.72 ? 418  ASN A CB    1 
ATOM   428  C  CG    . ASN A 1 56 ? 4.477   -6.118  13.053  1.00 30.96 ? 418  ASN A CG    1 
ATOM   429  O  OD1   . ASN A 1 56 ? 3.458   -5.508  12.725  1.00 28.30 ? 418  ASN A OD1   1 
ATOM   430  N  ND2   . ASN A 1 56 ? 4.607   -6.706  14.243  1.00 32.84 ? 418  ASN A ND2   1 
ATOM   431  N  N     . TYR A 1 57 ? 4.322   -6.308  9.464   1.00 27.08 ? 419  TYR A N     1 
ATOM   432  C  CA    . TYR A 1 57 ? 3.234   -6.411  8.498   1.00 26.34 ? 419  TYR A CA    1 
ATOM   433  C  C     . TYR A 1 57 ? 1.872   -6.438  9.199   1.00 26.83 ? 419  TYR A C     1 
ATOM   434  O  O     . TYR A 1 57 ? 0.890   -5.869  8.688   1.00 25.48 ? 419  TYR A O     1 
ATOM   435  C  CB    . TYR A 1 57 ? 3.409   -7.647  7.600   1.00 26.60 ? 419  TYR A CB    1 
ATOM   436  C  CG    . TYR A 1 57 ? 2.259   -7.848  6.633   1.00 29.83 ? 419  TYR A CG    1 
ATOM   437  C  CD1   . TYR A 1 57 ? 1.945   -6.882  5.684   1.00 25.17 ? 419  TYR A CD1   1 
ATOM   438  C  CD2   . TYR A 1 57 ? 1.481   -9.010  6.673   1.00 30.00 ? 419  TYR A CD2   1 
ATOM   439  C  CE1   . TYR A 1 57 ? 0.879   -7.059  4.804   1.00 22.31 ? 419  TYR A CE1   1 
ATOM   440  C  CE2   . TYR A 1 57 ? 0.422   -9.199  5.794   1.00 24.60 ? 419  TYR A CE2   1 
ATOM   441  C  CZ    . TYR A 1 57 ? 0.126   -8.224  4.866   1.00 27.70 ? 419  TYR A CZ    1 
ATOM   442  O  OH    . TYR A 1 57 ? -0.931  -8.415  3.999   1.00 27.55 ? 419  TYR A OH    1 
ATOM   443  N  N     . ASP A 1 58 ? 1.799   -7.073  10.367  1.00 27.35 ? 420  ASP A N     1 
ATOM   444  C  CA    . ASP A 1 58 ? 0.536   -7.093  11.109  1.00 28.04 ? 420  ASP A CA    1 
ATOM   445  C  C     . ASP A 1 58 ? 0.012   -5.674  11.299  1.00 27.78 ? 420  ASP A C     1 
ATOM   446  O  O     . ASP A 1 58 ? -1.162  -5.391  11.033  1.00 28.76 ? 420  ASP A O     1 
ATOM   447  C  CB    . ASP A 1 58 ? 0.679   -7.766  12.476  1.00 29.24 ? 420  ASP A CB    1 
ATOM   448  C  CG    . ASP A 1 58 ? -0.615  -7.705  13.288  1.00 34.40 ? 420  ASP A CG    1 
ATOM   449  O  OD1   . ASP A 1 58 ? -1.605  -8.342  12.872  1.00 33.15 ? 420  ASP A OD1   1 
ATOM   450  O  OD2   . ASP A 1 58 ? -0.658  -7.011  14.327  1.00 36.95 ? 420  ASP A OD2   1 
ATOM   451  N  N     . LYS A 1 59 ? 0.888   -4.779  11.739  1.00 25.53 ? 421  LYS A N     1 
ATOM   452  C  CA    . LYS A 1 59 ? 0.464   -3.417  12.026  1.00 24.35 ? 421  LYS A CA    1 
ATOM   453  C  C     . LYS A 1 59 ? 0.340   -2.603  10.743  1.00 26.86 ? 421  LYS A C     1 
ATOM   454  O  O     . LYS A 1 59 ? -0.594  -1.785  10.607  1.00 25.98 ? 421  LYS A O     1 
ATOM   455  C  CB    . LYS A 1 59 ? 1.427   -2.751  13.004  1.00 27.87 ? 421  LYS A CB    1 
ATOM   456  C  CG    . LYS A 1 59 ? 1.308   -3.317  14.416  1.00 26.64 ? 421  LYS A CG    1 
ATOM   457  C  CD    . LYS A 1 59 ? 2.263   -2.654  15.400  1.00 29.73 ? 421  LYS A CD    1 
ATOM   458  C  CE    . LYS A 1 59 ? 3.676   -3.176  15.252  1.00 33.22 ? 421  LYS A CE    1 
ATOM   459  N  NZ    . LYS A 1 59 ? 4.617   -2.350  16.070  1.00 34.30 ? 421  LYS A NZ    1 
ATOM   460  N  N     . LEU A 1 60 ? 1.249   -2.821  9.794   1.00 24.02 ? 422  LEU A N     1 
ATOM   461  C  CA    . LEU A 1 60 ? 1.109   -2.134  8.511   1.00 26.16 ? 422  LEU A CA    1 
ATOM   462  C  C     . LEU A 1 60 ? -0.211  -2.533  7.852   1.00 26.30 ? 422  LEU A C     1 
ATOM   463  O  O     . LEU A 1 60 ? -0.933  -1.672  7.332   1.00 25.25 ? 422  LEU A O     1 
ATOM   464  C  CB    . LEU A 1 60 ? 2.280   -2.426  7.571   1.00 26.37 ? 422  LEU A CB    1 
ATOM   465  C  CG    . LEU A 1 60 ? 2.265   -1.562  6.292   1.00 27.96 ? 422  LEU A CG    1 
ATOM   466  C  CD1   . LEU A 1 60 ? 3.685   -1.158  5.907   1.00 31.12 ? 422  LEU A CD1   1 
ATOM   467  C  CD2   . LEU A 1 60 ? 1.598   -2.287  5.145   1.00 27.32 ? 422  LEU A CD2   1 
ATOM   468  N  N     . SER A 1 61 ? -0.546  -3.821  7.876   1.00 25.17 ? 423  SER A N     1 
ATOM   469  C  CA    . SER A 1 61 ? -1.748  -4.267  7.178   1.00 26.33 ? 423  SER A CA    1 
ATOM   470  C  C     . SER A 1 61 ? -3.009  -3.664  7.809   1.00 27.27 ? 423  SER A C     1 
ATOM   471  O  O     . SER A 1 61 ? -4.011  -3.484  7.124   1.00 25.96 ? 423  SER A O     1 
ATOM   472  C  CB    . SER A 1 61 ? -1.843  -5.797  7.148   1.00 27.45 ? 423  SER A CB    1 
ATOM   473  O  OG    . SER A 1 61 ? -1.968  -6.325  8.460   1.00 28.03 ? 423  SER A OG    1 
ATOM   474  N  N     . ARG A 1 62 ? -2.952  -3.318  9.096   1.00 24.07 ? 424  ARG A N     1 
ATOM   475  C  CA    . ARG A 1 62 ? -4.118  -2.715  9.751   1.00 26.39 ? 424  ARG A CA    1 
ATOM   476  C  C     . ARG A 1 62 ? -4.411  -1.339  9.164   1.00 26.67 ? 424  ARG A C     1 
ATOM   477  O  O     . ARG A 1 62 ? -5.578  -0.950  9.047   1.00 26.66 ? 424  ARG A O     1 
ATOM   478  C  CB    . ARG A 1 62 ? -3.919  -2.585  11.268  1.00 27.28 ? 424  ARG A CB    1 
ATOM   479  C  CG    . ARG A 1 62 ? -5.134  -1.991  12.019  1.00 27.27 ? 424  ARG A CG    1 
ATOM   480  C  CD    . ARG A 1 62 ? -6.311  -2.962  11.940  1.00 28.67 ? 424  ARG A CD    1 
ATOM   481  N  NE    . ARG A 1 62 ? -7.588  -2.443  12.442  1.00 28.20 ? 424  ARG A NE    1 
ATOM   482  C  CZ    . ARG A 1 62 ? -8.444  -1.711  11.730  1.00 31.54 ? 424  ARG A CZ    1 
ATOM   483  N  NH1   . ARG A 1 62 ? -8.149  -1.342  10.479  1.00 28.87 ? 424  ARG A NH1   1 
ATOM   484  N  NH2   . ARG A 1 62 ? -9.604  -1.337  12.269  1.00 28.21 ? 424  ARG A NH2   1 
ATOM   485  N  N     . SER A 1 63 ? -3.358  -0.592  8.818   1.00 26.26 ? 425  SER A N     1 
ATOM   486  C  CA    . SER A 1 63 ? -3.540  0.694   8.138   1.00 26.15 ? 425  SER A CA    1 
ATOM   487  C  C     . SER A 1 63 ? -4.044  0.515   6.719   1.00 29.33 ? 425  SER A C     1 
ATOM   488  O  O     . SER A 1 63 ? -4.802  1.360   6.218   1.00 26.81 ? 425  SER A O     1 
ATOM   489  C  CB    . SER A 1 63 ? -2.235  1.503   8.131   1.00 24.38 ? 425  SER A CB    1 
ATOM   490  O  OG    . SER A 1 63 ? -2.037  2.134   9.395   1.00 29.85 ? 425  SER A OG    1 
ATOM   491  N  N     . LEU A 1 64 ? -3.605  -0.552  6.049   1.00 24.69 ? 426  LEU A N     1 
ATOM   492  C  CA    . LEU A 1 64 ? -4.195  -0.903  4.750   1.00 21.71 ? 426  LEU A CA    1 
ATOM   493  C  C     . LEU A 1 64 ? -5.694  -1.161  4.909   1.00 28.24 ? 426  LEU A C     1 
ATOM   494  O  O     . LEU A 1 64 ? -6.493  -0.717  4.078   1.00 26.89 ? 426  LEU A O     1 
ATOM   495  C  CB    . LEU A 1 64 ? -3.497  -2.134  4.128   1.00 21.42 ? 426  LEU A CB    1 
ATOM   496  C  CG    . LEU A 1 64 ? -2.004  -1.903  3.832   1.00 26.26 ? 426  LEU A CG    1 
ATOM   497  C  CD1   . LEU A 1 64 ? -1.340  -3.106  3.125   1.00 22.96 ? 426  LEU A CD1   1 
ATOM   498  C  CD2   . LEU A 1 64 ? -1.819  -0.628  3.008   1.00 25.50 ? 426  LEU A CD2   1 
ATOM   499  N  N     . ARG A 1 65 ? -6.087  -1.868  5.974   1.00 23.10 ? 427  ARG A N     1 
ATOM   500  C  CA    . ARG A 1 65 ? -7.501  -2.156  6.194   1.00 23.92 ? 427  ARG A CA    1 
ATOM   501  C  C     . ARG A 1 65 ? -8.280  -0.876  6.492   1.00 26.79 ? 427  ARG A C     1 
ATOM   502  O  O     . ARG A 1 65 ? -9.430  -0.736  6.086   1.00 26.95 ? 427  ARG A O     1 
ATOM   503  C  CB    . ARG A 1 65 ? -7.692  -3.186  7.316   1.00 23.62 ? 427  ARG A CB    1 
ATOM   504  C  CG    . ARG A 1 65 ? -7.246  -4.578  6.871   1.00 26.34 ? 427  ARG A CG    1 
ATOM   505  C  CD    . ARG A 1 65 ? -7.642  -5.672  7.865   1.00 26.43 ? 427  ARG A CD    1 
ATOM   506  N  NE    . ARG A 1 65 ? -6.911  -5.597  9.125   1.00 25.18 ? 427  ARG A NE    1 
ATOM   507  C  CZ    . ARG A 1 65 ? -5.698  -6.101  9.324   1.00 24.92 ? 427  ARG A CZ    1 
ATOM   508  N  NH1   . ARG A 1 65 ? -5.056  -6.705  8.333   1.00 25.50 ? 427  ARG A NH1   1 
ATOM   509  N  NH2   . ARG A 1 65 ? -5.119  -6.001  10.520  1.00 24.59 ? 427  ARG A NH2   1 
ATOM   510  N  N     A TYR A 1 66 ? -7.630  0.043   7.201   0.43 28.17 ? 428  TYR A N     1 
ATOM   511  N  N     B TYR A 1 66 ? -7.666  0.067   7.196   0.57 28.02 ? 428  TYR A N     1 
ATOM   512  C  CA    A TYR A 1 66 ? -8.152  1.384   7.446   0.43 29.28 ? 428  TYR A CA    1 
ATOM   513  C  CA    B TYR A 1 66 ? -8.338  1.340   7.406   0.57 29.33 ? 428  TYR A CA    1 
ATOM   514  C  C     A TYR A 1 66 ? -8.483  2.083   6.122   0.43 29.47 ? 428  TYR A C     1 
ATOM   515  C  C     B TYR A 1 66 ? -8.565  2.034   6.058   0.57 29.47 ? 428  TYR A C     1 
ATOM   516  O  O     A TYR A 1 66 ? -9.500  2.762   5.999   0.43 30.88 ? 428  TYR A O     1 
ATOM   517  O  O     B TYR A 1 66 ? -9.598  2.668   5.850   0.57 30.80 ? 428  TYR A O     1 
ATOM   518  C  CB    A TYR A 1 66 ? -7.127  2.176   8.267   0.43 29.29 ? 428  TYR A CB    1 
ATOM   519  C  CB    B TYR A 1 66 ? -7.542  2.226   8.360   0.57 29.46 ? 428  TYR A CB    1 
ATOM   520  C  CG    A TYR A 1 66 ? -7.197  3.680   8.177   0.43 29.93 ? 428  TYR A CG    1 
ATOM   521  C  CG    B TYR A 1 66 ? -7.923  2.047   9.818   0.57 28.63 ? 428  TYR A CG    1 
ATOM   522  C  CD1   A TYR A 1 66 ? -8.074  4.409   8.975   0.43 29.05 ? 428  TYR A CD1   1 
ATOM   523  C  CD1   B TYR A 1 66 ? -9.246  1.846   10.194  0.57 30.85 ? 428  TYR A CD1   1 
ATOM   524  C  CD2   A TYR A 1 66 ? -6.341  4.381   7.334   0.43 29.68 ? 428  TYR A CD2   1 
ATOM   525  C  CD2   B TYR A 1 66 ? -6.957  2.082   10.816  0.57 26.46 ? 428  TYR A CD2   1 
ATOM   526  C  CE1   A TYR A 1 66 ? -8.121  5.785   8.910   0.43 29.39 ? 428  TYR A CE1   1 
ATOM   527  C  CE1   B TYR A 1 66 ? -9.592  1.692   11.515  0.57 30.21 ? 428  TYR A CE1   1 
ATOM   528  C  CE2   A TYR A 1 66 ? -6.381  5.755   7.268   0.43 28.84 ? 428  TYR A CE2   1 
ATOM   529  C  CE2   B TYR A 1 66 ? -7.295  1.924   12.140  0.57 28.29 ? 428  TYR A CE2   1 
ATOM   530  C  CZ    A TYR A 1 66 ? -7.268  6.450   8.052   0.43 30.88 ? 428  TYR A CZ    1 
ATOM   531  C  CZ    B TYR A 1 66 ? -8.608  1.738   12.487  0.57 28.07 ? 428  TYR A CZ    1 
ATOM   532  O  OH    A TYR A 1 66 ? -7.303  7.821   7.971   0.43 33.81 ? 428  TYR A OH    1 
ATOM   533  O  OH    B TYR A 1 66 ? -8.931  1.581   13.813  0.57 27.54 ? 428  TYR A OH    1 
ATOM   534  N  N     . TYR A 1 67 ? -7.622  1.889   5.129   1.00 29.28 ? 429  TYR A N     1 
ATOM   535  C  CA    . TYR A 1 67 ? -7.843  2.405   3.777   1.00 28.32 ? 429  TYR A CA    1 
ATOM   536  C  C     . TYR A 1 67 ? -9.075  1.794   3.074   1.00 30.68 ? 429  TYR A C     1 
ATOM   537  O  O     . TYR A 1 67 ? -9.603  2.404   2.131   1.00 30.58 ? 429  TYR A O     1 
ATOM   538  C  CB    . TYR A 1 67 ? -6.596  2.184   2.908   1.00 27.94 ? 429  TYR A CB    1 
ATOM   539  C  CG    . TYR A 1 67 ? -5.455  3.155   3.178   1.00 29.00 ? 429  TYR A CG    1 
ATOM   540  C  CD1   . TYR A 1 67 ? -5.702  4.447   3.654   1.00 28.75 ? 429  TYR A CD1   1 
ATOM   541  C  CD2   . TYR A 1 67 ? -4.128  2.783   2.949   1.00 27.33 ? 429  TYR A CD2   1 
ATOM   542  C  CE1   . TYR A 1 67 ? -4.659  5.340   3.895   1.00 27.42 ? 429  TYR A CE1   1 
ATOM   543  C  CE2   . TYR A 1 67 ? -3.081  3.667   3.194   1.00 26.39 ? 429  TYR A CE2   1 
ATOM   544  C  CZ    . TYR A 1 67 ? -3.353  4.937   3.662   1.00 28.34 ? 429  TYR A CZ    1 
ATOM   545  O  OH    . TYR A 1 67 ? -2.323  5.811   3.907   1.00 32.73 ? 429  TYR A OH    1 
ATOM   546  N  N     . TYR A 1 68 ? -9.551  0.618   3.502   1.00 28.55 ? 430  TYR A N     1 
ATOM   547  C  CA    . TYR A 1 68 ? -10.788 0.081   2.902   1.00 28.95 ? 430  TYR A CA    1 
ATOM   548  C  C     . TYR A 1 68 ? -11.958 1.012   3.251   1.00 32.79 ? 430  TYR A C     1 
ATOM   549  O  O     . TYR A 1 68 ? -12.812 1.303   2.409   1.00 34.85 ? 430  TYR A O     1 
ATOM   550  C  CB    . TYR A 1 68 ? -11.153 -1.335  3.378   1.00 28.33 ? 430  TYR A CB    1 
ATOM   551  C  CG    . TYR A 1 68 ? -10.119 -2.434  3.268   1.00 27.58 ? 430  TYR A CG    1 
ATOM   552  C  CD1   . TYR A 1 68 ? -8.982  -2.301  2.489   1.00 29.18 ? 430  TYR A CD1   1 
ATOM   553  C  CD2   . TYR A 1 68 ? -10.285 -3.609  3.983   1.00 27.88 ? 430  TYR A CD2   1 
ATOM   554  C  CE1   . TYR A 1 68 ? -8.043  -3.328  2.426   1.00 25.08 ? 430  TYR A CE1   1 
ATOM   555  C  CE2   . TYR A 1 68 ? -9.364  -4.635  3.925   1.00 25.88 ? 430  TYR A CE2   1 
ATOM   556  C  CZ    . TYR A 1 68 ? -8.240  -4.487  3.156   1.00 28.84 ? 430  TYR A CZ    1 
ATOM   557  O  OH    . TYR A 1 68 ? -7.324  -5.522  3.119   1.00 29.23 ? 430  TYR A OH    1 
ATOM   558  N  N     . GLU A 1 69 ? -12.005 1.446   4.508   1.00 32.60 ? 431  GLU A N     1 
ATOM   559  C  CA    . GLU A 1 69 ? -13.047 2.357   4.968   1.00 34.05 ? 431  GLU A CA    1 
ATOM   560  C  C     . GLU A 1 69 ? -12.917 3.715   4.286   1.00 36.66 ? 431  GLU A C     1 
ATOM   561  O  O     . GLU A 1 69 ? -13.922 4.371   4.022   1.00 38.18 ? 431  GLU A O     1 
ATOM   562  C  CB    . GLU A 1 69 ? -12.993 2.530   6.495   1.00 32.17 ? 431  GLU A CB    1 
ATOM   563  C  CG    . GLU A 1 69 ? -13.295 1.257   7.296   1.00 39.27 ? 431  GLU A CG    1 
ATOM   564  C  CD    . GLU A 1 69 ? -13.006 1.409   8.790   1.00 46.83 ? 431  GLU A CD    1 
ATOM   565  O  OE1   . GLU A 1 69 ? -13.110 2.537   9.328   1.00 50.54 ? 431  GLU A OE1   1 
ATOM   566  O  OE2   . GLU A 1 69 ? -12.674 0.388   9.435   1.00 49.02 ? 431  GLU A OE2   1 
ATOM   567  N  N     . LYS A 1 70 ? -11.683 4.137   4.012   1.00 33.21 ? 432  LYS A N     1 
ATOM   568  C  CA    . LYS A 1 70 ? -11.438 5.431   3.379   1.00 33.35 ? 432  LYS A CA    1 
ATOM   569  C  C     . LYS A 1 70 ? -11.809 5.359   1.911   1.00 34.07 ? 432  LYS A C     1 
ATOM   570  O  O     . LYS A 1 70 ? -11.986 6.383   1.259   1.00 34.99 ? 432  LYS A O     1 
ATOM   571  C  CB    . LYS A 1 70 ? -9.977  5.864   3.537   1.00 33.64 ? 432  LYS A CB    1 
ATOM   572  C  CG    . LYS A 1 70 ? -9.467  5.856   4.981   1.00 38.56 ? 432  LYS A CG    1 
ATOM   573  C  CD    . LYS A 1 70 ? -10.226 6.855   5.854   1.00 42.56 ? 432  LYS A CD    1 
ATOM   574  C  CE    . LYS A 1 70 ? -9.951  8.294   5.419   1.00 46.17 ? 432  LYS A CE    1 
ATOM   575  N  NZ    . LYS A 1 70 ? -10.849 9.277   6.106   1.00 57.37 ? 432  LYS A NZ    1 
ATOM   576  N  N     . GLY A 1 71 ? -11.925 4.141   1.395   1.00 30.90 ? 433  GLY A N     1 
ATOM   577  C  CA    . GLY A 1 71 ? -12.338 3.932   0.020   1.00 31.82 ? 433  GLY A CA    1 
ATOM   578  C  C     . GLY A 1 71 ? -11.245 3.973   -1.037  1.00 31.88 ? 433  GLY A C     1 
ATOM   579  O  O     . GLY A 1 71 ? -11.555 3.981   -2.229  1.00 32.98 ? 433  GLY A O     1 
ATOM   580  N  N     . ILE A 1 72 ? -9.973  3.988   -0.639  1.00 27.18 ? 434  ILE A N     1 
ATOM   581  C  CA    . ILE A 1 72 ? -8.918  4.069   -1.649  1.00 32.37 ? 434  ILE A CA    1 
ATOM   582  C  C     . ILE A 1 72 ? -8.226  2.738   -1.930  1.00 32.19 ? 434  ILE A C     1 
ATOM   583  O  O     . ILE A 1 72 ? -7.555  2.610   -2.948  1.00 30.47 ? 434  ILE A O     1 
ATOM   584  C  CB    . ILE A 1 72 ? -7.844  5.098   -1.274  1.00 33.37 ? 434  ILE A CB    1 
ATOM   585  C  CG1   . ILE A 1 72 ? -7.093  4.655   -0.017  1.00 31.17 ? 434  ILE A CG1   1 
ATOM   586  C  CG2   . ILE A 1 72 ? -8.476  6.479   -1.093  1.00 30.35 ? 434  ILE A CG2   1 
ATOM   587  C  CD1   . ILE A 1 72 ? -5.711  5.274   0.124   1.00 32.72 ? 434  ILE A CD1   1 
ATOM   588  N  N     . MET A 1 73 ? -8.412  1.751   -1.051  1.00 31.54 ? 435  MET A N     1 
ATOM   589  C  CA    . MET A 1 73 ? -7.866  0.403   -1.261  1.00 29.90 ? 435  MET A CA    1 
ATOM   590  C  C     . MET A 1 73 ? -8.889  -0.690  -1.035  1.00 30.81 ? 435  MET A C     1 
ATOM   591  O  O     . MET A 1 73 ? -9.887  -0.488  -0.337  1.00 26.80 ? 435  MET A O     1 
ATOM   592  C  CB    . MET A 1 73 ? -6.680  0.132   -0.321  1.00 27.39 ? 435  MET A CB    1 
ATOM   593  C  CG    . MET A 1 73 ? -5.396  0.804   -0.701  1.00 34.33 ? 435  MET A CG    1 
ATOM   594  S  SD    . MET A 1 73 ? -4.011  0.067   0.203   1.00 32.23 ? 435  MET A SD    1 
ATOM   595  C  CE    . MET A 1 73 ? -2.740  1.242   -0.298  1.00 28.14 ? 435  MET A CE    1 
ATOM   596  N  N     . GLN A 1 74 ? -8.623  -1.860  -1.614  1.00 25.97 ? 436  GLN A N     1 
ATOM   597  C  CA    . GLN A 1 74 ? -9.383  -3.078  -1.320  1.00 28.92 ? 436  GLN A CA    1 
ATOM   598  C  C     . GLN A 1 74 ? -8.402  -4.227  -1.265  1.00 29.40 ? 436  GLN A C     1 
ATOM   599  O  O     . GLN A 1 74 ? -7.324  -4.152  -1.859  1.00 29.83 ? 436  GLN A O     1 
ATOM   600  C  CB    . GLN A 1 74 ? -10.449 -3.373  -2.387  1.00 32.64 ? 436  GLN A CB    1 
ATOM   601  C  CG    . GLN A 1 74 ? -11.672 -2.452  -2.383  1.00 41.61 ? 436  GLN A CG    1 
ATOM   602  C  CD    . GLN A 1 74 ? -12.642 -2.752  -3.535  1.00 46.47 ? 436  GLN A CD    1 
ATOM   603  O  OE1   . GLN A 1 74 ? -12.371 -3.602  -4.388  1.00 51.20 ? 436  GLN A OE1   1 
ATOM   604  N  NE2   . GLN A 1 74 ? -13.763 -2.032  -3.570  1.00 53.99 ? 436  GLN A NE2   1 
ATOM   605  N  N     . LYS A 1 75 ? -8.767  -5.296  -0.568  1.00 28.41 ? 437  LYS A N     1 
ATOM   606  C  CA    . LYS A 1 75 ? -7.985  -6.529  -0.627  1.00 28.48 ? 437  LYS A CA    1 
ATOM   607  C  C     . LYS A 1 75 ? -8.318  -7.263  -1.929  1.00 33.68 ? 437  LYS A C     1 
ATOM   608  O  O     . LYS A 1 75 ? -9.452  -7.204  -2.410  1.00 31.41 ? 437  LYS A O     1 
ATOM   609  C  CB    . LYS A 1 75 ? -8.278  -7.420  0.590   1.00 29.56 ? 437  LYS A CB    1 
ATOM   610  C  CG    . LYS A 1 75 ? -7.392  -8.662  0.710   1.00 26.61 ? 437  LYS A CG    1 
ATOM   611  C  CD    . LYS A 1 75 ? -5.960  -8.259  1.028   1.00 26.65 ? 437  LYS A CD    1 
ATOM   612  C  CE    . LYS A 1 75 ? -5.087  -9.474  1.295   1.00 27.34 ? 437  LYS A CE    1 
ATOM   613  N  NZ    . LYS A 1 75 ? -5.005  -10.365 0.104   1.00 26.36 ? 437  LYS A NZ    1 
ATOM   614  N  N     . VAL A 1 76 ? -7.338  -7.932  -2.524  1.00 29.55 ? 438  VAL A N     1 
ATOM   615  C  CA    . VAL A 1 76 ? -7.677  -8.873  -3.591  1.00 33.12 ? 438  VAL A CA    1 
ATOM   616  C  C     . VAL A 1 76 ? -7.933  -10.224 -2.932  1.00 31.72 ? 438  VAL A C     1 
ATOM   617  O  O     . VAL A 1 76 ? -7.000  -10.884 -2.486  1.00 32.00 ? 438  VAL A O     1 
ATOM   618  C  CB    . VAL A 1 76 ? -6.573  -8.996  -4.640  1.00 34.02 ? 438  VAL A CB    1 
ATOM   619  C  CG1   . VAL A 1 76 ? -6.944  -10.075 -5.664  1.00 32.65 ? 438  VAL A CG1   1 
ATOM   620  C  CG2   . VAL A 1 76 ? -6.349  -7.648  -5.317  1.00 32.37 ? 438  VAL A CG2   1 
ATOM   621  N  N     . ALA A 1 77 ? -9.199  -10.617 -2.854  1.00 35.13 ? 439  ALA A N     1 
ATOM   622  C  CA    . ALA A 1 77 ? -9.593  -11.755 -2.037  1.00 35.99 ? 439  ALA A CA    1 
ATOM   623  C  C     . ALA A 1 77 ? -8.864  -13.035 -2.447  1.00 40.56 ? 439  ALA A C     1 
ATOM   624  O  O     . ALA A 1 77 ? -8.828  -13.398 -3.626  1.00 41.17 ? 439  ALA A O     1 
ATOM   625  C  CB    . ALA A 1 77 ? -11.105 -11.954 -2.109  1.00 37.94 ? 439  ALA A CB    1 
ATOM   626  N  N     . GLY A 1 78 ? -8.253  -13.697 -1.473  1.00 35.86 ? 440  GLY A N     1 
ATOM   627  C  CA    . GLY A 1 78 ? -7.633  -14.981 -1.715  1.00 37.92 ? 440  GLY A CA    1 
ATOM   628  C  C     . GLY A 1 78 ? -6.270  -14.964 -2.374  1.00 41.99 ? 440  GLY A C     1 
ATOM   629  O  O     . GLY A 1 78 ? -5.723  -16.024 -2.658  1.00 41.44 ? 440  GLY A O     1 
ATOM   630  N  N     . GLU A 1 79 ? -5.725  -13.778 -2.635  1.00 37.13 ? 441  GLU A N     1 
ATOM   631  C  CA    . GLU A 1 79 ? -4.380  -13.667 -3.193  1.00 38.34 ? 441  GLU A CA    1 
ATOM   632  C  C     . GLU A 1 79 ? -3.437  -13.125 -2.126  1.00 34.94 ? 441  GLU A C     1 
ATOM   633  O  O     . GLU A 1 79 ? -3.586  -11.987 -1.672  1.00 31.01 ? 441  GLU A O     1 
ATOM   634  C  CB    . GLU A 1 79 ? -4.365  -12.763 -4.437  1.00 39.29 ? 441  GLU A CB    1 
ATOM   635  C  CG    . GLU A 1 79 ? -5.203  -13.292 -5.602  1.00 39.58 ? 441  GLU A CG    1 
ATOM   636  C  CD    . GLU A 1 79 ? -4.754  -14.671 -6.065  1.00 51.38 ? 441  GLU A CD    1 
ATOM   637  O  OE1   . GLU A 1 79 ? -3.531  -14.951 -6.041  1.00 49.06 ? 441  GLU A OE1   1 
ATOM   638  O  OE2   . GLU A 1 79 ? -5.630  -15.477 -6.445  1.00 58.17 ? 441  GLU A OE2   1 
ATOM   639  N  N     . ARG A 1 80 ? -2.472  -13.947 -1.731  1.00 32.32 ? 442  ARG A N     1 
ATOM   640  C  CA    . ARG A 1 80 ? -1.636  -13.649 -0.577  1.00 34.78 ? 442  ARG A CA    1 
ATOM   641  C  C     . ARG A 1 80 ? -0.847  -12.364 -0.751  1.00 31.55 ? 442  ARG A C     1 
ATOM   642  O  O     . ARG A 1 80 ? -0.172  -12.186 -1.771  1.00 29.52 ? 442  ARG A O     1 
ATOM   643  C  CB    . ARG A 1 80 ? -0.679  -14.809 -0.312  1.00 31.67 ? 442  ARG A CB    1 
ATOM   644  C  CG    . ARG A 1 80 ? 0.044   -14.675 1.007   1.00 34.15 ? 442  ARG A CG    1 
ATOM   645  C  CD    . ARG A 1 80 ? 0.382   -16.035 1.559   1.00 39.76 ? 442  ARG A CD    1 
ATOM   646  N  NE    . ARG A 1 80 ? 1.787   -16.353 1.412   1.00 48.86 ? 442  ARG A NE    1 
ATOM   647  C  CZ    . ARG A 1 80 ? 2.261   -17.556 1.116   1.00 45.59 ? 442  ARG A CZ    1 
ATOM   648  N  NH1   . ARG A 1 80 ? 1.437   -18.588 0.932   1.00 46.15 ? 442  ARG A NH1   1 
ATOM   649  N  NH2   . ARG A 1 80 ? 3.569   -17.725 1.015   1.00 48.88 ? 442  ARG A NH2   1 
ATOM   650  N  N     . TYR A 1 81 ? -0.957  -11.470 0.237   1.00 27.51 ? 443  TYR A N     1 
ATOM   651  C  CA    . TYR A 1 81 ? -0.269  -10.171 0.242   1.00 27.77 ? 443  TYR A CA    1 
ATOM   652  C  C     . TYR A 1 81 ? -0.635  -9.265  -0.935  1.00 28.33 ? 443  TYR A C     1 
ATOM   653  O  O     . TYR A 1 81 ? 0.094   -8.305  -1.223  1.00 28.20 ? 443  TYR A O     1 
ATOM   654  C  CB    . TYR A 1 81 ? 1.257   -10.354 0.256   1.00 26.35 ? 443  TYR A CB    1 
ATOM   655  C  CG    . TYR A 1 81 ? 1.771   -11.294 1.321   1.00 30.56 ? 443  TYR A CG    1 
ATOM   656  C  CD1   . TYR A 1 81 ? 1.181   -11.346 2.578   1.00 29.07 ? 443  TYR A CD1   1 
ATOM   657  C  CD2   . TYR A 1 81 ? 2.831   -12.155 1.053   1.00 29.38 ? 443  TYR A CD2   1 
ATOM   658  C  CE1   . TYR A 1 81 ? 1.648   -12.231 3.554   1.00 30.47 ? 443  TYR A CE1   1 
ATOM   659  C  CE2   . TYR A 1 81 ? 3.310   -13.031 2.022   1.00 33.61 ? 443  TYR A CE2   1 
ATOM   660  C  CZ    . TYR A 1 81 ? 2.717   -13.061 3.262   1.00 32.18 ? 443  TYR A CZ    1 
ATOM   661  O  OH    . TYR A 1 81 ? 3.200   -13.928 4.213   1.00 31.02 ? 443  TYR A OH    1 
ATOM   662  N  N     . VAL A 1 82 ? -1.758  -9.543  -1.597  1.00 27.69 ? 444  VAL A N     1 
ATOM   663  C  CA    . VAL A 1 82 ? -2.162  -8.737  -2.752  1.00 28.69 ? 444  VAL A CA    1 
ATOM   664  C  C     . VAL A 1 82 ? -3.331  -7.794  -2.433  1.00 32.71 ? 444  VAL A C     1 
ATOM   665  O  O     . VAL A 1 82 ? -4.377  -8.221  -1.938  1.00 29.10 ? 444  VAL A O     1 
ATOM   666  C  CB    . VAL A 1 82 ? -2.549  -9.625  -3.961  1.00 29.35 ? 444  VAL A CB    1 
ATOM   667  C  CG1   . VAL A 1 82 ? -3.002  -8.766  -5.133  1.00 30.09 ? 444  VAL A CG1   1 
ATOM   668  C  CG2   . VAL A 1 82 ? -1.386  -10.463 -4.386  1.00 28.25 ? 444  VAL A CG2   1 
ATOM   669  N  N     . TYR A 1 83 ? -3.124  -6.511  -2.727  1.00 26.81 ? 445  TYR A N     1 
ATOM   670  C  CA    . TYR A 1 83 ? -4.112  -5.458  -2.534  1.00 25.49 ? 445  TYR A CA    1 
ATOM   671  C  C     . TYR A 1 83 ? -4.270  -4.691  -3.843  1.00 27.61 ? 445  TYR A C     1 
ATOM   672  O  O     . TYR A 1 83 ? -3.540  -4.953  -4.795  1.00 25.91 ? 445  TYR A O     1 
ATOM   673  C  CB    . TYR A 1 83 ? -3.668  -4.495  -1.432  1.00 26.39 ? 445  TYR A CB    1 
ATOM   674  C  CG    . TYR A 1 83 ? -3.442  -5.124  -0.077  1.00 25.77 ? 445  TYR A CG    1 
ATOM   675  C  CD1   . TYR A 1 83 ? -2.295  -5.882  0.189   1.00 22.67 ? 445  TYR A CD1   1 
ATOM   676  C  CD2   . TYR A 1 83 ? -4.358  -4.930  0.952   1.00 24.02 ? 445  TYR A CD2   1 
ATOM   677  C  CE1   . TYR A 1 83 ? -2.092  -6.459  1.453   1.00 25.32 ? 445  TYR A CE1   1 
ATOM   678  C  CE2   . TYR A 1 83 ? -4.166  -5.488  2.205   1.00 24.38 ? 445  TYR A CE2   1 
ATOM   679  C  CZ    . TYR A 1 83 ? -3.033  -6.251  2.454   1.00 25.08 ? 445  TYR A CZ    1 
ATOM   680  O  OH    . TYR A 1 83 ? -2.857  -6.815  3.708   1.00 24.81 ? 445  TYR A OH    1 
ATOM   681  N  N     . LYS A 1 84 ? -5.198  -3.740  -3.897  1.00 26.66 ? 446  LYS A N     1 
ATOM   682  C  CA    . LYS A 1 84 ? -5.302  -2.863  -5.065  1.00 28.19 ? 446  LYS A CA    1 
ATOM   683  C  C     . LYS A 1 84 ? -5.794  -1.492  -4.657  1.00 29.82 ? 446  LYS A C     1 
ATOM   684  O  O     . LYS A 1 84 ? -6.577  -1.347  -3.712  1.00 28.26 ? 446  LYS A O     1 
ATOM   685  C  CB    . LYS A 1 84 ? -6.247  -3.445  -6.113  1.00 27.67 ? 446  LYS A CB    1 
ATOM   686  C  CG    . LYS A 1 84 ? -7.665  -3.646  -5.582  1.00 32.01 ? 446  LYS A CG    1 
ATOM   687  C  CD    . LYS A 1 84 ? -8.503  -4.534  -6.496  1.00 41.58 ? 446  LYS A CD    1 
ATOM   688  C  CE    . LYS A 1 84 ? -9.412  -3.719  -7.376  1.00 45.22 ? 446  LYS A CE    1 
ATOM   689  N  NZ    . LYS A 1 84 ? -10.364 -4.606  -8.106  1.00 56.66 ? 446  LYS A NZ    1 
ATOM   690  N  N     . PHE A 1 85 ? -5.333  -0.472  -5.362  1.00 27.63 ? 447  PHE A N     1 
ATOM   691  C  CA    . PHE A 1 85 ? -5.967  0.820   -5.203  1.00 27.26 ? 447  PHE A CA    1 
ATOM   692  C  C     . PHE A 1 85 ? -7.292  0.730   -5.924  1.00 29.66 ? 447  PHE A C     1 
ATOM   693  O  O     . PHE A 1 85 ? -7.407  0.055   -6.952  1.00 28.07 ? 447  PHE A O     1 
ATOM   694  C  CB    . PHE A 1 85 ? -5.116  1.939   -5.763  1.00 30.16 ? 447  PHE A CB    1 
ATOM   695  C  CG    . PHE A 1 85 ? -3.885  2.202   -4.973  1.00 28.07 ? 447  PHE A CG    1 
ATOM   696  C  CD1   . PHE A 1 85 ? -3.915  3.088   -3.902  1.00 29.28 ? 447  PHE A CD1   1 
ATOM   697  C  CD2   . PHE A 1 85 ? -2.701  1.556   -5.277  1.00 30.17 ? 447  PHE A CD2   1 
ATOM   698  C  CE1   . PHE A 1 85 ? -2.784  3.330   -3.153  1.00 31.77 ? 447  PHE A CE1   1 
ATOM   699  C  CE2   . PHE A 1 85 ? -1.566  1.793   -4.524  1.00 26.74 ? 447  PHE A CE2   1 
ATOM   700  C  CZ    . PHE A 1 85 ? -1.609  2.681   -3.464  1.00 27.44 ? 447  PHE A CZ    1 
ATOM   701  N  N     . VAL A 1 86 ? -8.299  1.397   -5.388  1.00 28.45 ? 448  VAL A N     1 
ATOM   702  C  CA    . VAL A 1 86 ? -9.621  1.323   -5.993  1.00 29.34 ? 448  VAL A CA    1 
ATOM   703  C  C     . VAL A 1 86 ? -9.709  2.260   -7.202  1.00 27.34 ? 448  VAL A C     1 
ATOM   704  O  O     . VAL A 1 86 ? -9.281  3.410   -7.143  1.00 29.31 ? 448  VAL A O     1 
ATOM   705  C  CB    . VAL A 1 86 ? -10.706 1.660   -4.958  1.00 30.61 ? 448  VAL A CB    1 
ATOM   706  C  CG1   . VAL A 1 86 ? -12.099 1.664   -5.599  1.00 32.37 ? 448  VAL A CG1   1 
ATOM   707  C  CG2   . VAL A 1 86 ? -10.642 0.663   -3.807  1.00 29.93 ? 448  VAL A CG2   1 
ATOM   708  N  N     . CYS A 1 87 ? -10.248 1.757   -8.303  1.00 29.43 ? 449  CYS A N     1 
ATOM   709  C  CA    A CYS A 1 87 ? -10.490 2.547   -9.504  0.55 32.26 ? 449  CYS A CA    1 
ATOM   710  C  CA    B CYS A 1 87 ? -10.450 2.626   -9.460  0.45 31.95 ? 449  CYS A CA    1 
ATOM   711  C  C     . CYS A 1 87 ? -11.927 3.040   -9.548  1.00 30.90 ? 449  CYS A C     1 
ATOM   712  O  O     . CYS A 1 87 ? -12.732 2.469   -10.275 1.00 32.96 ? 449  CYS A O     1 
ATOM   713  C  CB    A CYS A 1 87 ? -10.211 1.702   -10.745 0.55 31.92 ? 449  CYS A CB    1 
ATOM   714  C  CB    B CYS A 1 87 ? -9.962  1.948   -10.744 0.45 32.03 ? 449  CYS A CB    1 
ATOM   715  S  SG    A CYS A 1 87 ? -10.710 2.409   -12.336 0.55 34.58 ? 449  CYS A SG    1 
ATOM   716  S  SG    B CYS A 1 87 ? -8.138  2.030   -10.951 0.45 29.55 ? 449  CYS A SG    1 
ATOM   717  N  N     . ASP A 1 88 ? -12.271 4.054   -8.761  1.00 32.00 ? 450  ASP A N     1 
ATOM   718  C  CA    . ASP A 1 88 ? -13.650 4.550   -8.759  1.00 32.19 ? 450  ASP A CA    1 
ATOM   719  C  C     . ASP A 1 88 ? -13.632 6.029   -8.371  1.00 32.95 ? 450  ASP A C     1 
ATOM   720  O  O     . ASP A 1 88 ? -12.606 6.524   -7.929  1.00 29.87 ? 450  ASP A O     1 
ATOM   721  C  CB    . ASP A 1 88 ? -14.555 3.652   -7.853  1.00 31.39 ? 450  ASP A CB    1 
ATOM   722  C  CG    . ASP A 1 88 ? -14.570 4.043   -6.359  1.00 35.86 ? 450  ASP A CG    1 
ATOM   723  O  OD1   . ASP A 1 88 ? -13.959 5.029   -5.925  1.00 32.28 ? 450  ASP A OD1   1 
ATOM   724  O  OD2   . ASP A 1 88 ? -15.240 3.317   -5.582  1.00 39.07 ? 450  ASP A OD2   1 
ATOM   725  N  N     . PRO A 1 89 ? -14.762 6.745   -8.540  1.00 31.60 ? 451  PRO A N     1 
ATOM   726  C  CA    . PRO A 1 89 ? -14.757 8.201   -8.341  1.00 30.80 ? 451  PRO A CA    1 
ATOM   727  C  C     . PRO A 1 89 ? -14.324 8.665   -6.959  1.00 31.79 ? 451  PRO A C     1 
ATOM   728  O  O     . PRO A 1 89 ? -13.614 9.671   -6.859  1.00 30.02 ? 451  PRO A O     1 
ATOM   729  C  CB    . PRO A 1 89 ? -16.223 8.584   -8.585  1.00 31.18 ? 451  PRO A CB    1 
ATOM   730  C  CG    . PRO A 1 89 ? -16.712 7.582   -9.530  1.00 32.10 ? 451  PRO A CG    1 
ATOM   731  C  CD    . PRO A 1 89 ? -16.045 6.286   -9.103  1.00 32.90 ? 451  PRO A CD    1 
ATOM   732  N  N     . ASP A 1 90 ? -14.753 7.971   -5.909  1.00 29.65 ? 452  ASP A N     1 
ATOM   733  C  CA    . ASP A 1 90 ? -14.403 8.408   -4.559  1.00 31.17 ? 452  ASP A CA    1 
ATOM   734  C  C     . ASP A 1 90 ? -12.925 8.217   -4.292  1.00 29.21 ? 452  ASP A C     1 
ATOM   735  O  O     . ASP A 1 90 ? -12.304 9.021   -3.603  1.00 33.05 ? 452  ASP A O     1 
ATOM   736  C  CB    . ASP A 1 90 ? -15.213 7.654   -3.501  1.00 33.47 ? 452  ASP A CB    1 
ATOM   737  C  CG    . ASP A 1 90 ? -16.650 8.123   -3.430  1.00 40.07 ? 452  ASP A CG    1 
ATOM   738  O  OD1   . ASP A 1 90 ? -16.898 9.305   -3.774  1.00 36.97 ? 452  ASP A OD1   1 
ATOM   739  O  OD2   . ASP A 1 90 ? -17.519 7.310   -3.036  1.00 43.31 ? 452  ASP A OD2   1 
ATOM   740  N  N     . ALA A 1 91 ? -12.364 7.137   -4.825  1.00 28.28 ? 453  ALA A N     1 
ATOM   741  C  CA    . ALA A 1 91 ? -10.955 6.852   -4.590  1.00 30.05 ? 453  ALA A CA    1 
ATOM   742  C  C     . ALA A 1 91 ? -10.092 7.941   -5.233  1.00 29.01 ? 453  ALA A C     1 
ATOM   743  O  O     . ALA A 1 91 ? -9.176  8.459   -4.607  1.00 31.96 ? 453  ALA A O     1 
ATOM   744  C  CB    . ALA A 1 91 ? -10.586 5.477   -5.133  1.00 30.41 ? 453  ALA A CB    1 
ATOM   745  N  N     . LEU A 1 92 ? -10.395 8.301   -6.478  1.00 29.97 ? 454  LEU A N     1 
ATOM   746  C  CA    . LEU A 1 92 ? -9.598  9.326   -7.150  1.00 32.02 ? 454  LEU A CA    1 
ATOM   747  C  C     . LEU A 1 92 ? -9.696  10.661  -6.431  1.00 30.47 ? 454  LEU A C     1 
ATOM   748  O  O     . LEU A 1 92 ? -8.712  11.377  -6.312  1.00 31.60 ? 454  LEU A O     1 
ATOM   749  C  CB    . LEU A 1 92 ? -10.025 9.498   -8.607  1.00 32.48 ? 454  LEU A CB    1 
ATOM   750  C  CG    . LEU A 1 92 ? -9.328  10.685  -9.291  1.00 34.61 ? 454  LEU A CG    1 
ATOM   751  C  CD1   . LEU A 1 92 ? -7.816  10.492  -9.362  1.00 30.53 ? 454  LEU A CD1   1 
ATOM   752  C  CD2   . LEU A 1 92 ? -9.898  10.923  -10.670 1.00 34.34 ? 454  LEU A CD2   1 
ATOM   753  N  N     . PHE A 1 93 ? -10.886 11.009  -5.951  1.00 32.32 ? 455  PHE A N     1 
ATOM   754  C  CA    . PHE A 1 93 ? -11.016 12.282  -5.257  1.00 31.18 ? 455  PHE A CA    1 
ATOM   755  C  C     . PHE A 1 93 ? -10.124 12.288  -4.025  1.00 32.87 ? 455  PHE A C     1 
ATOM   756  O  O     . PHE A 1 93 ? -9.380  13.254  -3.780  1.00 30.38 ? 455  PHE A O     1 
ATOM   757  C  CB    . PHE A 1 93 ? -12.468 12.563  -4.872  1.00 30.40 ? 455  PHE A CB    1 
ATOM   758  C  CG    . PHE A 1 93 ? -12.670 13.929  -4.295  1.00 36.30 ? 455  PHE A CG    1 
ATOM   759  C  CD1   . PHE A 1 93 ? -12.887 15.020  -5.124  1.00 36.23 ? 455  PHE A CD1   1 
ATOM   760  C  CD2   . PHE A 1 93 ? -12.605 14.130  -2.930  1.00 35.72 ? 455  PHE A CD2   1 
ATOM   761  C  CE1   . PHE A 1 93 ? -13.062 16.281  -4.598  1.00 38.61 ? 455  PHE A CE1   1 
ATOM   762  C  CE2   . PHE A 1 93 ? -12.775 15.393  -2.392  1.00 37.32 ? 455  PHE A CE2   1 
ATOM   763  C  CZ    . PHE A 1 93 ? -13.003 16.468  -3.223  1.00 39.71 ? 455  PHE A CZ    1 
ATOM   764  N  N     . SER A 1 94 ? -10.186 11.196  -3.261  1.00 31.62 ? 456  SER A N     1 
ATOM   765  C  CA    . SER A 1 94 ? -9.429  11.093  -2.013  1.00 33.46 ? 456  SER A CA    1 
ATOM   766  C  C     . SER A 1 94 ? -7.935  11.074  -2.274  1.00 34.08 ? 456  SER A C     1 
ATOM   767  O  O     . SER A 1 94 ? -7.160  11.600  -1.479  1.00 38.03 ? 456  SER A O     1 
ATOM   768  C  CB    . SER A 1 94 ? -9.824  9.837   -1.236  1.00 34.92 ? 456  SER A CB    1 
ATOM   769  O  OG    . SER A 1 94 ? -11.075 10.011  -0.599  1.00 38.98 ? 456  SER A OG    1 
ATOM   770  N  N     . MET A 1 95 ? -7.525  10.469  -3.387  1.00 31.58 ? 457  MET A N     1 
ATOM   771  C  CA    . MET A 1 95 ? -6.094  10.403  -3.680  1.00 35.31 ? 457  MET A CA    1 
ATOM   772  C  C     . MET A 1 95 ? -5.576  11.673  -4.346  1.00 39.07 ? 457  MET A C     1 
ATOM   773  O  O     . MET A 1 95 ? -4.427  12.060  -4.134  1.00 41.40 ? 457  MET A O     1 
ATOM   774  C  CB    . MET A 1 95 ? -5.784  9.176   -4.529  1.00 36.84 ? 457  MET A CB    1 
ATOM   775  C  CG    . MET A 1 95 ? -5.784  7.908   -3.676  1.00 36.60 ? 457  MET A CG    1 
ATOM   776  S  SD    . MET A 1 95 ? -5.381  6.399   -4.568  1.00 42.02 ? 457  MET A SD    1 
ATOM   777  C  CE    . MET A 1 95 ? -6.708  6.332   -5.787  1.00 36.33 ? 457  MET A CE    1 
ATOM   778  N  N     . ALA A 1 96 ? -6.422  12.338  -5.125  1.00 35.35 ? 458  ALA A N     1 
ATOM   779  C  CA    . ALA A 1 96 ? -6.032  13.613  -5.738  1.00 38.15 ? 458  ALA A CA    1 
ATOM   780  C  C     . ALA A 1 96 ? -5.901  14.721  -4.695  1.00 39.69 ? 458  ALA A C     1 
ATOM   781  O  O     . ALA A 1 96 ? -5.042  15.599  -4.801  1.00 41.40 ? 458  ALA A O     1 
ATOM   782  C  CB    . ALA A 1 96 ? -7.043  14.020  -6.808  1.00 34.89 ? 458  ALA A CB    1 
ATOM   783  N  N     . PHE A 1 97 ? -6.771  14.684  -3.695  1.00 35.54 ? 459  PHE A N     1 
ATOM   784  C  CA    . PHE A 1 97 ? -6.825  15.742  -2.689  1.00 38.87 ? 459  PHE A CA    1 
ATOM   785  C  C     . PHE A 1 97 ? -6.763  15.162  -1.288  1.00 43.32 ? 459  PHE A C     1 
ATOM   786  O  O     . PHE A 1 97 ? -7.762  15.173  -0.568  1.00 43.22 ? 459  PHE A O     1 
ATOM   787  C  CB    . PHE A 1 97 ? -8.097  16.566  -2.842  1.00 37.42 ? 459  PHE A CB    1 
ATOM   788  C  CG    . PHE A 1 97 ? -8.329  17.051  -4.234  1.00 34.48 ? 459  PHE A CG    1 
ATOM   789  C  CD1   . PHE A 1 97 ? -7.491  18.002  -4.787  1.00 36.16 ? 459  PHE A CD1   1 
ATOM   790  C  CD2   . PHE A 1 97 ? -9.385  16.571  -4.982  1.00 36.87 ? 459  PHE A CD2   1 
ATOM   791  C  CE1   . PHE A 1 97 ? -7.689  18.459  -6.073  1.00 38.31 ? 459  PHE A CE1   1 
ATOM   792  C  CE2   . PHE A 1 97 ? -9.600  17.027  -6.269  1.00 37.12 ? 459  PHE A CE2   1 
ATOM   793  C  CZ    . PHE A 1 97 ? -8.741  17.969  -6.817  1.00 35.03 ? 459  PHE A CZ    1 
ATOM   794  N  N     . PRO A 1 98 ? -5.590  14.643  -0.901  1.00 44.49 ? 460  PRO A N     1 
ATOM   795  C  CA    . PRO A 1 98 ? -5.458  14.037  0.428   1.00 51.63 ? 460  PRO A CA    1 
ATOM   796  C  C     . PRO A 1 98 ? -5.449  15.093  1.534   1.00 60.17 ? 460  PRO A C     1 
ATOM   797  O  O     . PRO A 1 98 ? -4.791  16.134  1.386   1.00 57.76 ? 460  PRO A O     1 
ATOM   798  C  CB    . PRO A 1 98 ? -4.112  13.313  0.350   1.00 46.50 ? 460  PRO A CB    1 
ATOM   799  C  CG    . PRO A 1 98 ? -3.317  14.105  -0.654  1.00 45.43 ? 460  PRO A CG    1 
ATOM   800  C  CD    . PRO A 1 98 ? -4.323  14.611  -1.662  1.00 46.64 ? 460  PRO A CD    1 
ATOM   801  N  N     . ASP A 1 99 ? -6.176  14.834  2.620   1.00 65.47 ? 461  ASP A N     1 
ATOM   802  C  CA    . ASP A 1 99 ? -6.144  15.720  3.784   1.00 70.28 ? 461  ASP A CA    1 
ATOM   803  C  C     . ASP A 1 99 ? -5.207  15.165  4.858   1.00 68.91 ? 461  ASP A C     1 
ATOM   804  O  O     . ASP A 1 99 ? -4.009  15.414  4.837   1.00 64.53 ? 461  ASP A O     1 
ATOM   805  C  CB    . ASP A 1 99 ? -7.551  15.922  4.369   1.00 73.49 ? 461  ASP A CB    1 
ATOM   806  C  CG    . ASP A 1 99 ? -8.633  15.989  3.302   1.00 80.33 ? 461  ASP A CG    1 
ATOM   807  O  OD1   . ASP A 1 99 ? -8.638  16.963  2.511   1.00 78.47 ? 461  ASP A OD1   1 
ATOM   808  O  OD2   . ASP A 1 99 ? -9.473  15.063  3.260   1.00 79.97 ? 461  ASP A OD2   1 
ATOM   809  O  "O5'" . DA  B 2 1  ? -0.423  -16.933 5.959   1.00 34.09 ? 1    DA  B "O5'" 1 
ATOM   810  C  "C5'" . DA  B 2 1  ? -0.481  -15.521 5.934   1.00 31.76 ? 1    DA  B "C5'" 1 
ATOM   811  C  "C4'" . DA  B 2 1  ? -1.748  -15.074 5.244   1.00 31.43 ? 1    DA  B "C4'" 1 
ATOM   812  O  "O4'" . DA  B 2 1  ? -2.890  -15.539 6.008   1.00 31.95 ? 1    DA  B "O4'" 1 
ATOM   813  C  "C3'" . DA  B 2 1  ? -1.921  -13.570 5.115   1.00 30.71 ? 1    DA  B "C3'" 1 
ATOM   814  O  "O3'" . DA  B 2 1  ? -2.679  -13.304 3.974   1.00 26.91 ? 1    DA  B "O3'" 1 
ATOM   815  C  "C2'" . DA  B 2 1  ? -2.675  -13.195 6.394   1.00 29.82 ? 1    DA  B "C2'" 1 
ATOM   816  C  "C1'" . DA  B 2 1  ? -3.526  -14.449 6.656   1.00 31.15 ? 1    DA  B "C1'" 1 
ATOM   817  N  N9    . DA  B 2 1  ? -3.675  -14.783 8.081   1.00 28.06 ? 1    DA  B N9    1 
ATOM   818  C  C8    . DA  B 2 1  ? -2.699  -14.775 9.047   1.00 31.42 ? 1    DA  B C8    1 
ATOM   819  N  N7    . DA  B 2 1  ? -3.136  -15.111 10.243  1.00 28.85 ? 1    DA  B N7    1 
ATOM   820  C  C5    . DA  B 2 1  ? -4.492  -15.358 10.038  1.00 29.95 ? 1    DA  B C5    1 
ATOM   821  C  C6    . DA  B 2 1  ? -5.523  -15.774 10.904  1.00 27.87 ? 1    DA  B C6    1 
ATOM   822  N  N6    . DA  B 2 1  ? -5.340  -16.000 12.213  1.00 29.45 ? 1    DA  B N6    1 
ATOM   823  N  N1    . DA  B 2 1  ? -6.753  -15.916 10.390  1.00 25.40 ? 1    DA  B N1    1 
ATOM   824  C  C2    . DA  B 2 1  ? -6.943  -15.685 9.084   1.00 31.05 ? 1    DA  B C2    1 
ATOM   825  N  N3    . DA  B 2 1  ? -6.055  -15.307 8.165   1.00 31.19 ? 1    DA  B N3    1 
ATOM   826  C  C4    . DA  B 2 1  ? -4.830  -15.172 8.715   1.00 29.15 ? 1    DA  B C4    1 
ATOM   827  P  P     . DC  B 2 2  ? -2.961  -11.800 3.498   1.00 29.26 ? 2    DC  B P     1 
ATOM   828  O  OP1   . DC  B 2 2  ? -3.192  -11.860 2.045   1.00 28.10 ? 2    DC  B OP1   1 
ATOM   829  O  OP2   . DC  B 2 2  ? -1.983  -10.877 4.111   1.00 27.80 ? 2    DC  B OP2   1 
ATOM   830  O  "O5'" . DC  B 2 2  ? -4.341  -11.447 4.180   1.00 29.41 ? 2    DC  B "O5'" 1 
ATOM   831  C  "C5'" . DC  B 2 2  ? -5.462  -12.224 3.914   1.00 30.89 ? 2    DC  B "C5'" 1 
ATOM   832  C  "C4'" . DC  B 2 2  ? -6.548  -11.878 4.892   1.00 30.93 ? 2    DC  B "C4'" 1 
ATOM   833  O  "O4'" . DC  B 2 2  ? -6.191  -12.372 6.197   1.00 27.10 ? 2    DC  B "O4'" 1 
ATOM   834  C  "C3'" . DC  B 2 2  ? -6.843  -10.386 5.071   1.00 26.96 ? 2    DC  B "C3'" 1 
ATOM   835  O  "O3'" . DC  B 2 2  ? -8.095  -10.091 4.461   1.00 25.50 ? 2    DC  B "O3'" 1 
ATOM   836  C  "C2'" . DC  B 2 2  ? -6.877  -10.188 6.608   1.00 29.08 ? 2    DC  B "C2'" 1 
ATOM   837  C  "C1'" . DC  B 2 2  ? -6.907  -11.630 7.137   1.00 28.14 ? 2    DC  B "C1'" 1 
ATOM   838  N  N1    . DC  B 2 2  ? -6.269  -11.832 8.467   1.00 26.32 ? 2    DC  B N1    1 
ATOM   839  C  C2    . DC  B 2 2  ? -7.035  -12.324 9.530   1.00 30.72 ? 2    DC  B C2    1 
ATOM   840  O  O2    . DC  B 2 2  ? -8.236  -12.553 9.348   1.00 31.58 ? 2    DC  B O2    1 
ATOM   841  N  N3    . DC  B 2 2  ? -6.442  -12.513 10.740  1.00 26.68 ? 2    DC  B N3    1 
ATOM   842  C  C4    . DC  B 2 2  ? -5.143  -12.242 10.899  1.00 29.72 ? 2    DC  B C4    1 
ATOM   843  N  N4    . DC  B 2 2  ? -4.596  -12.460 12.110  1.00 25.51 ? 2    DC  B N4    1 
ATOM   844  C  C5    . DC  B 2 2  ? -4.341  -11.758 9.825   1.00 29.73 ? 2    DC  B C5    1 
ATOM   845  C  C6    . DC  B 2 2  ? -4.938  -11.568 8.635   1.00 29.11 ? 2    DC  B C6    1 
ATOM   846  P  P     . DC  B 2 3  ? -8.691  -8.607  4.484   1.00 25.48 ? 3    DC  B P     1 
ATOM   847  O  OP1   . DC  B 2 3  ? -9.601  -8.469  3.320   1.00 24.42 ? 3    DC  B OP1   1 
ATOM   848  O  OP2   . DC  B 2 3  ? -7.558  -7.656  4.692   1.00 24.55 ? 3    DC  B OP2   1 
ATOM   849  O  "O5'" . DC  B 2 3  ? -9.510  -8.556  5.844   1.00 29.06 ? 3    DC  B "O5'" 1 
ATOM   850  C  "C5'" . DC  B 2 3  ? -10.714 -9.332  5.985   1.00 32.51 ? 3    DC  B "C5'" 1 
ATOM   851  C  "C4'" . DC  B 2 3  ? -11.277 -9.157  7.379   1.00 33.50 ? 3    DC  B "C4'" 1 
ATOM   852  O  "O4'" . DC  B 2 3  ? -10.355 -9.714  8.312   1.00 29.41 ? 3    DC  B "O4'" 1 
ATOM   853  C  "C3'" . DC  B 2 3  ? -11.424 -7.708  7.810   1.00 32.00 ? 3    DC  B "C3'" 1 
ATOM   854  O  "O3'" . DC  B 2 3  ? -12.734 -7.258  7.573   1.00 40.98 ? 3    DC  B "O3'" 1 
ATOM   855  C  "C2'" . DC  B 2 3  ? -11.101 -7.707  9.312   1.00 31.87 ? 3    DC  B "C2'" 1 
ATOM   856  C  "C1'" . DC  B 2 3  ? -10.557 -9.107  9.566   1.00 32.60 ? 3    DC  B "C1'" 1 
ATOM   857  N  N1    . DC  B 2 3  ? -9.273  -9.152  10.317  1.00 29.18 ? 3    DC  B N1    1 
ATOM   858  C  C2    . DC  B 2 3  ? -9.302  -9.272  11.704  1.00 30.51 ? 3    DC  B C2    1 
ATOM   859  O  O2    . DC  B 2 3  ? -10.394 -9.293  12.277  1.00 31.21 ? 3    DC  B O2    1 
ATOM   860  N  N3    . DC  B 2 3  ? -8.136  -9.344  12.385  1.00 27.44 ? 3    DC  B N3    1 
ATOM   861  C  C4    . DC  B 2 3  ? -6.971  -9.303  11.732  1.00 29.54 ? 3    DC  B C4    1 
ATOM   862  N  N4    . DC  B 2 3  ? -5.838  -9.379  12.459  1.00 25.17 ? 3    DC  B N4    1 
ATOM   863  C  C5    . DC  B 2 3  ? -6.914  -9.175  10.315  1.00 27.66 ? 3    DC  B C5    1 
ATOM   864  C  C6    . DC  B 2 3  ? -8.081  -9.107  9.651   1.00 30.37 ? 3    DC  B C6    1 
ATOM   865  P  P     . DG  B 2 4  ? -12.998 -5.673  7.537   1.00 46.69 ? 4    DG  B P     1 
ATOM   866  O  OP1   . DG  B 2 4  ? -14.149 -5.424  6.654   1.00 49.08 ? 4    DG  B OP1   1 
ATOM   867  O  OP2   . DG  B 2 4  ? -11.690 -4.995  7.329   1.00 38.31 ? 4    DG  B OP2   1 
ATOM   868  O  "O5'" . DG  B 2 4  ? -13.342 -5.296  9.051   1.00 38.68 ? 4    DG  B "O5'" 1 
ATOM   869  C  "C5'" . DG  B 2 4  ? -14.243 -6.072  9.796   1.00 35.79 ? 4    DG  B "C5'" 1 
ATOM   870  C  "C4'" . DG  B 2 4  ? -14.169 -5.671  11.260  1.00 36.74 ? 4    DG  B "C4'" 1 
ATOM   871  O  "O4'" . DG  B 2 4  ? -12.916 -6.151  11.838  1.00 34.68 ? 4    DG  B "O4'" 1 
ATOM   872  C  "C3'" . DG  B 2 4  ? -14.208 -4.160  11.544  1.00 35.54 ? 4    DG  B "C3'" 1 
ATOM   873  O  "O3'" . DG  B 2 4  ? -14.884 -3.963  12.778  1.00 41.05 ? 4    DG  B "O3'" 1 
ATOM   874  C  "C2'" . DG  B 2 4  ? -12.723 -3.820  11.682  1.00 34.03 ? 4    DG  B "C2'" 1 
ATOM   875  C  "C1'" . DG  B 2 4  ? -12.216 -5.070  12.403  1.00 33.15 ? 4    DG  B "C1'" 1 
ATOM   876  N  N9    . DG  B 2 4  ? -10.773 -5.294  12.273  1.00 28.84 ? 4    DG  B N9    1 
ATOM   877  C  C8    . DG  B 2 4  ? -9.978  -5.037  11.177  1.00 29.49 ? 4    DG  B C8    1 
ATOM   878  N  N7    . DG  B 2 4  ? -8.712  -5.309  11.379  1.00 29.95 ? 4    DG  B N7    1 
ATOM   879  C  C5    . DG  B 2 4  ? -8.674  -5.779  12.692  1.00 29.72 ? 4    DG  B C5    1 
ATOM   880  C  C6    . DG  B 2 4  ? -7.582  -6.222  13.481  1.00 29.39 ? 4    DG  B C6    1 
ATOM   881  O  O6    . DG  B 2 4  ? -6.383  -6.297  13.168  1.00 28.99 ? 4    DG  B O6    1 
ATOM   882  N  N1    . DG  B 2 4  ? -7.998  -6.618  14.761  1.00 30.55 ? 4    DG  B N1    1 
ATOM   883  C  C2    . DG  B 2 4  ? -9.301  -6.561  15.214  1.00 30.78 ? 4    DG  B C2    1 
ATOM   884  N  N2    . DG  B 2 4  ? -9.522  -6.972  16.471  1.00 35.60 ? 4    DG  B N2    1 
ATOM   885  N  N3    . DG  B 2 4  ? -10.311 -6.140  14.489  1.00 31.99 ? 4    DG  B N3    1 
ATOM   886  C  C4    . DG  B 2 4  ? -9.933  -5.771  13.247  1.00 29.21 ? 4    DG  B C4    1 
ATOM   887  P  P     . DG  B 2 5  ? -15.556 -2.563  13.198  1.00 40.30 ? 5    DG  B P     1 
ATOM   888  O  OP1   . DG  B 2 5  ? -16.984 -2.681  12.841  1.00 43.39 ? 5    DG  B OP1   1 
ATOM   889  O  OP2   . DG  B 2 5  ? -14.775 -1.389  12.746  1.00 39.01 ? 5    DG  B OP2   1 
ATOM   890  O  "O5'" . DG  B 2 5  ? -15.454 -2.618  14.784  1.00 42.34 ? 5    DG  B "O5'" 1 
ATOM   891  C  "C5'" . DG  B 2 5  ? -15.771 -3.828  15.445  1.00 42.42 ? 5    DG  B "C5'" 1 
ATOM   892  C  "C4'" . DG  B 2 5  ? -15.213 -3.845  16.855  1.00 39.47 ? 5    DG  B "C4'" 1 
ATOM   893  O  "O4'" . DG  B 2 5  ? -13.802 -4.181  16.837  1.00 36.40 ? 5    DG  B "O4'" 1 
ATOM   894  C  "C3'" . DG  B 2 5  ? -15.328 -2.541  17.622  1.00 40.19 ? 5    DG  B "C3'" 1 
ATOM   895  O  "O3'" . DG  B 2 5  ? -15.661 -2.844  18.961  1.00 41.37 ? 5    DG  B "O3'" 1 
ATOM   896  C  "C2'" . DG  B 2 5  ? -13.920 -1.920  17.496  1.00 34.29 ? 5    DG  B "C2'" 1 
ATOM   897  C  "C1'" . DG  B 2 5  ? -13.032 -3.160  17.455  1.00 33.38 ? 5    DG  B "C1'" 1 
ATOM   898  N  N9    . DG  B 2 5  ? -11.819 -3.033  16.648  1.00 33.17 ? 5    DG  B N9    1 
ATOM   899  C  C8    . DG  B 2 5  ? -11.745 -2.706  15.309  1.00 33.97 ? 5    DG  B C8    1 
ATOM   900  N  N7    . DG  B 2 5  ? -10.525 -2.742  14.831  1.00 32.98 ? 5    DG  B N7    1 
ATOM   901  C  C5    . DG  B 2 5  ? -9.749  -3.143  15.914  1.00 30.39 ? 5    DG  B C5    1 
ATOM   902  C  C6    . DG  B 2 5  ? -8.357  -3.373  16.005  1.00 29.42 ? 5    DG  B C6    1 
ATOM   903  O  O6    . DG  B 2 5  ? -7.494  -3.254  15.120  1.00 27.64 ? 5    DG  B O6    1 
ATOM   904  N  N1    . DG  B 2 5  ? -7.983  -3.777  17.282  1.00 29.54 ? 5    DG  B N1    1 
ATOM   905  C  C2    . DG  B 2 5  ? -8.842  -3.944  18.343  1.00 31.73 ? 5    DG  B C2    1 
ATOM   906  N  N2    . DG  B 2 5  ? -8.285  -4.341  19.502  1.00 31.18 ? 5    DG  B N2    1 
ATOM   907  N  N3    . DG  B 2 5  ? -10.148 -3.733  18.275  1.00 29.85 ? 5    DG  B N3    1 
ATOM   908  C  C4    . DG  B 2 5  ? -10.534 -3.340  17.035  1.00 29.33 ? 5    DG  B C4    1 
ATOM   909  P  P     . DA  B 2 6  ? -16.155 -1.689  19.959  1.00 46.12 ? 6    DA  B P     1 
ATOM   910  O  OP1   . DA  B 2 6  ? -16.956 -2.355  21.015  1.00 47.93 ? 6    DA  B OP1   1 
ATOM   911  O  OP2   . DA  B 2 6  ? -16.705 -0.583  19.152  1.00 41.47 ? 6    DA  B OP2   1 
ATOM   912  O  "O5'" . DA  B 2 6  ? -14.802 -1.201  20.623  1.00 38.40 ? 6    DA  B "O5'" 1 
ATOM   913  C  "C5'" . DA  B 2 6  ? -14.061 -2.097  21.412  1.00 39.83 ? 6    DA  B "C5'" 1 
ATOM   914  C  "C4'" . DA  B 2 6  ? -12.744 -1.472  21.787  1.00 41.93 ? 6    DA  B "C4'" 1 
ATOM   915  O  "O4'" . DA  B 2 6  ? -11.850 -1.520  20.652  1.00 38.02 ? 6    DA  B "O4'" 1 
ATOM   916  C  "C3'" . DA  B 2 6  ? -12.836 0.008   22.182  1.00 40.73 ? 6    DA  B "C3'" 1 
ATOM   917  O  "O3'" . DA  B 2 6  ? -12.441 0.148   23.537  1.00 48.18 ? 6    DA  B "O3'" 1 
ATOM   918  C  "C2'" . DA  B 2 6  ? -11.866 0.725   21.216  1.00 40.89 ? 6    DA  B "C2'" 1 
ATOM   919  C  "C1'" . DA  B 2 6  ? -10.987 -0.418  20.738  1.00 36.34 ? 6    DA  B "C1'" 1 
ATOM   920  N  N9    . DA  B 2 6  ? -10.368 -0.224  19.425  1.00 35.81 ? 6    DA  B N9    1 
ATOM   921  C  C8    . DA  B 2 6  ? -10.978 0.151   18.260  1.00 33.10 ? 6    DA  B C8    1 
ATOM   922  N  N7    . DA  B 2 6  ? -10.160 0.205   17.226  1.00 34.56 ? 6    DA  B N7    1 
ATOM   923  C  C5    . DA  B 2 6  ? -8.935  -0.173  17.753  1.00 33.15 ? 6    DA  B C5    1 
ATOM   924  C  C6    . DA  B 2 6  ? -7.649  -0.312  17.181  1.00 31.04 ? 6    DA  B C6    1 
ATOM   925  N  N6    . DA  B 2 6  ? -7.388  -0.080  15.884  1.00 30.67 ? 6    DA  B N6    1 
ATOM   926  N  N1    . DA  B 2 6  ? -6.639  -0.705  17.996  1.00 31.90 ? 6    DA  B N1    1 
ATOM   927  C  C2    . DA  B 2 6  ? -6.902  -0.940  19.287  1.00 30.65 ? 6    DA  B C2    1 
ATOM   928  N  N3    . DA  B 2 6  ? -8.067  -0.844  19.930  1.00 31.05 ? 6    DA  B N3    1 
ATOM   929  C  C4    . DA  B 2 6  ? -9.050  -0.455  19.102  1.00 33.22 ? 6    DA  B C4    1 
ATOM   930  P  P     . DA  B 2 7  ? -12.772 1.490   24.358  1.00 47.26 ? 7    DA  B P     1 
ATOM   931  O  OP1   . DA  B 2 7  ? -13.295 1.047   25.667  1.00 53.19 ? 7    DA  B OP1   1 
ATOM   932  O  OP2   . DA  B 2 7  ? -13.571 2.402   23.516  1.00 42.33 ? 7    DA  B OP2   1 
ATOM   933  O  "O5'" . DA  B 2 7  ? -11.321 2.134   24.580  1.00 47.00 ? 7    DA  B "O5'" 1 
ATOM   934  C  "C5'" . DA  B 2 7  ? -10.262 1.297   25.022  1.00 44.94 ? 7    DA  B "C5'" 1 
ATOM   935  C  "C4'" . DA  B 2 7  ? -8.918  1.898   24.675  1.00 46.76 ? 7    DA  B "C4'" 1 
ATOM   936  O  "O4'" . DA  B 2 7  ? -8.612  1.624   23.284  1.00 47.53 ? 7    DA  B "O4'" 1 
ATOM   937  C  "C3'" . DA  B 2 7  ? -8.849  3.420   24.841  1.00 45.65 ? 7    DA  B "C3'" 1 
ATOM   938  O  "O3'" . DA  B 2 7  ? -7.851  3.777   25.772  1.00 51.20 ? 7    DA  B "O3'" 1 
ATOM   939  C  "C2'" . DA  B 2 7  ? -8.512  3.941   23.449  1.00 43.20 ? 7    DA  B "C2'" 1 
ATOM   940  C  "C1'" . DA  B 2 7  ? -7.918  2.726   22.765  1.00 42.35 ? 7    DA  B "C1'" 1 
ATOM   941  N  N9    . DA  B 2 7  ? -8.101  2.792   21.329  1.00 38.81 ? 7    DA  B N9    1 
ATOM   942  C  C8    . DA  B 2 7  ? -9.254  3.088   20.664  1.00 33.26 ? 7    DA  B C8    1 
ATOM   943  N  N7    . DA  B 2 7  ? -9.113  3.131   19.360  1.00 38.14 ? 7    DA  B N7    1 
ATOM   944  C  C5    . DA  B 2 7  ? -7.767  2.859   19.162  1.00 37.08 ? 7    DA  B C5    1 
ATOM   945  C  C6    . DA  B 2 7  ? -6.980  2.758   17.994  1.00 33.79 ? 7    DA  B C6    1 
ATOM   946  N  N6    . DA  B 2 7  ? -7.468  2.918   16.761  1.00 30.70 ? 7    DA  B N6    1 
ATOM   947  N  N1    . DA  B 2 7  ? -5.676  2.471   18.147  1.00 32.84 ? 7    DA  B N1    1 
ATOM   948  C  C2    . DA  B 2 7  ? -5.188  2.297   19.386  1.00 36.29 ? 7    DA  B C2    1 
ATOM   949  N  N3    . DA  B 2 7  ? -5.827  2.365   20.556  1.00 37.36 ? 7    DA  B N3    1 
ATOM   950  C  C4    . DA  B 2 7  ? -7.128  2.655   20.368  1.00 37.27 ? 7    DA  B C4    1 
ATOM   951  P  P     . DG  B 2 8  ? -7.487  5.329   26.000  1.00 56.17 ? 8    DG  B P     1 
ATOM   952  O  OP1   . DG  B 2 8  ? -7.147  5.470   27.433  1.00 54.11 ? 8    DG  B OP1   1 
ATOM   953  O  OP2   . DG  B 2 8  ? -8.535  6.188   25.401  1.00 49.49 ? 8    DG  B OP2   1 
ATOM   954  O  "O5'" . DG  B 2 8  ? -6.156  5.532   25.128  1.00 48.55 ? 8    DG  B "O5'" 1 
ATOM   955  C  "C5'" . DG  B 2 8  ? -4.969  4.826   25.468  1.00 37.80 ? 8    DG  B "C5'" 1 
ATOM   956  C  "C4'" . DG  B 2 8  ? -3.943  4.986   24.369  1.00 41.88 ? 8    DG  B "C4'" 1 
ATOM   957  O  "O4'" . DG  B 2 8  ? -4.508  4.526   23.130  1.00 37.37 ? 8    DG  B "O4'" 1 
ATOM   958  C  "C3'" . DG  B 2 8  ? -3.563  6.425   24.085  1.00 40.50 ? 8    DG  B "C3'" 1 
ATOM   959  O  "O3'" . DG  B 2 8  ? -2.500  6.816   24.940  1.00 44.35 ? 8    DG  B "O3'" 1 
ATOM   960  C  "C2'" . DG  B 2 8  ? -3.123  6.393   22.618  1.00 39.35 ? 8    DG  B "C2'" 1 
ATOM   961  C  "C1'" . DG  B 2 8  ? -3.880  5.191   22.053  1.00 36.11 ? 8    DG  B "C1'" 1 
ATOM   962  N  N9    . DG  B 2 8  ? -4.894  5.530   21.066  1.00 35.54 ? 8    DG  B N9    1 
ATOM   963  C  C8    . DG  B 2 8  ? -6.230  5.763   21.285  1.00 35.60 ? 8    DG  B C8    1 
ATOM   964  N  N7    . DG  B 2 8  ? -6.899  6.014   20.188  1.00 35.29 ? 8    DG  B N7    1 
ATOM   965  C  C5    . DG  B 2 8  ? -5.938  5.936   19.182  1.00 33.86 ? 8    DG  B C5    1 
ATOM   966  C  C6    . DG  B 2 8  ? -6.061  6.111   17.781  1.00 33.38 ? 8    DG  B C6    1 
ATOM   967  O  O6    . DG  B 2 8  ? -7.086  6.380   17.126  1.00 28.14 ? 8    DG  B O6    1 
ATOM   968  N  N1    . DG  B 2 8  ? -4.828  5.940   17.127  1.00 32.04 ? 8    DG  B N1    1 
ATOM   969  C  C2    . DG  B 2 8  ? -3.636  5.633   17.757  1.00 33.31 ? 8    DG  B C2    1 
ATOM   970  N  N2    . DG  B 2 8  ? -2.546  5.509   16.969  1.00 30.65 ? 8    DG  B N2    1 
ATOM   971  N  N3    . DG  B 2 8  ? -3.519  5.460   19.064  1.00 34.16 ? 8    DG  B N3    1 
ATOM   972  C  C4    . DG  B 2 8  ? -4.705  5.632   19.710  1.00 33.99 ? 8    DG  B C4    1 
ATOM   973  P  P     . DT  B 2 9  ? -2.188  8.378   25.154  1.00 42.88 ? 9    DT  B P     1 
ATOM   974  O  OP1   . DT  B 2 9  ? -1.443  8.523   26.423  1.00 50.82 ? 9    DT  B OP1   1 
ATOM   975  O  OP2   . DT  B 2 9  ? -3.437  9.129   24.919  1.00 46.09 ? 9    DT  B OP2   1 
ATOM   976  O  "O5'" . DT  B 2 9  ? -1.238  8.748   23.926  1.00 43.25 ? 9    DT  B "O5'" 1 
ATOM   977  C  "C5'" . DT  B 2 9  ? -0.035  8.037   23.705  1.00 42.52 ? 9    DT  B "C5'" 1 
ATOM   978  C  "C4'" . DT  B 2 9  ? 0.600   8.511   22.415  1.00 40.41 ? 9    DT  B "C4'" 1 
ATOM   979  O  "O4'" . DT  B 2 9  ? -0.250  8.132   21.317  1.00 38.30 ? 9    DT  B "O4'" 1 
ATOM   980  C  "C3'" . DT  B 2 9  ? 0.778   10.026  22.336  1.00 40.87 ? 9    DT  B "C3'" 1 
ATOM   981  O  "O3'" . DT  B 2 9  ? 2.164   10.342  22.392  1.00 45.80 ? 9    DT  B "O3'" 1 
ATOM   982  C  "C2'" . DT  B 2 9  ? 0.146   10.442  20.995  1.00 41.30 ? 9    DT  B "C2'" 1 
ATOM   983  C  "C1'" . DT  B 2 9  ? -0.256  9.119   20.329  1.00 38.58 ? 9    DT  B "C1'" 1 
ATOM   984  N  N1    . DT  B 2 9  ? -1.625  9.136   19.728  1.00 34.26 ? 9    DT  B N1    1 
ATOM   985  C  C2    . DT  B 2 9  ? -1.768  8.972   18.368  1.00 36.14 ? 9    DT  B C2    1 
ATOM   986  O  O2    . DT  B 2 9  ? -0.823  8.826   17.612  1.00 40.38 ? 9    DT  B O2    1 
ATOM   987  N  N3    . DT  B 2 9  ? -3.060  8.991   17.920  1.00 34.30 ? 9    DT  B N3    1 
ATOM   988  C  C4    . DT  B 2 9  ? -4.205  9.137   18.681  1.00 34.14 ? 9    DT  B C4    1 
ATOM   989  O  O4    . DT  B 2 9  ? -5.328  9.142   18.180  1.00 35.07 ? 9    DT  B O4    1 
ATOM   990  C  C5    . DT  B 2 9  ? -3.987  9.290   20.102  1.00 36.90 ? 9    DT  B C5    1 
ATOM   991  C  C7    . DT  B 2 9  ? -5.151  9.460   21.031  1.00 34.18 ? 9    DT  B C7    1 
ATOM   992  C  C6    . DT  B 2 9  ? -2.722  9.282   20.550  1.00 37.46 ? 9    DT  B C6    1 
ATOM   993  P  P     . DG  B 2 10 ? 2.673   11.634  23.197  1.00 44.21 ? 10   DG  B P     1 
ATOM   994  O  OP1   . DG  B 2 10 ? 4.156   11.609  23.234  1.00 42.46 ? 10   DG  B OP1   1 
ATOM   995  O  OP2   . DG  B 2 10 ? 1.888   11.717  24.449  1.00 46.65 ? 10   DG  B OP2   1 
ATOM   996  O  "O5'" . DG  B 2 10 ? 2.136   12.832  22.298  1.00 44.75 ? 10   DG  B "O5'" 1 
ATOM   997  C  "C5'" . DG  B 2 10 ? 2.916   13.978  22.060  1.00 40.87 ? 10   DG  B "C5'" 1 
ATOM   998  C  "C4'" . DG  B 2 10 ? 2.175   14.875  21.094  1.00 35.67 ? 10   DG  B "C4'" 1 
ATOM   999  O  "O4'" . DG  B 2 10 ? 3.041   15.959  20.687  1.00 36.48 ? 10   DG  B "O4'" 1 
ATOM   1000 C  "C3'" . DG  B 2 10 ? 1.747   14.183  19.792  1.00 38.35 ? 10   DG  B "C3'" 1 
ATOM   1001 O  "O3'" . DG  B 2 10 ? 0.504   14.737  19.307  1.00 29.87 ? 10   DG  B "O3'" 1 
ATOM   1002 C  "C2'" . DG  B 2 10 ? 2.895   14.540  18.863  1.00 36.15 ? 10   DG  B "C2'" 1 
ATOM   1003 C  "C1'" . DG  B 2 10 ? 3.095   15.985  19.280  1.00 39.02 ? 10   DG  B "C1'" 1 
ATOM   1004 N  N9    . DG  B 2 10 ? 4.368   16.549  18.851  1.00 41.62 ? 10   DG  B N9    1 
ATOM   1005 C  C8    . DG  B 2 10 ? 4.549   17.675  18.077  1.00 37.91 ? 10   DG  B C8    1 
ATOM   1006 N  N7    . DG  B 2 10 ? 5.802   17.928  17.827  1.00 39.82 ? 10   DG  B N7    1 
ATOM   1007 C  C5    . DG  B 2 10 ? 6.495   16.908  18.470  1.00 39.26 ? 10   DG  B C5    1 
ATOM   1008 C  C6    . DG  B 2 10 ? 7.886   16.664  18.551  1.00 43.44 ? 10   DG  B C6    1 
ATOM   1009 O  O6    . DG  B 2 10 ? 8.808   17.323  18.053  1.00 45.76 ? 10   DG  B O6    1 
ATOM   1010 N  N1    . DG  B 2 10 ? 8.168   15.522  19.298  1.00 38.63 ? 10   DG  B N1    1 
ATOM   1011 C  C2    . DG  B 2 10 ? 7.223   14.720  19.886  1.00 43.31 ? 10   DG  B C2    1 
ATOM   1012 N  N2    . DG  B 2 10 ? 7.683   13.661  20.570  1.00 42.99 ? 10   DG  B N2    1 
ATOM   1013 N  N3    . DG  B 2 10 ? 5.916   14.944  19.825  1.00 40.28 ? 10   DG  B N3    1 
ATOM   1014 C  C4    . DG  B 2 10 ? 5.628   16.049  19.101  1.00 39.11 ? 10   DG  B C4    1 
ATOM   1015 O  "O5'" . DA  C 3 1  ? -3.182  13.284  8.786   1.00 45.16 ? 1    DA  C "O5'" 1 
ATOM   1016 C  "C5'" . DA  C 3 1  ? -3.500  12.162  7.939   1.00 44.31 ? 1    DA  C "C5'" 1 
ATOM   1017 C  "C4'" . DA  C 3 1  ? -2.649  10.967  8.322   1.00 36.23 ? 1    DA  C "C4'" 1 
ATOM   1018 O  "O4'" . DA  C 3 1  ? -2.785  10.725  9.747   1.00 35.28 ? 1    DA  C "O4'" 1 
ATOM   1019 C  "C3'" . DA  C 3 1  ? -3.009  9.638   7.649   1.00 32.96 ? 1    DA  C "C3'" 1 
ATOM   1020 O  "O3'" . DA  C 3 1  ? -1.828  8.849   7.555   1.00 32.76 ? 1    DA  C "O3'" 1 
ATOM   1021 C  "C2'" . DA  C 3 1  ? -3.980  9.038   8.654   1.00 33.47 ? 1    DA  C "C2'" 1 
ATOM   1022 C  "C1'" . DA  C 3 1  ? -3.283  9.424   9.950   1.00 34.17 ? 1    DA  C "C1'" 1 
ATOM   1023 N  N9    . DA  C 3 1  ? -4.151  9.432   11.114  1.00 36.25 ? 1    DA  C N9    1 
ATOM   1024 C  C8    . DA  C 3 1  ? -5.516  9.558   11.133  1.00 31.71 ? 1    DA  C C8    1 
ATOM   1025 N  N7    . DA  C 3 1  ? -6.027  9.516   12.345  1.00 34.63 ? 1    DA  C N7    1 
ATOM   1026 C  C5    . DA  C 3 1  ? -4.921  9.363   13.171  1.00 32.13 ? 1    DA  C C5    1 
ATOM   1027 C  C6    . DA  C 3 1  ? -4.787  9.251   14.569  1.00 31.12 ? 1    DA  C C6    1 
ATOM   1028 N  N6    . DA  C 3 1  ? -5.826  9.286   15.411  1.00 33.54 ? 1    DA  C N6    1 
ATOM   1029 N  N1    . DA  C 3 1  ? -3.541  9.110   15.070  1.00 31.96 ? 1    DA  C N1    1 
ATOM   1030 C  C2    . DA  C 3 1  ? -2.502  9.063   14.222  1.00 31.05 ? 1    DA  C C2    1 
ATOM   1031 N  N3    . DA  C 3 1  ? -2.504  9.162   12.893  1.00 31.17 ? 1    DA  C N3    1 
ATOM   1032 C  C4    . DA  C 3 1  ? -3.759  9.308   12.426  1.00 29.71 ? 1    DA  C C4    1 
ATOM   1033 P  P     . DC  C 3 2  ? -1.776  7.553   6.608   1.00 31.70 ? 2    DC  C P     1 
ATOM   1034 O  OP1   . DC  C 3 2  ? -0.332  7.260   6.472   1.00 27.56 ? 2    DC  C OP1   1 
ATOM   1035 O  OP2   . DC  C 3 2  ? -2.610  7.754   5.387   1.00 31.67 ? 2    DC  C OP2   1 
ATOM   1036 O  "O5'" . DC  C 3 2  ? -2.510  6.431   7.482   1.00 31.43 ? 2    DC  C "O5'" 1 
ATOM   1037 C  "C5'" . DC  C 3 2  ? -1.758  5.408   8.117   1.00 31.01 ? 2    DC  C "C5'" 1 
ATOM   1038 C  "C4'" . DC  C 3 2  ? -1.238  5.861   9.475   1.00 32.14 ? 2    DC  C "C4'" 1 
ATOM   1039 O  "O4'" . DC  C 3 2  ? -2.341  6.358   10.270  1.00 30.84 ? 2    DC  C "O4'" 1 
ATOM   1040 C  "C3'" . DC  C 3 2  ? -0.578  4.747   10.298  1.00 27.18 ? 2    DC  C "C3'" 1 
ATOM   1041 O  "O3'" . DC  C 3 2  ? 0.753   5.102   10.642  1.00 26.24 ? 2    DC  C "O3'" 1 
ATOM   1042 C  "C2'" . DC  C 3 2  ? -1.463  4.621   11.550  1.00 29.69 ? 2    DC  C "C2'" 1 
ATOM   1043 C  "C1'" . DC  C 3 2  ? -2.150  5.977   11.609  1.00 30.66 ? 2    DC  C "C1'" 1 
ATOM   1044 N  N1    . DC  C 3 2  ? -3.485  5.928   12.278  1.00 31.49 ? 2    DC  C N1    1 
ATOM   1045 C  C2    . DC  C 3 2  ? -3.554  5.935   13.670  1.00 30.33 ? 2    DC  C C2    1 
ATOM   1046 O  O2    . DC  C 3 2  ? -2.514  5.990   14.318  1.00 27.76 ? 2    DC  C O2    1 
ATOM   1047 N  N3    . DC  C 3 2  ? -4.765  5.871   14.271  1.00 30.92 ? 2    DC  C N3    1 
ATOM   1048 C  C4    . DC  C 3 2  ? -5.869  5.794   13.544  1.00 30.37 ? 2    DC  C C4    1 
ATOM   1049 N  N4    . DC  C 3 2  ? -7.037  5.747   14.195  1.00 30.05 ? 2    DC  C N4    1 
ATOM   1050 C  C5    . DC  C 3 2  ? -5.831  5.778   12.114  1.00 31.78 ? 2    DC  C C5    1 
ATOM   1051 C  C6    . DC  C 3 2  ? -4.622  5.840   11.527  1.00 28.70 ? 2    DC  C C6    1 
ATOM   1052 P  P     . DT  C 3 3  ? 1.846   3.968   10.954  1.00 29.96 ? 3    DT  C P     1 
ATOM   1053 O  OP1   . DT  C 3 3  ? 3.184   4.620   10.896  1.00 27.58 ? 3    DT  C OP1   1 
ATOM   1054 O  OP2   . DT  C 3 3  ? 1.536   2.774   10.135  1.00 29.28 ? 3    DT  C OP2   1 
ATOM   1055 O  "O5'" . DT  C 3 3  ? 1.584   3.553   12.467  1.00 27.53 ? 3    DT  C "O5'" 1 
ATOM   1056 C  "C5'" . DT  C 3 3  ? 1.906   4.455   13.518  1.00 30.00 ? 3    DT  C "C5'" 1 
ATOM   1057 C  "C4'" . DT  C 3 3  ? 1.611   3.819   14.859  1.00 32.04 ? 3    DT  C "C4'" 1 
ATOM   1058 O  "O4'" . DT  C 3 3  ? 0.192   3.801   15.083  1.00 28.84 ? 3    DT  C "O4'" 1 
ATOM   1059 C  "C3'" . DT  C 3 3  ? 2.101   2.368   15.037  1.00 31.17 ? 3    DT  C "C3'" 1 
ATOM   1060 O  "O3'" . DT  C 3 3  ? 2.949   2.336   16.187  1.00 31.89 ? 3    DT  C "O3'" 1 
ATOM   1061 C  "C2'" . DT  C 3 3  ? 0.798   1.553   15.231  1.00 29.65 ? 3    DT  C "C2'" 1 
ATOM   1062 C  "C1'" . DT  C 3 3  ? -0.159  2.618   15.762  1.00 30.60 ? 3    DT  C "C1'" 1 
ATOM   1063 N  N1    . DT  C 3 3  ? -1.611  2.418   15.491  1.00 27.17 ? 3    DT  C N1    1 
ATOM   1064 C  C2    . DT  C 3 3  ? -2.507  2.447   16.545  1.00 31.16 ? 3    DT  C C2    1 
ATOM   1065 O  O2    . DT  C 3 3  ? -2.171  2.527   17.713  1.00 32.86 ? 3    DT  C O2    1 
ATOM   1066 N  N3    . DT  C 3 3  ? -3.818  2.343   16.184  1.00 27.89 ? 3    DT  C N3    1 
ATOM   1067 C  C4    . DT  C 3 3  ? -4.330  2.251   14.911  1.00 29.28 ? 3    DT  C C4    1 
ATOM   1068 O  O4    . DT  C 3 3  ? -5.528  2.172   14.702  1.00 30.40 ? 3    DT  C O4    1 
ATOM   1069 C  C5    . DT  C 3 3  ? -3.353  2.243   13.846  1.00 29.04 ? 3    DT  C C5    1 
ATOM   1070 C  C7    . DT  C 3 3  ? -3.797  2.127   12.420  1.00 28.70 ? 3    DT  C C7    1 
ATOM   1071 C  C6    . DT  C 3 3  ? -2.052  2.353   14.180  1.00 26.61 ? 3    DT  C C6    1 
ATOM   1072 P  P     . DT  C 3 4  ? 3.876   1.082   16.576  1.00 35.50 ? 4    DT  C P     1 
ATOM   1073 O  OP1   . DT  C 3 4  ? 4.976   1.677   17.369  1.00 34.71 ? 4    DT  C OP1   1 
ATOM   1074 O  OP2   . DT  C 3 4  ? 4.201   0.214   15.425  1.00 33.54 ? 4    DT  C OP2   1 
ATOM   1075 O  "O5'" . DT  C 3 4  ? 2.972   0.258   17.596  1.00 32.52 ? 4    DT  C "O5'" 1 
ATOM   1076 C  "C5'" . DT  C 3 4  ? 2.474   0.909   18.750  1.00 35.62 ? 4    DT  C "C5'" 1 
ATOM   1077 C  "C4'" . DT  C 3 4  ? 1.385   0.084   19.409  1.00 37.02 ? 4    DT  C "C4'" 1 
ATOM   1078 O  "O4'" . DT  C 3 4  ? 0.149   0.236   18.699  1.00 33.27 ? 4    DT  C "O4'" 1 
ATOM   1079 C  "C3'" . DT  C 3 4  ? 1.648   -1.422  19.478  1.00 33.32 ? 4    DT  C "C3'" 1 
ATOM   1080 O  "O3'" . DT  C 3 4  ? 1.815   -1.776  20.855  1.00 36.46 ? 4    DT  C "O3'" 1 
ATOM   1081 C  "C2'" . DT  C 3 4  ? 0.378   -2.057  18.859  1.00 30.78 ? 4    DT  C "C2'" 1 
ATOM   1082 C  "C1'" . DT  C 3 4  ? -0.621  -0.904  18.932  1.00 31.58 ? 4    DT  C "C1'" 1 
ATOM   1083 N  N1    . DT  C 3 4  ? -1.709  -0.933  17.902  1.00 30.71 ? 4    DT  C N1    1 
ATOM   1084 C  C2    . DT  C 3 4  ? -3.015  -0.820  18.306  1.00 29.23 ? 4    DT  C C2    1 
ATOM   1085 O  O2    . DT  C 3 4  ? -3.352  -0.725  19.476  1.00 33.70 ? 4    DT  C O2    1 
ATOM   1086 N  N3    . DT  C 3 4  ? -3.931  -0.828  17.297  1.00 29.39 ? 4    DT  C N3    1 
ATOM   1087 C  C4    . DT  C 3 4  ? -3.686  -0.932  15.945  1.00 29.13 ? 4    DT  C C4    1 
ATOM   1088 O  O4    . DT  C 3 4  ? -4.588  -0.926  15.117  1.00 28.24 ? 4    DT  C O4    1 
ATOM   1089 C  C5    . DT  C 3 4  ? -2.298  -1.042  15.574  1.00 30.93 ? 4    DT  C C5    1 
ATOM   1090 C  C7    . DT  C 3 4  ? -1.912  -1.167  14.118  1.00 30.13 ? 4    DT  C C7    1 
ATOM   1091 C  C6    . DT  C 3 4  ? -1.379  -1.026  16.560  1.00 28.20 ? 4    DT  C C6    1 
ATOM   1092 P  P     . DC  C 3 5  ? 2.195   -3.271  21.291  1.00 39.74 ? 5    DC  C P     1 
ATOM   1093 O  OP1   . DC  C 3 5  ? 2.814   -3.151  22.622  1.00 39.41 ? 5    DC  C OP1   1 
ATOM   1094 O  OP2   . DC  C 3 5  ? 2.882   -3.978  20.188  1.00 37.17 ? 5    DC  C OP2   1 
ATOM   1095 O  "O5'" . DC  C 3 5  ? 0.775   -3.958  21.474  1.00 36.51 ? 5    DC  C "O5'" 1 
ATOM   1096 C  "C5'" . DC  C 3 5  ? -0.150  -3.393  22.375  1.00 33.29 ? 5    DC  C "C5'" 1 
ATOM   1097 C  "C4'" . DC  C 3 5  ? -1.474  -4.112  22.274  1.00 32.17 ? 5    DC  C "C4'" 1 
ATOM   1098 O  "O4'" . DC  C 3 5  ? -2.158  -3.726  21.061  1.00 36.35 ? 5    DC  C "O4'" 1 
ATOM   1099 C  "C3'" . DC  C 3 5  ? -1.376  -5.639  22.239  1.00 34.40 ? 5    DC  C "C3'" 1 
ATOM   1100 O  "O3'" . DC  C 3 5  ? -2.013  -6.167  23.404  1.00 41.10 ? 5    DC  C "O3'" 1 
ATOM   1101 C  "C2'" . DC  C 3 5  ? -2.110  -6.043  20.934  1.00 35.90 ? 5    DC  C "C2'" 1 
ATOM   1102 C  "C1'" . DC  C 3 5  ? -2.955  -4.805  20.658  1.00 35.38 ? 5    DC  C "C1'" 1 
ATOM   1103 N  N1    . DC  C 3 5  ? -3.350  -4.615  19.220  1.00 32.17 ? 5    DC  C N1    1 
ATOM   1104 C  C2    . DC  C 3 5  ? -4.693  -4.370  18.913  1.00 33.69 ? 5    DC  C C2    1 
ATOM   1105 O  O2    . DC  C 3 5  ? -5.515  -4.312  19.827  1.00 29.19 ? 5    DC  C O2    1 
ATOM   1106 N  N3    . DC  C 3 5  ? -5.056  -4.193  17.621  1.00 28.67 ? 5    DC  C N3    1 
ATOM   1107 C  C4    . DC  C 3 5  ? -4.145  -4.257  16.660  1.00 28.02 ? 5    DC  C C4    1 
ATOM   1108 N  N4    . DC  C 3 5  ? -4.565  -4.079  15.394  1.00 26.27 ? 5    DC  C N4    1 
ATOM   1109 C  C5    . DC  C 3 5  ? -2.765  -4.507  16.943  1.00 28.31 ? 5    DC  C C5    1 
ATOM   1110 C  C6    . DC  C 3 5  ? -2.415  -4.679  18.227  1.00 31.08 ? 5    DC  C C6    1 
ATOM   1111 P  P     . DC  C 3 6  ? -1.867  -7.719  23.796  1.00 42.96 ? 6    DC  C P     1 
ATOM   1112 O  OP1   . DC  C 3 6  ? -2.039  -7.808  25.267  1.00 45.32 ? 6    DC  C OP1   1 
ATOM   1113 O  OP2   . DC  C 3 6  ? -0.672  -8.285  23.134  1.00 44.05 ? 6    DC  C OP2   1 
ATOM   1114 O  "O5'" . DC  C 3 6  ? -3.161  -8.359  23.165  1.00 42.24 ? 6    DC  C "O5'" 1 
ATOM   1115 C  "C5'" . DC  C 3 6  ? -4.376  -7.669  23.297  1.00 41.80 ? 6    DC  C "C5'" 1 
ATOM   1116 C  "C4'" . DC  C 3 6  ? -5.363  -8.208  22.317  1.00 42.32 ? 6    DC  C "C4'" 1 
ATOM   1117 O  "O4'" . DC  C 3 6  ? -5.148  -7.605  21.018  1.00 41.31 ? 6    DC  C "O4'" 1 
ATOM   1118 C  "C3'" . DC  C 3 6  ? -5.247  -9.722  22.098  1.00 43.87 ? 6    DC  C "C3'" 1 
ATOM   1119 O  "O3'" . DC  C 3 6  ? -6.479  -10.317 22.375  1.00 52.89 ? 6    DC  C "O3'" 1 
ATOM   1120 C  "C2'" . DC  C 3 6  ? -4.896  -9.843  20.611  1.00 44.90 ? 6    DC  C "C2'" 1 
ATOM   1121 C  "C1'" . DC  C 3 6  ? -5.516  -8.567  20.084  1.00 42.21 ? 6    DC  C "C1'" 1 
ATOM   1122 N  N1    . DC  C 3 6  ? -5.082  -8.192  18.707  1.00 36.75 ? 6    DC  C N1    1 
ATOM   1123 C  C2    . DC  C 3 6  ? -6.041  -7.723  17.817  1.00 33.97 ? 6    DC  C C2    1 
ATOM   1124 O  O2    . DC  C 3 6  ? -7.200  -7.585  18.216  1.00 36.94 ? 6    DC  C O2    1 
ATOM   1125 N  N3    . DC  C 3 6  ? -5.676  -7.422  16.547  1.00 32.56 ? 6    DC  C N3    1 
ATOM   1126 C  C4    . DC  C 3 6  ? -4.412  -7.582  16.165  1.00 32.39 ? 6    DC  C C4    1 
ATOM   1127 N  N4    . DC  C 3 6  ? -4.103  -7.279  14.903  1.00 30.86 ? 6    DC  C N4    1 
ATOM   1128 C  C5    . DC  C 3 6  ? -3.410  -8.069  17.059  1.00 34.74 ? 6    DC  C C5    1 
ATOM   1129 C  C6    . DC  C 3 6  ? -3.788  -8.368  18.311  1.00 34.13 ? 6    DC  C C6    1 
ATOM   1130 P  P     . DG  C 3 7  ? -6.577  -11.618 23.310  1.00 49.58 ? 7    DG  C P     1 
ATOM   1131 O  OP1   . DG  C 3 7  ? -6.445  -11.163 24.716  1.00 46.18 ? 7    DG  C OP1   1 
ATOM   1132 O  OP2   . DG  C 3 7  ? -5.656  -12.638 22.776  1.00 45.52 ? 7    DG  C OP2   1 
ATOM   1133 O  "O5'" . DG  C 3 7  ? -8.078  -12.084 23.078  1.00 48.83 ? 7    DG  C "O5'" 1 
ATOM   1134 C  "C5'" . DG  C 3 7  ? -9.124  -11.137 23.221  1.00 46.18 ? 7    DG  C "C5'" 1 
ATOM   1135 C  "C4'" . DG  C 3 7  ? -10.127 -11.271 22.097  1.00 44.79 ? 7    DG  C "C4'" 1 
ATOM   1136 O  "O4'" . DG  C 3 7  ? -9.557  -10.768 20.861  1.00 43.70 ? 7    DG  C "O4'" 1 
ATOM   1137 C  "C3'" . DG  C 3 7  ? -10.592 -12.695 21.796  1.00 42.81 ? 7    DG  C "C3'" 1 
ATOM   1138 O  "O3'" . DG  C 3 7  ? -11.993 -12.673 21.566  1.00 43.10 ? 7    DG  C "O3'" 1 
ATOM   1139 C  "C2'" . DG  C 3 7  ? -9.810  -13.061 20.527  1.00 40.78 ? 7    DG  C "C2'" 1 
ATOM   1140 C  "C1'" . DG  C 3 7  ? -9.760  -11.709 19.830  1.00 39.79 ? 7    DG  C "C1'" 1 
ATOM   1141 N  N9    . DG  C 3 7  ? -8.674  -11.536 18.872  1.00 36.73 ? 7    DG  C N9    1 
ATOM   1142 C  C8    . DG  C 3 7  ? -7.334  -11.763 19.078  1.00 36.19 ? 7    DG  C C8    1 
ATOM   1143 N  N7    . DG  C 3 7  ? -6.591  -11.470 18.038  1.00 36.70 ? 7    DG  C N7    1 
ATOM   1144 C  C5    . DG  C 3 7  ? -7.496  -10.994 17.097  1.00 34.06 ? 7    DG  C C5    1 
ATOM   1145 C  C6    . DG  C 3 7  ? -7.282  -10.517 15.772  1.00 30.51 ? 7    DG  C C6    1 
ATOM   1146 O  O6    . DG  C 3 7  ? -6.216  -10.423 15.153  1.00 31.07 ? 7    DG  C O6    1 
ATOM   1147 N  N1    . DG  C 3 7  ? -8.469  -10.143 15.163  1.00 27.70 ? 7    DG  C N1    1 
ATOM   1148 C  C2    . DG  C 3 7  ? -9.709  -10.208 15.753  1.00 31.74 ? 7    DG  C C2    1 
ATOM   1149 N  N2    . DG  C 3 7  ? -10.747 -9.802  15.004  1.00 28.49 ? 7    DG  C N2    1 
ATOM   1150 N  N3    . DG  C 3 7  ? -9.922  -10.640 16.994  1.00 30.94 ? 7    DG  C N3    1 
ATOM   1151 C  C4    . DG  C 3 7  ? -8.779  -11.022 17.598  1.00 30.49 ? 7    DG  C C4    1 
ATOM   1152 P  P     . DG  C 3 8  ? -12.787 -14.035 21.272  1.00 44.58 ? 8    DG  C P     1 
ATOM   1153 O  OP1   . DG  C 3 8  ? -14.149 -13.829 21.813  1.00 46.64 ? 8    DG  C OP1   1 
ATOM   1154 O  OP2   . DG  C 3 8  ? -11.932 -15.185 21.660  1.00 43.11 ? 8    DG  C OP2   1 
ATOM   1155 O  "O5'" . DG  C 3 8  ? -12.924 -14.064 19.680  1.00 41.34 ? 8    DG  C "O5'" 1 
ATOM   1156 C  "C5'" . DG  C 3 8  ? -13.815 -13.175 19.049  1.00 35.32 ? 8    DG  C "C5'" 1 
ATOM   1157 C  "C4'" . DG  C 3 8  ? -13.816 -13.414 17.564  1.00 38.06 ? 8    DG  C "C4'" 1 
ATOM   1158 O  "O4'" . DG  C 3 8  ? -12.527 -13.028 17.009  1.00 35.54 ? 8    DG  C "O4'" 1 
ATOM   1159 C  "C3'" . DG  C 3 8  ? -14.037 -14.874 17.170  1.00 33.49 ? 8    DG  C "C3'" 1 
ATOM   1160 O  "O3'" . DG  C 3 8  ? -15.003 -14.927 16.162  1.00 35.36 ? 8    DG  C "O3'" 1 
ATOM   1161 C  "C2'" . DG  C 3 8  ? -12.661 -15.316 16.664  1.00 33.67 ? 8    DG  C "C2'" 1 
ATOM   1162 C  "C1'" . DG  C 3 8  ? -12.133 -14.004 16.092  1.00 35.05 ? 8    DG  C "C1'" 1 
ATOM   1163 N  N9    . DG  C 3 8  ? -10.683 -13.971 15.936  1.00 33.38 ? 8    DG  C N9    1 
ATOM   1164 C  C8    . DG  C 3 8  ? -9.726  -14.305 16.870  1.00 33.70 ? 8    DG  C C8    1 
ATOM   1165 N  N7    . DG  C 3 8  ? -8.503  -14.207 16.412  1.00 31.76 ? 8    DG  C N7    1 
ATOM   1166 C  C5    . DG  C 3 8  ? -8.671  -13.783 15.091  1.00 31.90 ? 8    DG  C C5    1 
ATOM   1167 C  C6    . DG  C 3 8  ? -7.709  -13.491 14.097  1.00 28.21 ? 8    DG  C C6    1 
ATOM   1168 O  O6    . DG  C 3 8  ? -6.472  -13.563 14.185  1.00 29.22 ? 8    DG  C O6    1 
ATOM   1169 N  N1    . DG  C 3 8  ? -8.312  -13.102 12.893  1.00 26.96 ? 8    DG  C N1    1 
ATOM   1170 C  C2    . DG  C 3 8  ? -9.667  -12.994 12.691  1.00 29.05 ? 8    DG  C C2    1 
ATOM   1171 N  N2    . DG  C 3 8  ? -10.073 -12.597 11.464  1.00 28.24 ? 8    DG  C N2    1 
ATOM   1172 N  N3    . DG  C 3 8  ? -10.569 -13.252 13.622  1.00 31.37 ? 8    DG  C N3    1 
ATOM   1173 C  C4    . DG  C 3 8  ? -10.001 -13.645 14.788  1.00 30.09 ? 8    DG  C C4    1 
ATOM   1174 P  P     . DT  C 3 9  ? -15.600 -16.330 15.672  1.00 33.87 ? 9    DT  C P     1 
ATOM   1175 O  OP1   . DT  C 3 9  ? -17.044 -16.081 15.527  1.00 34.27 ? 9    DT  C OP1   1 
ATOM   1176 O  OP2   . DT  C 3 9  ? -15.079 -17.429 16.519  1.00 31.48 ? 9    DT  C OP2   1 
ATOM   1177 O  "O5'" . DT  C 3 9  ? -15.038 -16.474 14.196  1.00 35.81 ? 9    DT  C "O5'" 1 
ATOM   1178 C  "C5'" . DT  C 3 9  ? -15.421 -15.500 13.236  1.00 37.09 ? 9    DT  C "C5'" 1 
ATOM   1179 C  "C4'" . DT  C 3 9  ? -14.770 -15.756 11.894  1.00 37.93 ? 9    DT  C "C4'" 1 
ATOM   1180 O  "O4'" . DT  C 3 9  ? -13.339 -15.527 11.999  1.00 32.94 ? 9    DT  C "O4'" 1 
ATOM   1181 C  "C3'" . DT  C 3 9  ? -14.930 -17.173 11.333  1.00 36.27 ? 9    DT  C "C3'" 1 
ATOM   1182 O  "O3'" . DT  C 3 9  ? -15.090 -17.065 9.915   1.00 38.57 ? 9    DT  C "O3'" 1 
ATOM   1183 C  "C2'" . DT  C 3 9  ? -13.583 -17.805 11.698  1.00 33.60 ? 9    DT  C "C2'" 1 
ATOM   1184 C  "C1'" . DT  C 3 9  ? -12.665 -16.614 11.438  1.00 33.88 ? 9    DT  C "C1'" 1 
ATOM   1185 N  N1    . DT  C 3 9  ? -11.325 -16.694 12.067  1.00 32.18 ? 9    DT  C N1    1 
ATOM   1186 C  C2    . DT  C 3 9  ? -10.215 -16.367 11.313  1.00 30.43 ? 9    DT  C C2    1 
ATOM   1187 O  O2    . DT  C 3 9  ? -10.274 -16.051 10.141  1.00 32.38 ? 9    DT  C O2    1 
ATOM   1188 N  N3    . DT  C 3 9  ? -9.028  -16.460 11.972  1.00 27.79 ? 9    DT  C N3    1 
ATOM   1189 C  C4    . DT  C 3 9  ? -8.832  -16.826 13.290  1.00 29.46 ? 9    DT  C C4    1 
ATOM   1190 O  O4    . DT  C 3 9  ? -7.720  -16.882 13.785  1.00 29.42 ? 9    DT  C O4    1 
ATOM   1191 C  C5    . DT  C 3 9  ? -10.041 -17.143 14.037  1.00 30.67 ? 9    DT  C C5    1 
ATOM   1192 C  C7    . DT  C 3 9  ? -9.958  -17.553 15.486  1.00 31.35 ? 9    DT  C C7    1 
ATOM   1193 C  C6    . DT  C 3 9  ? -11.214 -17.055 13.396  1.00 29.26 ? 9    DT  C C6    1 
ATOM   1194 P  P     . DC  C 3 10 ? -15.747 -18.238 9.031   1.00 43.91 ? 10   DC  C P     1 
ATOM   1195 O  OP1   . DC  C 3 10 ? -16.645 -17.562 8.069   1.00 48.05 ? 10   DC  C OP1   1 
ATOM   1196 O  OP2   . DC  C 3 10 ? -16.256 -19.273 9.959   1.00 38.93 ? 10   DC  C OP2   1 
ATOM   1197 O  "O5'" . DC  C 3 10 ? -14.509 -18.860 8.196   1.00 45.13 ? 10   DC  C "O5'" 1 
ATOM   1198 C  "C5'" . DC  C 3 10 ? -13.553 -19.651 8.870   1.00 46.16 ? 10   DC  C "C5'" 1 
ATOM   1199 C  "C4'" . DC  C 3 10 ? -12.258 -19.856 8.095   1.00 45.79 ? 10   DC  C "C4'" 1 
ATOM   1200 O  "O4'" . DC  C 3 10 ? -12.345 -20.971 7.185   1.00 43.18 ? 10   DC  C "O4'" 1 
ATOM   1201 C  "C3'" . DC  C 3 10 ? -11.847 -18.704 7.235   1.00 52.00 ? 10   DC  C "C3'" 1 
ATOM   1202 O  "O3'" . DC  C 3 10 ? -11.239 -17.746 8.070   1.00 51.96 ? 10   DC  C "O3'" 1 
ATOM   1203 C  "C2'" . DC  C 3 10 ? -10.846 -19.361 6.267   1.00 48.40 ? 10   DC  C "C2'" 1 
ATOM   1204 C  "C1'" . DC  C 3 10 ? -11.352 -20.814 6.179   1.00 45.12 ? 10   DC  C "C1'" 1 
ATOM   1205 N  N1    . DC  C 3 10 ? -11.974 -21.171 4.856   1.00 48.18 ? 10   DC  C N1    1 
ATOM   1206 C  C2    . DC  C 3 10 ? -11.188 -21.739 3.835   1.00 52.86 ? 10   DC  C C2    1 
ATOM   1207 O  O2    . DC  C 3 10 ? -9.974  -21.935 4.033   1.00 52.74 ? 10   DC  C O2    1 
ATOM   1208 N  N3    . DC  C 3 10 ? -11.789 -22.072 2.658   1.00 54.50 ? 10   DC  C N3    1 
ATOM   1209 C  C4    . DC  C 3 10 ? -13.101 -21.853 2.489   1.00 57.23 ? 10   DC  C C4    1 
ATOM   1210 N  N4    . DC  C 3 10 ? -13.651 -22.188 1.313   1.00 62.06 ? 10   DC  C N4    1 
ATOM   1211 C  C5    . DC  C 3 10 ? -13.908 -21.277 3.518   1.00 53.94 ? 10   DC  C C5    1 
ATOM   1212 C  C6    . DC  C 3 10 ? -13.310 -20.956 4.669   1.00 47.18 ? 10   DC  C C6    1 
HETATM 1213 CA CA    . CA  D 4 .  ? -4.660  -18.151 -2.111  1.00 65.31 ? 1462 CA  A CA    1 
HETATM 1214 CA CA    . CA  E 4 .  ? -19.231 9.052   -2.970  1.00 48.84 ? 1463 CA  A CA    1 
HETATM 1215 O  O     . HOH F 5 .  ? 0.752   -2.159  -15.741 1.00 44.84 ? 2001 HOH A O     1 
HETATM 1216 O  O     . HOH F 5 .  ? 6.889   -12.687 5.638   1.00 38.61 ? 2002 HOH A O     1 
HETATM 1217 O  O     . HOH F 5 .  ? 2.047   -11.173 10.744  1.00 41.17 ? 2003 HOH A O     1 
HETATM 1218 O  O     . HOH F 5 .  ? -0.217  -11.077 9.666   1.00 36.54 ? 2004 HOH A O     1 
HETATM 1219 O  O     . HOH F 5 .  ? -12.311 -9.123  0.530   1.00 53.02 ? 2005 HOH A O     1 
HETATM 1220 O  O     . HOH F 5 .  ? 0.485   -13.110 8.218   1.00 38.81 ? 2006 HOH A O     1 
HETATM 1221 O  O     . HOH F 5 .  ? 7.374   7.545   -14.313 1.00 49.51 ? 2007 HOH A O     1 
HETATM 1222 O  O     . HOH F 5 .  ? 18.058  2.459   -8.900  1.00 42.08 ? 2008 HOH A O     1 
HETATM 1223 O  O     . HOH F 5 .  ? -1.189  12.655  -3.534  1.00 41.20 ? 2009 HOH A O     1 
HETATM 1224 O  O     . HOH F 5 .  ? 9.992   6.081   -6.572  1.00 36.21 ? 2010 HOH A O     1 
HETATM 1225 O  O     . HOH F 5 .  ? 8.773   -2.352  -7.766  1.00 31.30 ? 2011 HOH A O     1 
HETATM 1226 O  O     . HOH F 5 .  ? 6.395   -2.077  -9.039  1.00 32.77 ? 2012 HOH A O     1 
HETATM 1227 O  O     . HOH F 5 .  ? 5.452   5.981   -13.344 1.00 39.65 ? 2013 HOH A O     1 
HETATM 1228 O  O     . HOH F 5 .  ? 3.831   3.545   -10.360 1.00 33.20 ? 2014 HOH A O     1 
HETATM 1229 O  O     . HOH F 5 .  ? 9.970   6.423   -12.608 1.00 49.98 ? 2015 HOH A O     1 
HETATM 1230 O  O     . HOH F 5 .  ? 16.049  1.547   -10.062 1.00 40.02 ? 2016 HOH A O     1 
HETATM 1231 O  O     . HOH F 5 .  ? 16.425  3.407   -6.171  1.00 37.36 ? 2017 HOH A O     1 
HETATM 1232 O  O     . HOH F 5 .  ? 8.380   -8.553  -8.936  1.00 48.89 ? 2018 HOH A O     1 
HETATM 1233 O  O     . HOH F 5 .  ? 11.820  -11.471 -3.000  1.00 46.99 ? 2019 HOH A O     1 
HETATM 1234 O  O     . HOH F 5 .  ? 5.800   -4.107  -11.281 1.00 37.80 ? 2020 HOH A O     1 
HETATM 1235 O  O     . HOH F 5 .  ? -0.740  -3.502  -11.293 1.00 29.83 ? 2021 HOH A O     1 
HETATM 1236 O  O     . HOH F 5 .  ? -1.830  -2.256  -14.878 1.00 38.22 ? 2022 HOH A O     1 
HETATM 1237 O  O     . HOH F 5 .  ? -4.686  -3.324  -16.262 1.00 46.84 ? 2023 HOH A O     1 
HETATM 1238 O  O     . HOH F 5 .  ? 0.172   -14.018 -3.961  1.00 37.79 ? 2024 HOH A O     1 
HETATM 1239 O  O     . HOH F 5 .  ? 2.438   -15.762 -2.307  1.00 43.07 ? 2025 HOH A O     1 
HETATM 1240 O  O     . HOH F 5 .  ? 5.396   -13.643 -1.323  1.00 41.77 ? 2026 HOH A O     1 
HETATM 1241 O  O     . HOH F 5 .  ? 14.694  -9.613  2.693   1.00 45.57 ? 2027 HOH A O     1 
HETATM 1242 O  O     . HOH F 5 .  ? 8.559   -10.478 4.402   1.00 30.36 ? 2028 HOH A O     1 
HETATM 1243 O  O     . HOH F 5 .  ? 3.903   -8.807  11.085  1.00 31.39 ? 2029 HOH A O     1 
HETATM 1244 O  O     . HOH F 5 .  ? 5.011   -11.972 7.526   1.00 40.71 ? 2030 HOH A O     1 
HETATM 1245 O  O     . HOH F 5 .  ? 13.145  -7.320  5.927   1.00 38.02 ? 2031 HOH A O     1 
HETATM 1246 O  O     . HOH F 5 .  ? 11.917  -0.337  10.573  1.00 40.10 ? 2032 HOH A O     1 
HETATM 1247 O  O     . HOH F 5 .  ? 12.377  3.704   4.289   1.00 37.55 ? 2033 HOH A O     1 
HETATM 1248 O  O     . HOH F 5 .  ? 12.325  2.740   1.686   1.00 37.54 ? 2034 HOH A O     1 
HETATM 1249 O  O     . HOH F 5 .  ? 5.512   3.256   10.396  1.00 30.43 ? 2035 HOH A O     1 
HETATM 1250 O  O     . HOH F 5 .  ? 12.279  6.656   4.152   1.00 44.62 ? 2036 HOH A O     1 
HETATM 1251 O  O     . HOH F 5 .  ? 1.325   8.441   8.456   1.00 28.46 ? 2037 HOH A O     1 
HETATM 1252 O  O     . HOH F 5 .  ? 0.048   9.373   11.565  1.00 35.73 ? 2038 HOH A O     1 
HETATM 1253 O  O     . HOH F 5 .  ? 1.276   8.384   12.933  1.00 37.37 ? 2039 HOH A O     1 
HETATM 1254 O  O     . HOH F 5 .  ? 10.492  -2.968  11.534  1.00 39.72 ? 2040 HOH A O     1 
HETATM 1255 O  O     . HOH F 5 .  ? 7.383   -5.785  15.745  1.00 43.25 ? 2041 HOH A O     1 
HETATM 1256 O  O     . HOH F 5 .  ? 1.912   -6.488  15.845  1.00 38.14 ? 2042 HOH A O     1 
HETATM 1257 O  O     . HOH F 5 .  ? -3.334  -9.529  6.300   1.00 29.45 ? 2043 HOH A O     1 
HETATM 1258 O  O     . HOH F 5 .  ? -2.427  -4.763  13.538  1.00 25.41 ? 2044 HOH A O     1 
HETATM 1259 O  O     . HOH F 5 .  ? -3.490  -8.345  10.926  1.00 26.57 ? 2045 HOH A O     1 
HETATM 1260 O  O     . HOH F 5 .  ? -0.363  1.045   11.132  1.00 31.34 ? 2046 HOH A O     1 
HETATM 1261 O  O     . HOH F 5 .  ? 4.737   -3.366  18.561  1.00 41.25 ? 2047 HOH A O     1 
HETATM 1262 O  O     . HOH F 5 .  ? -2.090  -9.312  8.731   1.00 28.72 ? 2048 HOH A O     1 
HETATM 1263 O  O     . HOH F 5 .  ? -10.829 -1.002  8.890   1.00 47.26 ? 2049 HOH A O     1 
HETATM 1264 O  O     . HOH F 5 .  ? -12.370 -0.085  12.540  1.00 43.96 ? 2050 HOH A O     1 
HETATM 1265 O  O     . HOH F 5 .  ? -11.549 -1.872  7.449   1.00 39.00 ? 2051 HOH A O     1 
HETATM 1266 O  O     . HOH F 5 .  ? -5.130  -7.337  5.502   1.00 24.35 ? 2052 HOH A O     1 
HETATM 1267 O  O     . HOH F 5 .  ? -11.102 1.121   14.720  1.00 33.23 ? 2053 HOH A O     1 
HETATM 1268 O  O     . HOH F 5 .  ? -12.540 0.132   -0.076  1.00 37.77 ? 2054 HOH A O     1 
HETATM 1269 O  O     . HOH F 5 .  ? -13.493 2.817   11.749  1.00 45.93 ? 2055 HOH A O     1 
HETATM 1270 O  O     . HOH F 5 .  ? -14.187 4.013   -3.058  1.00 36.75 ? 2056 HOH A O     1 
HETATM 1271 O  O     . HOH F 5 .  ? -11.271 -5.150  0.682   1.00 32.50 ? 2057 HOH A O     1 
HETATM 1272 O  O     . HOH F 5 .  ? -12.407 -7.656  -1.577  1.00 42.03 ? 2058 HOH A O     1 
HETATM 1273 O  O     . HOH F 5 .  ? -7.666  -12.043 0.903   1.00 36.74 ? 2059 HOH A O     1 
HETATM 1274 O  O     . HOH F 5 .  ? -11.522 -9.620  -4.675  1.00 43.74 ? 2060 HOH A O     1 
HETATM 1275 O  O     . HOH F 5 .  ? -3.888  -16.858 -0.166  1.00 40.23 ? 2061 HOH A O     1 
HETATM 1276 O  O     . HOH F 5 .  ? -2.402  -16.716 -3.116  1.00 47.41 ? 2062 HOH A O     1 
HETATM 1277 O  O     . HOH F 5 .  ? -4.613  -14.411 0.766   1.00 36.64 ? 2063 HOH A O     1 
HETATM 1278 O  O     . HOH F 5 .  ? 4.724   -15.636 -0.221  1.00 45.97 ? 2064 HOH A O     1 
HETATM 1279 O  O     . HOH F 5 .  ? 2.702   -13.130 6.692   1.00 39.59 ? 2065 HOH A O     1 
HETATM 1280 O  O     . HOH F 5 .  ? 5.657   -14.716 4.000   1.00 44.11 ? 2066 HOH A O     1 
HETATM 1281 O  O     . HOH F 5 .  ? -11.464 -0.917  -8.437  1.00 39.80 ? 2067 HOH A O     1 
HETATM 1282 O  O     . HOH F 5 .  ? -17.121 6.160   -6.070  1.00 38.38 ? 2068 HOH A O     1 
HETATM 1283 O  O     . HOH F 5 .  ? -15.880 1.073   -6.411  1.00 54.44 ? 2069 HOH A O     1 
HETATM 1284 O  O     . HOH F 5 .  ? -19.149 10.295  -5.648  1.00 40.98 ? 2070 HOH A O     1 
HETATM 1285 O  O     . HOH F 5 .  ? -19.239 11.883  -4.062  1.00 48.61 ? 2071 HOH A O     1 
HETATM 1286 O  O     . HOH F 5 .  ? -18.415 9.290   -0.808  1.00 50.28 ? 2072 HOH A O     1 
HETATM 1287 O  O     . HOH F 5 .  ? -16.315 4.947   -1.494  1.00 48.65 ? 2073 HOH A O     1 
HETATM 1288 O  O     . HOH F 5 .  ? -20.444 6.470   -3.732  1.00 44.44 ? 2074 HOH A O     1 
HETATM 1289 O  O     . HOH F 5 .  ? -19.886 6.990   -1.271  1.00 53.18 ? 2075 HOH A O     1 
HETATM 1290 O  O     . HOH F 5 .  ? -3.568  17.351  6.470   1.00 61.29 ? 2076 HOH A O     1 
HETATM 1291 O  O     . HOH F 5 .  ? -21.177 9.859   -2.152  1.00 43.36 ? 2077 HOH A O     1 
HETATM 1292 O  O     . HOH G 5 .  ? -9.951  -10.839 1.751   1.00 36.02 ? 2001 HOH B O     1 
HETATM 1293 O  O     . HOH G 5 .  ? -3.701  -11.590 15.291  1.00 35.93 ? 2002 HOH B O     1 
HETATM 1294 O  O     . HOH G 5 .  ? -11.548 -7.196  2.547   1.00 29.00 ? 2003 HOH B O     1 
HETATM 1295 O  O     . HOH G 5 .  ? -13.172 -9.299  12.398  1.00 36.97 ? 2004 HOH B O     1 
HETATM 1296 O  O     . HOH G 5 .  ? -13.595 -5.725  4.032   1.00 37.37 ? 2005 HOH B O     1 
HETATM 1297 O  O     . HOH G 5 .  ? -13.944 -2.373  6.455   1.00 46.39 ? 2006 HOH B O     1 
HETATM 1298 O  O     . HOH G 5 .  ? -9.414  -6.449  22.375  1.00 46.48 ? 2007 HOH B O     1 
HETATM 1299 O  O     . HOH G 5 .  ? -11.758 -5.655  22.487  1.00 56.18 ? 2008 HOH B O     1 
HETATM 1300 O  O     . HOH G 5 .  ? -9.510  6.852   20.116  1.00 40.23 ? 2009 HOH B O     1 
HETATM 1301 O  O     . HOH G 5 .  ? -9.436  7.436   17.420  1.00 37.56 ? 2010 HOH B O     1 
HETATM 1302 O  O     . HOH G 5 .  ? 6.518   19.119  15.360  1.00 41.17 ? 2011 HOH B O     1 
HETATM 1303 O  O     . HOH G 5 .  ? 7.745   18.460  21.915  1.00 46.25 ? 2012 HOH B O     1 
HETATM 1304 O  O     . HOH G 5 .  ? 6.535   17.218  23.029  1.00 51.89 ? 2013 HOH B O     1 
HETATM 1305 O  O     . HOH G 5 .  ? -14.791 -1.625  4.875   1.00 48.59 ? 2014 HOH B O     1 
HETATM 1306 O  O     . HOH G 5 .  ? -9.131  9.534   21.223  1.00 34.58 ? 2015 HOH B O     1 
HETATM 1307 O  O     . HOH G 5 .  ? 8.108   20.958  15.176  1.00 41.00 ? 2016 HOH B O     1 
HETATM 1308 O  O     . HOH H 5 .  ? 0.943   -5.640  18.272  1.00 37.36 ? 2001 HOH C O     1 
HETATM 1309 O  O     . HOH H 5 .  ? -13.020 -11.995 13.329  1.00 36.22 ? 2002 HOH C O     1 
HETATM 1310 O  O     . HOH H 5 .  ? -10.152 -16.385 20.152  1.00 42.00 ? 2003 HOH C O     1 
HETATM 1311 O  O     . HOH H 5 .  ? -6.359  -15.403 18.038  1.00 40.19 ? 2004 HOH C O     1 
HETATM 1312 O  O     . HOH H 5 .  ? -4.554  -14.677 15.843  1.00 47.49 ? 2005 HOH C O     1 
HETATM 1313 O  O     . HOH H 5 .  ? -6.172  -17.926 16.110  1.00 35.58 ? 2006 HOH C O     1 
HETATM 1314 O  O     . HOH H 5 .  ? -4.309  -14.552 18.502  1.00 47.90 ? 2007 HOH C O     1 
# 
